data_7QEC
# 
_entry.id   7QEC 
# 
_audit_conform.dict_name       mmcif_pdbx.dic 
_audit_conform.dict_version    5.394 
_audit_conform.dict_location   http://mmcif.pdb.org/dictionaries/ascii/mmcif_pdbx.dic 
# 
loop_
_database_2.database_id 
_database_2.database_code 
_database_2.pdbx_database_accession 
_database_2.pdbx_DOI 
PDB   7QEC         pdb_00007qec 10.2210/pdb7qec/pdb 
WWPDB D_1292119478 ?            ?                   
# 
loop_
_pdbx_audit_revision_history.ordinal 
_pdbx_audit_revision_history.data_content_type 
_pdbx_audit_revision_history.major_revision 
_pdbx_audit_revision_history.minor_revision 
_pdbx_audit_revision_history.revision_date 
1 'Structure model' 1 0 2022-12-14 
2 'Structure model' 1 1 2024-06-19 
# 
_pdbx_audit_revision_details.ordinal             1 
_pdbx_audit_revision_details.revision_ordinal    1 
_pdbx_audit_revision_details.data_content_type   'Structure model' 
_pdbx_audit_revision_details.provider            repository 
_pdbx_audit_revision_details.type                'Initial release' 
_pdbx_audit_revision_details.description         ? 
_pdbx_audit_revision_details.details             ? 
# 
loop_
_pdbx_audit_revision_group.ordinal 
_pdbx_audit_revision_group.revision_ordinal 
_pdbx_audit_revision_group.data_content_type 
_pdbx_audit_revision_group.group 
1 2 'Structure model' 'Data collection'     
2 2 'Structure model' 'Database references' 
# 
loop_
_pdbx_audit_revision_category.ordinal 
_pdbx_audit_revision_category.revision_ordinal 
_pdbx_audit_revision_category.data_content_type 
_pdbx_audit_revision_category.category 
1 2 'Structure model' chem_comp_atom  
2 2 'Structure model' chem_comp_bond  
3 2 'Structure model' citation        
4 2 'Structure model' citation_author 
# 
loop_
_pdbx_audit_revision_item.ordinal 
_pdbx_audit_revision_item.revision_ordinal 
_pdbx_audit_revision_item.data_content_type 
_pdbx_audit_revision_item.item 
1  2 'Structure model' '_citation.country'                 
2  2 'Structure model' '_citation.journal_abbrev'          
3  2 'Structure model' '_citation.journal_id_ASTM'         
4  2 'Structure model' '_citation.journal_id_CSD'          
5  2 'Structure model' '_citation.journal_id_ISSN'         
6  2 'Structure model' '_citation.journal_volume'          
7  2 'Structure model' '_citation.page_first'              
8  2 'Structure model' '_citation.page_last'               
9  2 'Structure model' '_citation.pdbx_database_id_DOI'    
10 2 'Structure model' '_citation.pdbx_database_id_PubMed' 
11 2 'Structure model' '_citation.title'                   
12 2 'Structure model' '_citation.year'                    
# 
_pdbx_database_status.status_code                     REL 
_pdbx_database_status.status_code_sf                  REL 
_pdbx_database_status.status_code_mr                  ? 
_pdbx_database_status.entry_id                        7QEC 
_pdbx_database_status.recvd_initial_deposition_date   2021-12-02 
_pdbx_database_status.SG_entry                        N 
_pdbx_database_status.deposit_site                    PDBE 
_pdbx_database_status.process_site                    PDBE 
_pdbx_database_status.status_code_cs                  ? 
_pdbx_database_status.status_code_nmr_data            ? 
_pdbx_database_status.methods_development_category    ? 
_pdbx_database_status.pdb_format_compatible           Y 
# 
_pdbx_contact_author.id                 3 
_pdbx_contact_author.email              tea.pavkov@uni-graz.at 
_pdbx_contact_author.name_first         Tea 
_pdbx_contact_author.name_last          Pavkov-Keller 
_pdbx_contact_author.name_mi            ? 
_pdbx_contact_author.role               'principal investigator/group leader' 
_pdbx_contact_author.identifier_ORCID   0000-0001-7871-6680 
# 
loop_
_audit_author.name 
_audit_author.pdbx_ordinal 
_audit_author.identifier_ORCID 
'Eder, M.'          1 0000-0002-0580-4564 
'Dordic, A.'        2 ?                   
'Millan, C.'        3 0000-0002-9283-2220 
'Sagmeister, T.'    4 0000-0002-6703-5510 
'Uson, I.'          5 0000-0003-2504-1696 
'Pavkov-Keller, T.' 6 0000-0001-7871-6680 
# 
_citation.abstract                  ? 
_citation.abstract_id_CAS           ? 
_citation.book_id_ISBN              ? 
_citation.book_publisher            ? 
_citation.book_publisher_city       ? 
_citation.book_title                ? 
_citation.coordinate_linkage        ? 
_citation.country                   US 
_citation.database_id_Medline       ? 
_citation.details                   ? 
_citation.id                        primary 
_citation.journal_abbrev            Proc.Natl.Acad.Sci.USA 
_citation.journal_id_ASTM           PNASA6 
_citation.journal_id_CSD            0040 
_citation.journal_id_ISSN           1091-6490 
_citation.journal_full              ? 
_citation.journal_issue             ? 
_citation.journal_volume            121 
_citation.language                  ? 
_citation.page_first                e2401686121 
_citation.page_last                 e2401686121 
_citation.title                     
'The molecular architecture of Lactobacillus S-layer: Assembly and attachment to teichoic acids.' 
_citation.year                      2024 
_citation.database_id_CSD           ? 
_citation.pdbx_database_id_DOI      10.1073/pnas.2401686121 
_citation.pdbx_database_id_PubMed   38838019 
_citation.pdbx_database_id_patent   ? 
_citation.unpublished_flag          ? 
# 
loop_
_citation_author.citation_id 
_citation_author.name 
_citation_author.ordinal 
_citation_author.identifier_ORCID 
primary 'Sagmeister, T.'    1  ?                   
primary 'Gubensak, N.'      2  0000-0002-0415-4299 
primary 'Buhlheller, C.'    3  0000-0001-9358-5316 
primary 'Grininger, C.'     4  0000-0002-1154-4244 
primary 'Eder, M.'          5  0000-0002-0580-4564 
primary '&#208;ordic, A.'   6  ?                   
primary 'Millan, C.'        7  ?                   
primary 'Medina, A.'        8  ?                   
primary 'Murcia, P.A.S.'    9  ?                   
primary 'Berni, F.'         10 ?                   
primary 'Hynonen, U.'       11 ?                   
primary 'Vejzovic, D.'      12 0000-0002-7526-4399 
primary 'Damisch, E.'       13 0000-0003-0833-8412 
primary 'Kulminskaya, N.'   14 ?                   
primary 'Petrowitsch, L.'   15 0009-0001-7304-2231 
primary 'Oberer, M.'        16 ?                   
primary 'Palva, A.'         17 ?                   
primary 'Malanovic, N.'     18 ?                   
primary 'Codee, J.'         19 0000-0003-3531-2138 
primary 'Keller, W.'        20 0000-0002-2261-958X 
primary 'Uson, I.'          21 0000-0003-2504-1696 
primary 'Pavkov-Keller, T.' 22 0000-0001-7871-6680 
# 
loop_
_entity.id 
_entity.type 
_entity.src_method 
_entity.pdbx_description 
_entity.formula_weight 
_entity.pdbx_number_of_molecules 
_entity.pdbx_ec 
_entity.pdbx_mutation 
_entity.pdbx_fragment 
_entity.details 
1 polymer man S-layer 11641.812 1  ? ? ? ? 
2 water   nat water   18.015    45 ? ? ? ? 
# 
_entity_poly.entity_id                      1 
_entity_poly.type                           'polypeptide(L)' 
_entity_poly.nstd_linkage                   no 
_entity_poly.nstd_monomer                   no 
_entity_poly.pdbx_seq_one_letter_code       
;SVSFYEIANGNEVHTGSLNMTANPTSHELNVSAVLAAAKAKYAAHQLENGASNGASVAVTTDVKDLTDQLTKAGIKVDPL
GNFQAQASFSFNLAAKSAQNAATATLPITVSVAN
;
_entity_poly.pdbx_seq_one_letter_code_can   
;SVSFYEIANGNEVHTGSLNMTANPTSHELNVSAVLAAAKAKYAAHQLENGASNGASVAVTTDVKDLTDQLTKAGIKVDPL
GNFQAQASFSFNLAAKSAQNAATATLPITVSVAN
;
_entity_poly.pdbx_strand_id                 A 
_entity_poly.pdbx_target_identifier         ? 
# 
_pdbx_entity_nonpoly.entity_id   2 
_pdbx_entity_nonpoly.name        water 
_pdbx_entity_nonpoly.comp_id     HOH 
# 
loop_
_entity_poly_seq.entity_id 
_entity_poly_seq.num 
_entity_poly_seq.mon_id 
_entity_poly_seq.hetero 
1 1   SER n 
1 2   VAL n 
1 3   SER n 
1 4   PHE n 
1 5   TYR n 
1 6   GLU n 
1 7   ILE n 
1 8   ALA n 
1 9   ASN n 
1 10  GLY n 
1 11  ASN n 
1 12  GLU n 
1 13  VAL n 
1 14  HIS n 
1 15  THR n 
1 16  GLY n 
1 17  SER n 
1 18  LEU n 
1 19  ASN n 
1 20  MET n 
1 21  THR n 
1 22  ALA n 
1 23  ASN n 
1 24  PRO n 
1 25  THR n 
1 26  SER n 
1 27  HIS n 
1 28  GLU n 
1 29  LEU n 
1 30  ASN n 
1 31  VAL n 
1 32  SER n 
1 33  ALA n 
1 34  VAL n 
1 35  LEU n 
1 36  ALA n 
1 37  ALA n 
1 38  ALA n 
1 39  LYS n 
1 40  ALA n 
1 41  LYS n 
1 42  TYR n 
1 43  ALA n 
1 44  ALA n 
1 45  HIS n 
1 46  GLN n 
1 47  LEU n 
1 48  GLU n 
1 49  ASN n 
1 50  GLY n 
1 51  ALA n 
1 52  SER n 
1 53  ASN n 
1 54  GLY n 
1 55  ALA n 
1 56  SER n 
1 57  VAL n 
1 58  ALA n 
1 59  VAL n 
1 60  THR n 
1 61  THR n 
1 62  ASP n 
1 63  VAL n 
1 64  LYS n 
1 65  ASP n 
1 66  LEU n 
1 67  THR n 
1 68  ASP n 
1 69  GLN n 
1 70  LEU n 
1 71  THR n 
1 72  LYS n 
1 73  ALA n 
1 74  GLY n 
1 75  ILE n 
1 76  LYS n 
1 77  VAL n 
1 78  ASP n 
1 79  PRO n 
1 80  LEU n 
1 81  GLY n 
1 82  ASN n 
1 83  PHE n 
1 84  GLN n 
1 85  ALA n 
1 86  GLN n 
1 87  ALA n 
1 88  SER n 
1 89  PHE n 
1 90  SER n 
1 91  PHE n 
1 92  ASN n 
1 93  LEU n 
1 94  ALA n 
1 95  ALA n 
1 96  LYS n 
1 97  SER n 
1 98  ALA n 
1 99  GLN n 
1 100 ASN n 
1 101 ALA n 
1 102 ALA n 
1 103 THR n 
1 104 ALA n 
1 105 THR n 
1 106 LEU n 
1 107 PRO n 
1 108 ILE n 
1 109 THR n 
1 110 VAL n 
1 111 SER n 
1 112 VAL n 
1 113 ALA n 
1 114 ASN n 
# 
_entity_src_gen.entity_id                          1 
_entity_src_gen.pdbx_src_id                        1 
_entity_src_gen.pdbx_alt_source_flag               sample 
_entity_src_gen.pdbx_seq_type                      'Biological sequence' 
_entity_src_gen.pdbx_beg_seq_num                   1 
_entity_src_gen.pdbx_end_seq_num                   114 
_entity_src_gen.gene_src_common_name               ? 
_entity_src_gen.gene_src_genus                     ? 
_entity_src_gen.pdbx_gene_src_gene                 LA2_00970 
_entity_src_gen.gene_src_species                   ? 
_entity_src_gen.gene_src_strain                    'GRL 1112' 
_entity_src_gen.gene_src_tissue                    ? 
_entity_src_gen.gene_src_tissue_fraction           ? 
_entity_src_gen.gene_src_details                   ? 
_entity_src_gen.pdbx_gene_src_fragment             ? 
_entity_src_gen.pdbx_gene_src_scientific_name      'Lactobacillus amylovorus (strain GRL 1112)' 
_entity_src_gen.pdbx_gene_src_ncbi_taxonomy_id     695560 
_entity_src_gen.pdbx_gene_src_variant              ? 
_entity_src_gen.pdbx_gene_src_cell_line            ? 
_entity_src_gen.pdbx_gene_src_atcc                 ? 
_entity_src_gen.pdbx_gene_src_organ                ? 
_entity_src_gen.pdbx_gene_src_organelle            ? 
_entity_src_gen.pdbx_gene_src_cell                 ? 
_entity_src_gen.pdbx_gene_src_cellular_location    ? 
_entity_src_gen.host_org_common_name               ? 
_entity_src_gen.pdbx_host_org_scientific_name      'Escherichia coli' 
_entity_src_gen.pdbx_host_org_ncbi_taxonomy_id     562 
_entity_src_gen.host_org_genus                     ? 
_entity_src_gen.pdbx_host_org_gene                 ? 
_entity_src_gen.pdbx_host_org_organ                ? 
_entity_src_gen.host_org_species                   ? 
_entity_src_gen.pdbx_host_org_tissue               ? 
_entity_src_gen.pdbx_host_org_tissue_fraction      ? 
_entity_src_gen.pdbx_host_org_strain               ? 
_entity_src_gen.pdbx_host_org_variant              ? 
_entity_src_gen.pdbx_host_org_cell_line            ? 
_entity_src_gen.pdbx_host_org_atcc                 ? 
_entity_src_gen.pdbx_host_org_culture_collection   ? 
_entity_src_gen.pdbx_host_org_cell                 ? 
_entity_src_gen.pdbx_host_org_organelle            ? 
_entity_src_gen.pdbx_host_org_cellular_location    ? 
_entity_src_gen.pdbx_host_org_vector_type          ? 
_entity_src_gen.pdbx_host_org_vector               ? 
_entity_src_gen.host_org_details                   ? 
_entity_src_gen.expression_system_id               ? 
_entity_src_gen.plasmid_name                       ? 
_entity_src_gen.plasmid_details                    ? 
_entity_src_gen.pdbx_description                   ? 
# 
loop_
_chem_comp.id 
_chem_comp.type 
_chem_comp.mon_nstd_flag 
_chem_comp.name 
_chem_comp.pdbx_synonyms 
_chem_comp.formula 
_chem_comp.formula_weight 
ALA 'L-peptide linking' y ALANINE         ? 'C3 H7 N O2'     89.093  
ASN 'L-peptide linking' y ASPARAGINE      ? 'C4 H8 N2 O3'    132.118 
ASP 'L-peptide linking' y 'ASPARTIC ACID' ? 'C4 H7 N O4'     133.103 
GLN 'L-peptide linking' y GLUTAMINE       ? 'C5 H10 N2 O3'   146.144 
GLU 'L-peptide linking' y 'GLUTAMIC ACID' ? 'C5 H9 N O4'     147.129 
GLY 'peptide linking'   y GLYCINE         ? 'C2 H5 N O2'     75.067  
HIS 'L-peptide linking' y HISTIDINE       ? 'C6 H10 N3 O2 1' 156.162 
HOH non-polymer         . WATER           ? 'H2 O'           18.015  
ILE 'L-peptide linking' y ISOLEUCINE      ? 'C6 H13 N O2'    131.173 
LEU 'L-peptide linking' y LEUCINE         ? 'C6 H13 N O2'    131.173 
LYS 'L-peptide linking' y LYSINE          ? 'C6 H15 N2 O2 1' 147.195 
MET 'L-peptide linking' y METHIONINE      ? 'C5 H11 N O2 S'  149.211 
PHE 'L-peptide linking' y PHENYLALANINE   ? 'C9 H11 N O2'    165.189 
PRO 'L-peptide linking' y PROLINE         ? 'C5 H9 N O2'     115.130 
SER 'L-peptide linking' y SERINE          ? 'C3 H7 N O3'     105.093 
THR 'L-peptide linking' y THREONINE       ? 'C4 H9 N O3'     119.119 
TYR 'L-peptide linking' y TYROSINE        ? 'C9 H11 N O3'    181.189 
VAL 'L-peptide linking' y VALINE          ? 'C5 H11 N O2'    117.146 
# 
loop_
_pdbx_poly_seq_scheme.asym_id 
_pdbx_poly_seq_scheme.entity_id 
_pdbx_poly_seq_scheme.seq_id 
_pdbx_poly_seq_scheme.mon_id 
_pdbx_poly_seq_scheme.ndb_seq_num 
_pdbx_poly_seq_scheme.pdb_seq_num 
_pdbx_poly_seq_scheme.auth_seq_num 
_pdbx_poly_seq_scheme.pdb_mon_id 
_pdbx_poly_seq_scheme.auth_mon_id 
_pdbx_poly_seq_scheme.pdb_strand_id 
_pdbx_poly_seq_scheme.pdb_ins_code 
_pdbx_poly_seq_scheme.hetero 
A 1 1   SER 1   213 213 SER SER A . n 
A 1 2   VAL 2   214 214 VAL VAL A . n 
A 1 3   SER 3   215 215 SER SER A . n 
A 1 4   PHE 4   216 216 PHE PHE A . n 
A 1 5   TYR 5   217 217 TYR TYR A . n 
A 1 6   GLU 6   218 218 GLU GLU A . n 
A 1 7   ILE 7   219 219 ILE ILE A . n 
A 1 8   ALA 8   220 220 ALA ALA A . n 
A 1 9   ASN 9   221 221 ASN ASN A . n 
A 1 10  GLY 10  222 222 GLY GLY A . n 
A 1 11  ASN 11  223 223 ASN ASN A . n 
A 1 12  GLU 12  224 224 GLU GLU A . n 
A 1 13  VAL 13  225 225 VAL VAL A . n 
A 1 14  HIS 14  226 226 HIS HIS A . n 
A 1 15  THR 15  227 227 THR THR A . n 
A 1 16  GLY 16  228 228 GLY GLY A . n 
A 1 17  SER 17  229 229 SER SER A . n 
A 1 18  LEU 18  230 230 LEU LEU A . n 
A 1 19  ASN 19  231 231 ASN ASN A . n 
A 1 20  MET 20  232 232 MET MET A . n 
A 1 21  THR 21  233 233 THR THR A . n 
A 1 22  ALA 22  234 234 ALA ALA A . n 
A 1 23  ASN 23  235 235 ASN ASN A . n 
A 1 24  PRO 24  236 236 PRO PRO A . n 
A 1 25  THR 25  237 237 THR THR A . n 
A 1 26  SER 26  238 238 SER SER A . n 
A 1 27  HIS 27  239 239 HIS HIS A . n 
A 1 28  GLU 28  240 240 GLU GLU A . n 
A 1 29  LEU 29  241 241 LEU LEU A . n 
A 1 30  ASN 30  242 242 ASN ASN A . n 
A 1 31  VAL 31  243 243 VAL VAL A . n 
A 1 32  SER 32  244 244 SER SER A . n 
A 1 33  ALA 33  245 245 ALA ALA A . n 
A 1 34  VAL 34  246 246 VAL VAL A . n 
A 1 35  LEU 35  247 247 LEU LEU A . n 
A 1 36  ALA 36  248 248 ALA ALA A . n 
A 1 37  ALA 37  249 249 ALA ALA A . n 
A 1 38  ALA 38  250 250 ALA ALA A . n 
A 1 39  LYS 39  251 251 LYS LYS A . n 
A 1 40  ALA 40  252 252 ALA ALA A . n 
A 1 41  LYS 41  253 253 LYS LYS A . n 
A 1 42  TYR 42  254 254 TYR TYR A . n 
A 1 43  ALA 43  255 255 ALA ALA A . n 
A 1 44  ALA 44  256 256 ALA ALA A . n 
A 1 45  HIS 45  257 257 HIS HIS A . n 
A 1 46  GLN 46  258 258 GLN GLN A . n 
A 1 47  LEU 47  259 259 LEU LEU A . n 
A 1 48  GLU 48  260 260 GLU GLU A . n 
A 1 49  ASN 49  261 ?   ?   ?   A . n 
A 1 50  GLY 50  262 ?   ?   ?   A . n 
A 1 51  ALA 51  263 ?   ?   ?   A . n 
A 1 52  SER 52  264 ?   ?   ?   A . n 
A 1 53  ASN 53  265 265 ASN ASN A . n 
A 1 54  GLY 54  266 266 GLY GLY A . n 
A 1 55  ALA 55  267 267 ALA ALA A . n 
A 1 56  SER 56  268 268 SER SER A . n 
A 1 57  VAL 57  269 269 VAL VAL A . n 
A 1 58  ALA 58  270 270 ALA ALA A . n 
A 1 59  VAL 59  271 271 VAL VAL A . n 
A 1 60  THR 60  272 272 THR THR A . n 
A 1 61  THR 61  273 273 THR THR A . n 
A 1 62  ASP 62  274 274 ASP ASP A . n 
A 1 63  VAL 63  275 275 VAL VAL A . n 
A 1 64  LYS 64  276 276 LYS LYS A . n 
A 1 65  ASP 65  277 277 ASP ASP A . n 
A 1 66  LEU 66  278 278 LEU LEU A . n 
A 1 67  THR 67  279 279 THR THR A . n 
A 1 68  ASP 68  280 280 ASP ASP A . n 
A 1 69  GLN 69  281 281 GLN GLN A . n 
A 1 70  LEU 70  282 282 LEU LEU A . n 
A 1 71  THR 71  283 283 THR THR A . n 
A 1 72  LYS 72  284 284 LYS LYS A . n 
A 1 73  ALA 73  285 285 ALA ALA A . n 
A 1 74  GLY 74  286 286 GLY GLY A . n 
A 1 75  ILE 75  287 287 ILE ILE A . n 
A 1 76  LYS 76  288 288 LYS LYS A . n 
A 1 77  VAL 77  289 289 VAL VAL A . n 
A 1 78  ASP 78  290 290 ASP ASP A . n 
A 1 79  PRO 79  291 291 PRO PRO A . n 
A 1 80  LEU 80  292 292 LEU LEU A . n 
A 1 81  GLY 81  293 293 GLY GLY A . n 
A 1 82  ASN 82  294 294 ASN ASN A . n 
A 1 83  PHE 83  295 295 PHE PHE A . n 
A 1 84  GLN 84  296 296 GLN GLN A . n 
A 1 85  ALA 85  297 297 ALA ALA A . n 
A 1 86  GLN 86  298 298 GLN GLN A . n 
A 1 87  ALA 87  299 299 ALA ALA A . n 
A 1 88  SER 88  300 300 SER SER A . n 
A 1 89  PHE 89  301 301 PHE PHE A . n 
A 1 90  SER 90  302 302 SER SER A . n 
A 1 91  PHE 91  303 303 PHE PHE A . n 
A 1 92  ASN 92  304 304 ASN ASN A . n 
A 1 93  LEU 93  305 305 LEU LEU A . n 
A 1 94  ALA 94  306 306 ALA ALA A . n 
A 1 95  ALA 95  307 307 ALA ALA A . n 
A 1 96  LYS 96  308 308 LYS LYS A . n 
A 1 97  SER 97  309 309 SER SER A . n 
A 1 98  ALA 98  310 ?   ?   ?   A . n 
A 1 99  GLN 99  311 ?   ?   ?   A . n 
A 1 100 ASN 100 312 ?   ?   ?   A . n 
A 1 101 ALA 101 313 ?   ?   ?   A . n 
A 1 102 ALA 102 314 314 ALA ALA A . n 
A 1 103 THR 103 315 315 THR THR A . n 
A 1 104 ALA 104 316 316 ALA ALA A . n 
A 1 105 THR 105 317 317 THR THR A . n 
A 1 106 LEU 106 318 318 LEU LEU A . n 
A 1 107 PRO 107 319 319 PRO PRO A . n 
A 1 108 ILE 108 320 320 ILE ILE A . n 
A 1 109 THR 109 321 321 THR THR A . n 
A 1 110 VAL 110 322 322 VAL VAL A . n 
A 1 111 SER 111 323 323 SER SER A . n 
A 1 112 VAL 112 324 324 VAL VAL A . n 
A 1 113 ALA 113 325 325 ALA ALA A . n 
A 1 114 ASN 114 326 326 ASN ASN A . n 
# 
loop_
_pdbx_nonpoly_scheme.asym_id 
_pdbx_nonpoly_scheme.entity_id 
_pdbx_nonpoly_scheme.mon_id 
_pdbx_nonpoly_scheme.ndb_seq_num 
_pdbx_nonpoly_scheme.pdb_seq_num 
_pdbx_nonpoly_scheme.auth_seq_num 
_pdbx_nonpoly_scheme.pdb_mon_id 
_pdbx_nonpoly_scheme.auth_mon_id 
_pdbx_nonpoly_scheme.pdb_strand_id 
_pdbx_nonpoly_scheme.pdb_ins_code 
B 2 HOH 1  401 32 HOH HOH A . 
B 2 HOH 2  402 35 HOH HOH A . 
B 2 HOH 3  403 41 HOH HOH A . 
B 2 HOH 4  404 20 HOH HOH A . 
B 2 HOH 5  405 19 HOH HOH A . 
B 2 HOH 6  406 33 HOH HOH A . 
B 2 HOH 7  407 6  HOH HOH A . 
B 2 HOH 8  408 42 HOH HOH A . 
B 2 HOH 9  409 36 HOH HOH A . 
B 2 HOH 10 410 2  HOH HOH A . 
B 2 HOH 11 411 39 HOH HOH A . 
B 2 HOH 12 412 40 HOH HOH A . 
B 2 HOH 13 413 10 HOH HOH A . 
B 2 HOH 14 414 26 HOH HOH A . 
B 2 HOH 15 415 28 HOH HOH A . 
B 2 HOH 16 416 37 HOH HOH A . 
B 2 HOH 17 417 13 HOH HOH A . 
B 2 HOH 18 418 8  HOH HOH A . 
B 2 HOH 19 419 45 HOH HOH A . 
B 2 HOH 20 420 11 HOH HOH A . 
B 2 HOH 21 421 25 HOH HOH A . 
B 2 HOH 22 422 12 HOH HOH A . 
B 2 HOH 23 423 4  HOH HOH A . 
B 2 HOH 24 424 9  HOH HOH A . 
B 2 HOH 25 425 47 HOH HOH A . 
B 2 HOH 26 426 44 HOH HOH A . 
B 2 HOH 27 427 18 HOH HOH A . 
B 2 HOH 28 428 14 HOH HOH A . 
B 2 HOH 29 429 46 HOH HOH A . 
B 2 HOH 30 430 24 HOH HOH A . 
B 2 HOH 31 431 5  HOH HOH A . 
B 2 HOH 32 432 34 HOH HOH A . 
B 2 HOH 33 433 3  HOH HOH A . 
B 2 HOH 34 434 1  HOH HOH A . 
B 2 HOH 35 435 7  HOH HOH A . 
B 2 HOH 36 436 38 HOH HOH A . 
B 2 HOH 37 437 31 HOH HOH A . 
B 2 HOH 38 438 15 HOH HOH A . 
B 2 HOH 39 439 21 HOH HOH A . 
B 2 HOH 40 440 27 HOH HOH A . 
B 2 HOH 41 441 43 HOH HOH A . 
B 2 HOH 42 442 22 HOH HOH A . 
B 2 HOH 43 443 16 HOH HOH A . 
B 2 HOH 44 444 30 HOH HOH A . 
B 2 HOH 45 445 17 HOH HOH A . 
# 
loop_
_software.citation_id 
_software.classification 
_software.compiler_name 
_software.compiler_version 
_software.contact_author 
_software.contact_author_email 
_software.date 
_software.description 
_software.dependencies 
_software.hardware 
_software.language 
_software.location 
_software.mods 
_software.name 
_software.os 
_software.os_version 
_software.type 
_software.version 
_software.pdbx_ordinal 
? refinement       ? ? ? ? ? ? ? ? ? ? ? PHENIX     ? ? ? 1.16_3549 1 
? 'data reduction' ? ? ? ? ? ? ? ? ? ? ? XDS        ? ? ? .         2 
? phasing          ? ? ? ? ? ? ? ? ? ? ? Arcimboldo ? ? ? .         3 
? 'model building' ? ? ? ? ? ? ? ? ? ? ? ARP/wARP   ? ? ? .         4 
? 'model building' ? ? ? ? ? ? ? ? ? ? ? Coot       ? ? ? .         5 
# 
_cell.angle_alpha                  90.000 
_cell.angle_alpha_esd              ? 
_cell.angle_beta                   90.000 
_cell.angle_beta_esd               ? 
_cell.angle_gamma                  90.000 
_cell.angle_gamma_esd              ? 
_cell.entry_id                     7QEC 
_cell.details                      ? 
_cell.formula_units_Z              ? 
_cell.length_a                     38.633 
_cell.length_a_esd                 ? 
_cell.length_b                     38.633 
_cell.length_b_esd                 ? 
_cell.length_c                     142.441 
_cell.length_c_esd                 ? 
_cell.volume                       212594.430 
_cell.volume_esd                   ? 
_cell.Z_PDB                        8 
_cell.reciprocal_angle_alpha       ? 
_cell.reciprocal_angle_beta        ? 
_cell.reciprocal_angle_gamma       ? 
_cell.reciprocal_angle_alpha_esd   ? 
_cell.reciprocal_angle_beta_esd    ? 
_cell.reciprocal_angle_gamma_esd   ? 
_cell.reciprocal_length_a          ? 
_cell.reciprocal_length_b          ? 
_cell.reciprocal_length_c          ? 
_cell.reciprocal_length_a_esd      ? 
_cell.reciprocal_length_b_esd      ? 
_cell.reciprocal_length_c_esd      ? 
_cell.pdbx_unique_axis             ? 
# 
_symmetry.entry_id                         7QEC 
_symmetry.cell_setting                     ? 
_symmetry.Int_Tables_number                92 
_symmetry.space_group_name_Hall            'P 4abw 2nw' 
_symmetry.space_group_name_H-M             'P 41 21 2' 
_symmetry.pdbx_full_space_group_name_H-M   ? 
# 
_exptl.absorpt_coefficient_mu     ? 
_exptl.absorpt_correction_T_max   ? 
_exptl.absorpt_correction_T_min   ? 
_exptl.absorpt_correction_type    ? 
_exptl.absorpt_process_details    ? 
_exptl.entry_id                   7QEC 
_exptl.crystals_number            1 
_exptl.details                    ? 
_exptl.method                     'X-RAY DIFFRACTION' 
_exptl.method_details             ? 
# 
_exptl_crystal.colour                      ? 
_exptl_crystal.density_diffrn              ? 
_exptl_crystal.density_Matthews            2.28 
_exptl_crystal.density_method              ? 
_exptl_crystal.density_percent_sol         46.12 
_exptl_crystal.description                 ? 
_exptl_crystal.F_000                       ? 
_exptl_crystal.id                          1 
_exptl_crystal.preparation                 ? 
_exptl_crystal.size_max                    ? 
_exptl_crystal.size_mid                    ? 
_exptl_crystal.size_min                    ? 
_exptl_crystal.size_rad                    ? 
_exptl_crystal.colour_lustre               ? 
_exptl_crystal.colour_modifier             ? 
_exptl_crystal.colour_primary              ? 
_exptl_crystal.density_meas                ? 
_exptl_crystal.density_meas_esd            ? 
_exptl_crystal.density_meas_gt             ? 
_exptl_crystal.density_meas_lt             ? 
_exptl_crystal.density_meas_temp           ? 
_exptl_crystal.density_meas_temp_esd       ? 
_exptl_crystal.density_meas_temp_gt        ? 
_exptl_crystal.density_meas_temp_lt        ? 
_exptl_crystal.pdbx_crystal_image_url      ? 
_exptl_crystal.pdbx_crystal_image_format   ? 
_exptl_crystal.pdbx_mosaicity              ? 
_exptl_crystal.pdbx_mosaicity_esd          ? 
# 
_exptl_crystal_grow.apparatus       ? 
_exptl_crystal_grow.atmosphere      ? 
_exptl_crystal_grow.crystal_id      1 
_exptl_crystal_grow.details         ? 
_exptl_crystal_grow.method          'VAPOR DIFFUSION, SITTING DROP' 
_exptl_crystal_grow.method_ref      ? 
_exptl_crystal_grow.pH              ? 
_exptl_crystal_grow.pressure        ? 
_exptl_crystal_grow.pressure_esd    ? 
_exptl_crystal_grow.seeding         ? 
_exptl_crystal_grow.seeding_ref     ? 
_exptl_crystal_grow.temp            293 
_exptl_crystal_grow.temp_details    ? 
_exptl_crystal_grow.temp_esd        ? 
_exptl_crystal_grow.time            ? 
_exptl_crystal_grow.pdbx_details    
;Morpheus screen condition #1-24 (30 mM of each halogen (sodium fluoride, sodium bromide and sodium iodide), 0.1 M Bicine/Trizma base pH 8.5 with 12.5% v/v MPD, 12.5 % PEG 1000 and 12.5 % w/v PEG 3350). Protein stock solution of 4.18 mg/mL in 10 mM Hepes pH 7 and 50 mM NaCl. Drops: 0.5 + 0.5uL
;
_exptl_crystal_grow.pdbx_pH_range   ? 
# 
_diffrn.ambient_environment              ? 
_diffrn.ambient_temp                     100 
_diffrn.ambient_temp_details             ? 
_diffrn.ambient_temp_esd                 ? 
_diffrn.crystal_id                       1 
_diffrn.crystal_support                  ? 
_diffrn.crystal_treatment                ? 
_diffrn.details                          ? 
_diffrn.id                               1 
_diffrn.ambient_pressure                 ? 
_diffrn.ambient_pressure_esd             ? 
_diffrn.ambient_pressure_gt              ? 
_diffrn.ambient_pressure_lt              ? 
_diffrn.ambient_temp_gt                  ? 
_diffrn.ambient_temp_lt                  ? 
_diffrn.pdbx_serial_crystal_experiment   N 
# 
_diffrn_detector.details                      ? 
_diffrn_detector.detector                     CCD 
_diffrn_detector.diffrn_id                    1 
_diffrn_detector.type                         'MARMOSAIC 225 mm CCD' 
_diffrn_detector.area_resol_mean              ? 
_diffrn_detector.dtime                        ? 
_diffrn_detector.pdbx_frames_total            ? 
_diffrn_detector.pdbx_collection_time_total   ? 
_diffrn_detector.pdbx_collection_date         2012-08-12 
_diffrn_detector.pdbx_frequency               ? 
# 
_diffrn_radiation.collimation                      ? 
_diffrn_radiation.diffrn_id                        1 
_diffrn_radiation.filter_edge                      ? 
_diffrn_radiation.inhomogeneity                    ? 
_diffrn_radiation.monochromator                    ? 
_diffrn_radiation.polarisn_norm                    ? 
_diffrn_radiation.polarisn_ratio                   ? 
_diffrn_radiation.probe                            ? 
_diffrn_radiation.type                             ? 
_diffrn_radiation.xray_symbol                      ? 
_diffrn_radiation.wavelength_id                    1 
_diffrn_radiation.pdbx_monochromatic_or_laue_m_l   M 
_diffrn_radiation.pdbx_wavelength_list             ? 
_diffrn_radiation.pdbx_wavelength                  ? 
_diffrn_radiation.pdbx_diffrn_protocol             'SINGLE WAVELENGTH' 
_diffrn_radiation.pdbx_analyzer                    ? 
_diffrn_radiation.pdbx_scattering_type             x-ray 
# 
_diffrn_radiation_wavelength.id           1 
_diffrn_radiation_wavelength.wavelength   0.9999 
_diffrn_radiation_wavelength.wt           1.0 
# 
_diffrn_source.current                     ? 
_diffrn_source.details                     ? 
_diffrn_source.diffrn_id                   1 
_diffrn_source.power                       ? 
_diffrn_source.size                        ? 
_diffrn_source.source                      SYNCHROTRON 
_diffrn_source.target                      ? 
_diffrn_source.type                        'SLS BEAMLINE X06SA' 
_diffrn_source.voltage                     ? 
_diffrn_source.take-off_angle              ? 
_diffrn_source.pdbx_wavelength_list        0.9999 
_diffrn_source.pdbx_wavelength             ? 
_diffrn_source.pdbx_synchrotron_beamline   X06SA 
_diffrn_source.pdbx_synchrotron_site       SLS 
# 
_reflns.B_iso_Wilson_estimate                          33.14 
_reflns.entry_id                                       7QEC 
_reflns.data_reduction_details                         ? 
_reflns.data_reduction_method                          ? 
_reflns.d_resolution_high                              1.95 
_reflns.d_resolution_low                               35.61 
_reflns.details                                        ? 
_reflns.limit_h_max                                    ? 
_reflns.limit_h_min                                    ? 
_reflns.limit_k_max                                    ? 
_reflns.limit_k_min                                    ? 
_reflns.limit_l_max                                    ? 
_reflns.limit_l_min                                    ? 
_reflns.number_all                                     ? 
_reflns.number_obs                                     14655 
_reflns.observed_criterion                             ? 
_reflns.observed_criterion_F_max                       ? 
_reflns.observed_criterion_F_min                       ? 
_reflns.observed_criterion_I_max                       ? 
_reflns.observed_criterion_I_min                       ? 
_reflns.observed_criterion_sigma_F                     ? 
_reflns.observed_criterion_sigma_I                     ? 
_reflns.percent_possible_obs                           98.13 
_reflns.R_free_details                                 ? 
_reflns.Rmerge_F_all                                   ? 
_reflns.Rmerge_F_obs                                   ? 
_reflns.Friedel_coverage                               ? 
_reflns.number_gt                                      ? 
_reflns.threshold_expression                           ? 
_reflns.pdbx_redundancy                                18.9 
_reflns.pdbx_Rmerge_I_obs                              0.114 
_reflns.pdbx_Rmerge_I_all                              ? 
_reflns.pdbx_Rsym_value                                ? 
_reflns.pdbx_netI_over_av_sigmaI                       ? 
_reflns.pdbx_netI_over_sigmaI                          17.79 
_reflns.pdbx_res_netI_over_av_sigmaI_2                 ? 
_reflns.pdbx_res_netI_over_sigmaI_2                    ? 
_reflns.pdbx_chi_squared                               ? 
_reflns.pdbx_scaling_rejects                           ? 
_reflns.pdbx_d_res_high_opt                            ? 
_reflns.pdbx_d_res_low_opt                             ? 
_reflns.pdbx_d_res_opt_method                          ? 
_reflns.phase_calculation_details                      ? 
_reflns.pdbx_Rrim_I_all                                0.118 
_reflns.pdbx_Rpim_I_all                                0.026 
_reflns.pdbx_d_opt                                     ? 
_reflns.pdbx_number_measured_all                       ? 
_reflns.pdbx_diffrn_id                                 1 
_reflns.pdbx_ordinal                                   1 
_reflns.pdbx_CC_half                                   0.999 
_reflns.pdbx_CC_star                                   ? 
_reflns.pdbx_R_split                                   ? 
_reflns.pdbx_aniso_diffraction_limit_axis_1_ortho[1]   ? 
_reflns.pdbx_aniso_diffraction_limit_axis_1_ortho[2]   ? 
_reflns.pdbx_aniso_diffraction_limit_axis_1_ortho[3]   ? 
_reflns.pdbx_aniso_diffraction_limit_axis_2_ortho[1]   ? 
_reflns.pdbx_aniso_diffraction_limit_axis_2_ortho[2]   ? 
_reflns.pdbx_aniso_diffraction_limit_axis_2_ortho[3]   ? 
_reflns.pdbx_aniso_diffraction_limit_axis_3_ortho[1]   ? 
_reflns.pdbx_aniso_diffraction_limit_axis_3_ortho[2]   ? 
_reflns.pdbx_aniso_diffraction_limit_axis_3_ortho[3]   ? 
_reflns.pdbx_aniso_diffraction_limit_1                 ? 
_reflns.pdbx_aniso_diffraction_limit_2                 ? 
_reflns.pdbx_aniso_diffraction_limit_3                 ? 
_reflns.pdbx_aniso_B_tensor_eigenvector_1_ortho[1]     ? 
_reflns.pdbx_aniso_B_tensor_eigenvector_1_ortho[2]     ? 
_reflns.pdbx_aniso_B_tensor_eigenvector_1_ortho[3]     ? 
_reflns.pdbx_aniso_B_tensor_eigenvector_2_ortho[1]     ? 
_reflns.pdbx_aniso_B_tensor_eigenvector_2_ortho[2]     ? 
_reflns.pdbx_aniso_B_tensor_eigenvector_2_ortho[3]     ? 
_reflns.pdbx_aniso_B_tensor_eigenvector_3_ortho[1]     ? 
_reflns.pdbx_aniso_B_tensor_eigenvector_3_ortho[2]     ? 
_reflns.pdbx_aniso_B_tensor_eigenvector_3_ortho[3]     ? 
_reflns.pdbx_aniso_B_tensor_eigenvalue_1               ? 
_reflns.pdbx_aniso_B_tensor_eigenvalue_2               ? 
_reflns.pdbx_aniso_B_tensor_eigenvalue_3               ? 
_reflns.pdbx_orthogonalization_convention              ? 
_reflns.pdbx_percent_possible_ellipsoidal              ? 
_reflns.pdbx_percent_possible_spherical                ? 
_reflns.pdbx_percent_possible_ellipsoidal_anomalous    ? 
_reflns.pdbx_percent_possible_spherical_anomalous      ? 
_reflns.pdbx_redundancy_anomalous                      ? 
_reflns.pdbx_CC_half_anomalous                         ? 
_reflns.pdbx_absDiff_over_sigma_anomalous              ? 
_reflns.pdbx_percent_possible_anomalous                ? 
_reflns.pdbx_observed_signal_threshold                 ? 
_reflns.pdbx_signal_type                               ? 
_reflns.pdbx_signal_details                            ? 
_reflns.pdbx_signal_software_id                        ? 
# 
_reflns_shell.d_res_high                                    1.951 
_reflns_shell.d_res_low                                     2.021 
_reflns_shell.meanI_over_sigI_all                           ? 
_reflns_shell.meanI_over_sigI_obs                           ? 
_reflns_shell.number_measured_all                           ? 
_reflns_shell.number_measured_obs                           ? 
_reflns_shell.number_possible                               ? 
_reflns_shell.number_unique_all                             ? 
_reflns_shell.number_unique_obs                             682 
_reflns_shell.percent_possible_all                          ? 
_reflns_shell.percent_possible_obs                          ? 
_reflns_shell.Rmerge_F_all                                  ? 
_reflns_shell.Rmerge_F_obs                                  ? 
_reflns_shell.Rmerge_I_all                                  ? 
_reflns_shell.Rmerge_I_obs                                  0.9 
_reflns_shell.meanI_over_sigI_gt                            ? 
_reflns_shell.meanI_over_uI_all                             ? 
_reflns_shell.meanI_over_uI_gt                              ? 
_reflns_shell.number_measured_gt                            ? 
_reflns_shell.number_unique_gt                              ? 
_reflns_shell.percent_possible_gt                           ? 
_reflns_shell.Rmerge_F_gt                                   ? 
_reflns_shell.Rmerge_I_gt                                   ? 
_reflns_shell.pdbx_redundancy                               ? 
_reflns_shell.pdbx_Rsym_value                               ? 
_reflns_shell.pdbx_chi_squared                              ? 
_reflns_shell.pdbx_netI_over_sigmaI_all                     ? 
_reflns_shell.pdbx_netI_over_sigmaI_obs                     ? 
_reflns_shell.pdbx_Rrim_I_all                               ? 
_reflns_shell.pdbx_Rpim_I_all                               0.244 
_reflns_shell.pdbx_rejects                                  ? 
_reflns_shell.pdbx_ordinal                                  1 
_reflns_shell.pdbx_diffrn_id                                1 
_reflns_shell.pdbx_CC_half                                  0.759 
_reflns_shell.pdbx_CC_star                                  ? 
_reflns_shell.pdbx_R_split                                  ? 
_reflns_shell.pdbx_percent_possible_ellipsoidal             ? 
_reflns_shell.pdbx_percent_possible_spherical               ? 
_reflns_shell.pdbx_percent_possible_ellipsoidal_anomalous   ? 
_reflns_shell.pdbx_percent_possible_spherical_anomalous     ? 
_reflns_shell.pdbx_redundancy_anomalous                     ? 
_reflns_shell.pdbx_CC_half_anomalous                        ? 
_reflns_shell.pdbx_absDiff_over_sigma_anomalous             ? 
_reflns_shell.pdbx_percent_possible_anomalous               ? 
# 
_refine.aniso_B[1][1]                            ? 
_refine.aniso_B[1][2]                            ? 
_refine.aniso_B[1][3]                            ? 
_refine.aniso_B[2][2]                            ? 
_refine.aniso_B[2][3]                            ? 
_refine.aniso_B[3][3]                            ? 
_refine.B_iso_max                                ? 
_refine.B_iso_mean                               37.76 
_refine.B_iso_min                                ? 
_refine.correlation_coeff_Fo_to_Fc               ? 
_refine.correlation_coeff_Fo_to_Fc_free          ? 
_refine.details                                  ? 
_refine.diff_density_max                         ? 
_refine.diff_density_max_esd                     ? 
_refine.diff_density_min                         ? 
_refine.diff_density_min_esd                     ? 
_refine.diff_density_rms                         ? 
_refine.diff_density_rms_esd                     ? 
_refine.entry_id                                 7QEC 
_refine.pdbx_refine_id                           'X-RAY DIFFRACTION' 
_refine.ls_abs_structure_details                 ? 
_refine.ls_abs_structure_Flack                   ? 
_refine.ls_abs_structure_Flack_esd               ? 
_refine.ls_abs_structure_Rogers                  ? 
_refine.ls_abs_structure_Rogers_esd              ? 
_refine.ls_d_res_high                            1.95 
_refine.ls_d_res_low                             35.61 
_refine.ls_extinction_coef                       ? 
_refine.ls_extinction_coef_esd                   ? 
_refine.ls_extinction_expression                 ? 
_refine.ls_extinction_method                     ? 
_refine.ls_goodness_of_fit_all                   ? 
_refine.ls_goodness_of_fit_all_esd               ? 
_refine.ls_goodness_of_fit_obs                   ? 
_refine.ls_goodness_of_fit_obs_esd               ? 
_refine.ls_hydrogen_treatment                    ? 
_refine.ls_matrix_type                           ? 
_refine.ls_number_constraints                    ? 
_refine.ls_number_parameters                     ? 
_refine.ls_number_reflns_all                     ? 
_refine.ls_number_reflns_obs                     14654 
_refine.ls_number_reflns_R_free                  1469 
_refine.ls_number_reflns_R_work                  13185 
_refine.ls_number_restraints                     ? 
_refine.ls_percent_reflns_obs                    97.80 
_refine.ls_percent_reflns_R_free                 10.02 
_refine.ls_R_factor_all                          ? 
_refine.ls_R_factor_obs                          0.1903 
_refine.ls_R_factor_R_free                       0.2445 
_refine.ls_R_factor_R_free_error                 ? 
_refine.ls_R_factor_R_free_error_details         ? 
_refine.ls_R_factor_R_work                       0.1846 
_refine.ls_R_Fsqd_factor_obs                     ? 
_refine.ls_R_I_factor_obs                        ? 
_refine.ls_redundancy_reflns_all                 ? 
_refine.ls_redundancy_reflns_obs                 ? 
_refine.ls_restrained_S_all                      ? 
_refine.ls_restrained_S_obs                      ? 
_refine.ls_shift_over_esd_max                    ? 
_refine.ls_shift_over_esd_mean                   ? 
_refine.ls_structure_factor_coef                 ? 
_refine.ls_weighting_details                     ? 
_refine.ls_weighting_scheme                      ? 
_refine.ls_wR_factor_all                         ? 
_refine.ls_wR_factor_obs                         ? 
_refine.ls_wR_factor_R_free                      ? 
_refine.ls_wR_factor_R_work                      ? 
_refine.occupancy_max                            ? 
_refine.occupancy_min                            ? 
_refine.solvent_model_details                    'FLAT BULK SOLVENT MODEL' 
_refine.solvent_model_param_bsol                 ? 
_refine.solvent_model_param_ksol                 ? 
_refine.pdbx_R_complete                          ? 
_refine.ls_R_factor_gt                           ? 
_refine.ls_goodness_of_fit_gt                    ? 
_refine.ls_goodness_of_fit_ref                   ? 
_refine.ls_shift_over_su_max                     ? 
_refine.ls_shift_over_su_max_lt                  ? 
_refine.ls_shift_over_su_mean                    ? 
_refine.ls_shift_over_su_mean_lt                 ? 
_refine.pdbx_ls_sigma_I                          ? 
_refine.pdbx_ls_sigma_F                          1.34 
_refine.pdbx_ls_sigma_Fsqd                       ? 
_refine.pdbx_data_cutoff_high_absF               ? 
_refine.pdbx_data_cutoff_high_rms_absF           ? 
_refine.pdbx_data_cutoff_low_absF                ? 
_refine.pdbx_isotropic_thermal_model             ? 
_refine.pdbx_ls_cross_valid_method               'FREE R-VALUE' 
_refine.pdbx_method_to_determine_struct          'AB INITIO PHASING' 
_refine.pdbx_starting_model                      ? 
_refine.pdbx_stereochemistry_target_values       'GeoStd + Monomer Library + CDL v1.2' 
_refine.pdbx_R_Free_selection_details            ? 
_refine.pdbx_stereochem_target_val_spec_case     ? 
_refine.pdbx_overall_ESU_R                       ? 
_refine.pdbx_overall_ESU_R_Free                  ? 
_refine.pdbx_solvent_vdw_probe_radii             1.1100 
_refine.pdbx_solvent_ion_probe_radii             ? 
_refine.pdbx_solvent_shrinkage_radii             0.9000 
_refine.pdbx_real_space_R                        ? 
_refine.pdbx_density_correlation                 ? 
_refine.pdbx_pd_number_of_powder_patterns        ? 
_refine.pdbx_pd_number_of_points                 ? 
_refine.pdbx_pd_meas_number_of_points            ? 
_refine.pdbx_pd_proc_ls_prof_R_factor            ? 
_refine.pdbx_pd_proc_ls_prof_wR_factor           ? 
_refine.pdbx_pd_Marquardt_correlation_coeff      ? 
_refine.pdbx_pd_Fsqrd_R_factor                   ? 
_refine.pdbx_pd_ls_matrix_band_width             ? 
_refine.pdbx_overall_phase_error                 21.9081 
_refine.pdbx_overall_SU_R_free_Cruickshank_DPI   ? 
_refine.pdbx_overall_SU_R_free_Blow_DPI          ? 
_refine.pdbx_overall_SU_R_Blow_DPI               ? 
_refine.pdbx_TLS_residual_ADP_flag               ? 
_refine.pdbx_diffrn_id                           1 
_refine.overall_SU_B                             ? 
_refine.overall_SU_ML                            0.2341 
_refine.overall_SU_R_Cruickshank_DPI             ? 
_refine.overall_SU_R_free                        ? 
_refine.overall_FOM_free_R_set                   ? 
_refine.overall_FOM_work_R_set                   ? 
_refine.pdbx_average_fsc_overall                 ? 
_refine.pdbx_average_fsc_work                    ? 
_refine.pdbx_average_fsc_free                    ? 
# 
_refine_hist.pdbx_refine_id                   'X-RAY DIFFRACTION' 
_refine_hist.cycle_id                         LAST 
_refine_hist.details                          ? 
_refine_hist.d_res_high                       1.95 
_refine_hist.d_res_low                        35.61 
_refine_hist.number_atoms_solvent             45 
_refine_hist.number_atoms_total               814 
_refine_hist.number_reflns_all                ? 
_refine_hist.number_reflns_obs                ? 
_refine_hist.number_reflns_R_free             ? 
_refine_hist.number_reflns_R_work             ? 
_refine_hist.R_factor_all                     ? 
_refine_hist.R_factor_obs                     ? 
_refine_hist.R_factor_R_free                  ? 
_refine_hist.R_factor_R_work                  ? 
_refine_hist.pdbx_number_residues_total       ? 
_refine_hist.pdbx_B_iso_mean_ligand           ? 
_refine_hist.pdbx_B_iso_mean_solvent          ? 
_refine_hist.pdbx_number_atoms_protein        769 
_refine_hist.pdbx_number_atoms_nucleic_acid   0 
_refine_hist.pdbx_number_atoms_ligand         0 
_refine_hist.pdbx_number_atoms_lipid          ? 
_refine_hist.pdbx_number_atoms_carb           ? 
_refine_hist.pdbx_pseudo_atom_details         ? 
# 
loop_
_refine_ls_restr.pdbx_refine_id 
_refine_ls_restr.criterion 
_refine_ls_restr.dev_ideal 
_refine_ls_restr.dev_ideal_target 
_refine_ls_restr.number 
_refine_ls_restr.rejects 
_refine_ls_restr.type 
_refine_ls_restr.weight 
_refine_ls_restr.pdbx_restraint_function 
'X-RAY DIFFRACTION' ? 0.0080 ? 786  ? f_bond_d           ? ? 
'X-RAY DIFFRACTION' ? 0.7789 ? 1072 ? f_angle_d          ? ? 
'X-RAY DIFFRACTION' ? 0.0589 ? 135  ? f_chiral_restr     ? ? 
'X-RAY DIFFRACTION' ? 0.0051 ? 139  ? f_plane_restr      ? ? 
'X-RAY DIFFRACTION' ? 2.7136 ? 628  ? f_dihedral_angle_d ? ? 
# 
loop_
_refine_ls_shell.pdbx_refine_id 
_refine_ls_shell.d_res_high 
_refine_ls_shell.d_res_low 
_refine_ls_shell.number_reflns_all 
_refine_ls_shell.number_reflns_obs 
_refine_ls_shell.number_reflns_R_free 
_refine_ls_shell.number_reflns_R_work 
_refine_ls_shell.percent_reflns_obs 
_refine_ls_shell.percent_reflns_R_free 
_refine_ls_shell.R_factor_all 
_refine_ls_shell.R_factor_obs 
_refine_ls_shell.R_factor_R_free 
_refine_ls_shell.R_factor_R_free_error 
_refine_ls_shell.R_factor_R_work 
_refine_ls_shell.redundancy_reflns_all 
_refine_ls_shell.redundancy_reflns_obs 
_refine_ls_shell.wR_factor_all 
_refine_ls_shell.wR_factor_obs 
_refine_ls_shell.wR_factor_R_free 
_refine_ls_shell.wR_factor_R_work 
_refine_ls_shell.pdbx_R_complete 
_refine_ls_shell.pdbx_total_number_of_bins_used 
_refine_ls_shell.pdbx_phase_error 
_refine_ls_shell.pdbx_fsc_work 
_refine_ls_shell.pdbx_fsc_free 
'X-RAY DIFFRACTION' 1.95 2.02  . . 118 1065 78.40  . . . 0.2617 . 0.2311 . . . . . . . . . . . 
'X-RAY DIFFRACTION' 2.02 2.10  . . 149 1347 100.00 . . . 0.2829 . 0.2310 . . . . . . . . . . . 
'X-RAY DIFFRACTION' 2.10 2.20  . . 144 1321 99.86  . . . 0.3403 . 0.2121 . . . . . . . . . . . 
'X-RAY DIFFRACTION' 2.20 2.31  . . 158 1361 99.93  . . . 0.2311 . 0.2070 . . . . . . . . . . . 
'X-RAY DIFFRACTION' 2.31 2.46  . . 145 1355 100.00 . . . 0.2593 . 0.2022 . . . . . . . . . . . 
'X-RAY DIFFRACTION' 2.46 2.65  . . 154 1324 100.00 . . . 0.2680 . 0.1921 . . . . . . . . . . . 
'X-RAY DIFFRACTION' 2.65 2.91  . . 149 1355 99.93  . . . 0.2211 . 0.1837 . . . . . . . . . . . 
'X-RAY DIFFRACTION' 2.91 3.34  . . 148 1358 100.00 . . . 0.2526 . 0.1810 . . . . . . . . . . . 
'X-RAY DIFFRACTION' 3.34 4.20  . . 158 1353 100.00 . . . 0.1944 . 0.1736 . . . . . . . . . . . 
'X-RAY DIFFRACTION' 4.20 35.61 . . 146 1346 100.00 . . . 0.2601 . 0.1695 . . . . . . . . . . . 
# 
_struct.entry_id                     7QEC 
_struct.title                        
'Crystal structure of SlpA - domain II, domain that is involved in the self-assembly of the S-layer from Lactobacillus amylovorus' 
_struct.pdbx_model_details           ? 
_struct.pdbx_formula_weight          ? 
_struct.pdbx_formula_weight_method   ? 
_struct.pdbx_model_type_details      ? 
_struct.pdbx_CASP_flag               N 
# 
_struct_keywords.entry_id        7QEC 
_struct_keywords.text            's-layer, self-assembly, lactobacillus amylovorus, STRUCTURAL PROTEIN' 
_struct_keywords.pdbx_keywords   'STRUCTURAL PROTEIN' 
# 
loop_
_struct_asym.id 
_struct_asym.pdbx_blank_PDB_chainid_flag 
_struct_asym.pdbx_modified 
_struct_asym.entity_id 
_struct_asym.details 
A N N 1 ? 
B N N 2 ? 
# 
_struct_ref.id                         1 
_struct_ref.db_name                    UNP 
_struct_ref.db_code                    E4SK47_LACAR 
_struct_ref.pdbx_db_accession          E4SK47 
_struct_ref.pdbx_db_isoform            ? 
_struct_ref.entity_id                  1 
_struct_ref.pdbx_seq_one_letter_code   
;SVSFYEIANGNEVHTGSLNMTANPTSHELNVSAVLAAAKAKYAAHQLENGASNGASVAVTTDVKDLTDQLTKAGIKVDPL
GNFQAQASFSFNLAAKSAQNAATATLPITVSVAN
;
_struct_ref.pdbx_align_begin           213 
# 
_struct_ref_seq.align_id                      1 
_struct_ref_seq.ref_id                        1 
_struct_ref_seq.pdbx_PDB_id_code              7QEC 
_struct_ref_seq.pdbx_strand_id                A 
_struct_ref_seq.seq_align_beg                 1 
_struct_ref_seq.pdbx_seq_align_beg_ins_code   ? 
_struct_ref_seq.seq_align_end                 114 
_struct_ref_seq.pdbx_seq_align_end_ins_code   ? 
_struct_ref_seq.pdbx_db_accession             E4SK47 
_struct_ref_seq.db_align_beg                  213 
_struct_ref_seq.pdbx_db_align_beg_ins_code    ? 
_struct_ref_seq.db_align_end                  326 
_struct_ref_seq.pdbx_db_align_end_ins_code    ? 
_struct_ref_seq.pdbx_auth_seq_align_beg       213 
_struct_ref_seq.pdbx_auth_seq_align_end       326 
# 
_pdbx_struct_assembly.id                   1 
_pdbx_struct_assembly.details              author_and_software_defined_assembly 
_pdbx_struct_assembly.method_details       PISA 
_pdbx_struct_assembly.oligomeric_details   dimeric 
_pdbx_struct_assembly.oligomeric_count     2 
# 
loop_
_pdbx_struct_assembly_prop.biol_id 
_pdbx_struct_assembly_prop.type 
_pdbx_struct_assembly_prop.value 
_pdbx_struct_assembly_prop.details 
1 'ABSA (A^2)' 1770  ? 
1 MORE         -6    ? 
1 'SSA (A^2)'  10660 ? 
# 
_pdbx_struct_assembly_gen.assembly_id       1 
_pdbx_struct_assembly_gen.oper_expression   1,2 
_pdbx_struct_assembly_gen.asym_id_list      A,B 
# 
_pdbx_struct_assembly_auth_evidence.id                     1 
_pdbx_struct_assembly_auth_evidence.assembly_id            1 
_pdbx_struct_assembly_auth_evidence.experimental_support   none 
_pdbx_struct_assembly_auth_evidence.details                ? 
# 
loop_
_pdbx_struct_oper_list.id 
_pdbx_struct_oper_list.type 
_pdbx_struct_oper_list.name 
_pdbx_struct_oper_list.symmetry_operation 
_pdbx_struct_oper_list.matrix[1][1] 
_pdbx_struct_oper_list.matrix[1][2] 
_pdbx_struct_oper_list.matrix[1][3] 
_pdbx_struct_oper_list.vector[1] 
_pdbx_struct_oper_list.matrix[2][1] 
_pdbx_struct_oper_list.matrix[2][2] 
_pdbx_struct_oper_list.matrix[2][3] 
_pdbx_struct_oper_list.vector[2] 
_pdbx_struct_oper_list.matrix[3][1] 
_pdbx_struct_oper_list.matrix[3][2] 
_pdbx_struct_oper_list.matrix[3][3] 
_pdbx_struct_oper_list.vector[3] 
1 'identity operation'         1_555 x,y,z  1.0000000000 0.0000000000 0.0000000000 0.0000000000  0.0000000000 1.0000000000  0.0000000000 0.0000000000  0.0000000000 0.0000000000 1.0000000000  0.0000000000  
2 'crystal symmetry operation' 7_555 y,x,-z 0.5520256957 0.1943206430 0.8108681268 -7.7886629324 0.1943206430 -0.9756701758 0.1015243602 -5.1054923331 0.8108681268 0.1015243602 -0.5763555198 16.1312390100 
# 
loop_
_struct_conf.conf_type_id 
_struct_conf.id 
_struct_conf.pdbx_PDB_helix_id 
_struct_conf.beg_label_comp_id 
_struct_conf.beg_label_asym_id 
_struct_conf.beg_label_seq_id 
_struct_conf.pdbx_beg_PDB_ins_code 
_struct_conf.end_label_comp_id 
_struct_conf.end_label_asym_id 
_struct_conf.end_label_seq_id 
_struct_conf.pdbx_end_PDB_ins_code 
_struct_conf.beg_auth_comp_id 
_struct_conf.beg_auth_asym_id 
_struct_conf.beg_auth_seq_id 
_struct_conf.end_auth_comp_id 
_struct_conf.end_auth_asym_id 
_struct_conf.end_auth_seq_id 
_struct_conf.pdbx_PDB_helix_class 
_struct_conf.details 
_struct_conf.pdbx_PDB_helix_length 
HELX_P HELX_P1 AA1 VAL A 31 ? LYS A 41 ? VAL A 243 LYS A 253 1 ? 11 
HELX_P HELX_P2 AA2 ASP A 62 ? LYS A 72 ? ASP A 274 LYS A 284 1 ? 11 
# 
_struct_conf_type.id          HELX_P 
_struct_conf_type.criteria    ? 
_struct_conf_type.reference   ? 
# 
loop_
_struct_sheet.id 
_struct_sheet.type 
_struct_sheet.number_strands 
_struct_sheet.details 
AA1 ? 7 ? 
AA2 ? 2 ? 
# 
loop_
_struct_sheet_order.sheet_id 
_struct_sheet_order.range_id_1 
_struct_sheet_order.range_id_2 
_struct_sheet_order.offset 
_struct_sheet_order.sense 
AA1 1 2 ? anti-parallel 
AA1 2 3 ? anti-parallel 
AA1 3 4 ? anti-parallel 
AA1 4 5 ? anti-parallel 
AA1 5 6 ? anti-parallel 
AA1 6 7 ? parallel      
AA2 1 2 ? anti-parallel 
# 
loop_
_struct_sheet_range.sheet_id 
_struct_sheet_range.id 
_struct_sheet_range.beg_label_comp_id 
_struct_sheet_range.beg_label_asym_id 
_struct_sheet_range.beg_label_seq_id 
_struct_sheet_range.pdbx_beg_PDB_ins_code 
_struct_sheet_range.end_label_comp_id 
_struct_sheet_range.end_label_asym_id 
_struct_sheet_range.end_label_seq_id 
_struct_sheet_range.pdbx_end_PDB_ins_code 
_struct_sheet_range.beg_auth_comp_id 
_struct_sheet_range.beg_auth_asym_id 
_struct_sheet_range.beg_auth_seq_id 
_struct_sheet_range.end_auth_comp_id 
_struct_sheet_range.end_auth_asym_id 
_struct_sheet_range.end_auth_seq_id 
AA1 1 GLU A 12  ? VAL A 13  ? GLU A 224 VAL A 225 
AA1 2 VAL A 2   ? GLU A 6   ? VAL A 214 GLU A 218 
AA1 3 TYR A 42  ? GLN A 46  ? TYR A 254 GLN A 258 
AA1 4 ALA A 55  ? VAL A 59  ? ALA A 267 VAL A 271 
AA1 5 SER A 88  ? LYS A 96  ? SER A 300 LYS A 308 
AA1 6 ALA A 104 ? VAL A 112 ? ALA A 316 VAL A 324 
AA1 7 GLY A 16  ? MET A 20  ? GLY A 228 MET A 232 
AA2 1 GLU A 28  ? ASN A 30  ? GLU A 240 ASN A 242 
AA2 2 ASN A 82  ? GLN A 84  ? ASN A 294 GLN A 296 
# 
loop_
_pdbx_struct_sheet_hbond.sheet_id 
_pdbx_struct_sheet_hbond.range_id_1 
_pdbx_struct_sheet_hbond.range_id_2 
_pdbx_struct_sheet_hbond.range_1_label_atom_id 
_pdbx_struct_sheet_hbond.range_1_label_comp_id 
_pdbx_struct_sheet_hbond.range_1_label_asym_id 
_pdbx_struct_sheet_hbond.range_1_label_seq_id 
_pdbx_struct_sheet_hbond.range_1_PDB_ins_code 
_pdbx_struct_sheet_hbond.range_1_auth_atom_id 
_pdbx_struct_sheet_hbond.range_1_auth_comp_id 
_pdbx_struct_sheet_hbond.range_1_auth_asym_id 
_pdbx_struct_sheet_hbond.range_1_auth_seq_id 
_pdbx_struct_sheet_hbond.range_2_label_atom_id 
_pdbx_struct_sheet_hbond.range_2_label_comp_id 
_pdbx_struct_sheet_hbond.range_2_label_asym_id 
_pdbx_struct_sheet_hbond.range_2_label_seq_id 
_pdbx_struct_sheet_hbond.range_2_PDB_ins_code 
_pdbx_struct_sheet_hbond.range_2_auth_atom_id 
_pdbx_struct_sheet_hbond.range_2_auth_comp_id 
_pdbx_struct_sheet_hbond.range_2_auth_asym_id 
_pdbx_struct_sheet_hbond.range_2_auth_seq_id 
AA1 1 2 O VAL A 13  ? O VAL A 225 N PHE A 4   ? N PHE A 216 
AA1 2 3 N SER A 3   ? N SER A 215 O HIS A 45  ? O HIS A 257 
AA1 3 4 N GLN A 46  ? N GLN A 258 O ALA A 55  ? O ALA A 267 
AA1 4 5 N ALA A 58  ? N ALA A 270 O LYS A 96  ? O LYS A 308 
AA1 5 6 N PHE A 89  ? N PHE A 301 O VAL A 110 ? O VAL A 322 
AA1 6 7 O PRO A 107 ? O PRO A 319 N GLY A 16  ? N GLY A 228 
AA2 1 2 N LEU A 29  ? N LEU A 241 O PHE A 83  ? O PHE A 295 
# 
_pdbx_validate_symm_contact.id                1 
_pdbx_validate_symm_contact.PDB_model_num     1 
_pdbx_validate_symm_contact.auth_atom_id_1    OG1 
_pdbx_validate_symm_contact.auth_asym_id_1    A 
_pdbx_validate_symm_contact.auth_comp_id_1    THR 
_pdbx_validate_symm_contact.auth_seq_id_1     233 
_pdbx_validate_symm_contact.PDB_ins_code_1    ? 
_pdbx_validate_symm_contact.label_alt_id_1    ? 
_pdbx_validate_symm_contact.site_symmetry_1   1_555 
_pdbx_validate_symm_contact.auth_atom_id_2    OD1 
_pdbx_validate_symm_contact.auth_asym_id_2    A 
_pdbx_validate_symm_contact.auth_comp_id_2    ASN 
_pdbx_validate_symm_contact.auth_seq_id_2     265 
_pdbx_validate_symm_contact.PDB_ins_code_2    ? 
_pdbx_validate_symm_contact.label_alt_id_2    ? 
_pdbx_validate_symm_contact.site_symmetry_2   5_555 
_pdbx_validate_symm_contact.dist              1.93 
# 
loop_
_pdbx_struct_special_symmetry.id 
_pdbx_struct_special_symmetry.PDB_model_num 
_pdbx_struct_special_symmetry.auth_asym_id 
_pdbx_struct_special_symmetry.auth_comp_id 
_pdbx_struct_special_symmetry.auth_seq_id 
_pdbx_struct_special_symmetry.PDB_ins_code 
_pdbx_struct_special_symmetry.label_asym_id 
_pdbx_struct_special_symmetry.label_comp_id 
_pdbx_struct_special_symmetry.label_seq_id 
1 1 A HOH 401 ? B HOH . 
2 1 A HOH 413 ? B HOH . 
3 1 A HOH 443 ? B HOH . 
# 
loop_
_space_group_symop.id 
_space_group_symop.operation_xyz 
1 x,y,z               
2 -y+1/2,x+1/2,z+1/4  
3 y+1/2,-x+1/2,z+3/4  
4 x+1/2,-y+1/2,-z+3/4 
5 -x+1/2,y+1/2,-z+1/4 
6 -x,-y,z+1/2         
7 y,x,-z              
8 -y,-x,-z+1/2        
# 
loop_
_pdbx_unobs_or_zero_occ_residues.id 
_pdbx_unobs_or_zero_occ_residues.PDB_model_num 
_pdbx_unobs_or_zero_occ_residues.polymer_flag 
_pdbx_unobs_or_zero_occ_residues.occupancy_flag 
_pdbx_unobs_or_zero_occ_residues.auth_asym_id 
_pdbx_unobs_or_zero_occ_residues.auth_comp_id 
_pdbx_unobs_or_zero_occ_residues.auth_seq_id 
_pdbx_unobs_or_zero_occ_residues.PDB_ins_code 
_pdbx_unobs_or_zero_occ_residues.label_asym_id 
_pdbx_unobs_or_zero_occ_residues.label_comp_id 
_pdbx_unobs_or_zero_occ_residues.label_seq_id 
1 1 Y 1 A ASN 261 ? A ASN 49  
2 1 Y 1 A GLY 262 ? A GLY 50  
3 1 Y 1 A ALA 263 ? A ALA 51  
4 1 Y 1 A SER 264 ? A SER 52  
5 1 Y 1 A ALA 310 ? A ALA 98  
6 1 Y 1 A GLN 311 ? A GLN 99  
7 1 Y 1 A ASN 312 ? A ASN 100 
8 1 Y 1 A ALA 313 ? A ALA 101 
# 
loop_
_chem_comp_atom.comp_id 
_chem_comp_atom.atom_id 
_chem_comp_atom.type_symbol 
_chem_comp_atom.pdbx_aromatic_flag 
_chem_comp_atom.pdbx_stereo_config 
_chem_comp_atom.pdbx_ordinal 
ALA N    N N N 1   
ALA CA   C N S 2   
ALA C    C N N 3   
ALA O    O N N 4   
ALA CB   C N N 5   
ALA OXT  O N N 6   
ALA H    H N N 7   
ALA H2   H N N 8   
ALA HA   H N N 9   
ALA HB1  H N N 10  
ALA HB2  H N N 11  
ALA HB3  H N N 12  
ALA HXT  H N N 13  
ASN N    N N N 14  
ASN CA   C N S 15  
ASN C    C N N 16  
ASN O    O N N 17  
ASN CB   C N N 18  
ASN CG   C N N 19  
ASN OD1  O N N 20  
ASN ND2  N N N 21  
ASN OXT  O N N 22  
ASN H    H N N 23  
ASN H2   H N N 24  
ASN HA   H N N 25  
ASN HB2  H N N 26  
ASN HB3  H N N 27  
ASN HD21 H N N 28  
ASN HD22 H N N 29  
ASN HXT  H N N 30  
ASP N    N N N 31  
ASP CA   C N S 32  
ASP C    C N N 33  
ASP O    O N N 34  
ASP CB   C N N 35  
ASP CG   C N N 36  
ASP OD1  O N N 37  
ASP OD2  O N N 38  
ASP OXT  O N N 39  
ASP H    H N N 40  
ASP H2   H N N 41  
ASP HA   H N N 42  
ASP HB2  H N N 43  
ASP HB3  H N N 44  
ASP HD2  H N N 45  
ASP HXT  H N N 46  
GLN N    N N N 47  
GLN CA   C N S 48  
GLN C    C N N 49  
GLN O    O N N 50  
GLN CB   C N N 51  
GLN CG   C N N 52  
GLN CD   C N N 53  
GLN OE1  O N N 54  
GLN NE2  N N N 55  
GLN OXT  O N N 56  
GLN H    H N N 57  
GLN H2   H N N 58  
GLN HA   H N N 59  
GLN HB2  H N N 60  
GLN HB3  H N N 61  
GLN HG2  H N N 62  
GLN HG3  H N N 63  
GLN HE21 H N N 64  
GLN HE22 H N N 65  
GLN HXT  H N N 66  
GLU N    N N N 67  
GLU CA   C N S 68  
GLU C    C N N 69  
GLU O    O N N 70  
GLU CB   C N N 71  
GLU CG   C N N 72  
GLU CD   C N N 73  
GLU OE1  O N N 74  
GLU OE2  O N N 75  
GLU OXT  O N N 76  
GLU H    H N N 77  
GLU H2   H N N 78  
GLU HA   H N N 79  
GLU HB2  H N N 80  
GLU HB3  H N N 81  
GLU HG2  H N N 82  
GLU HG3  H N N 83  
GLU HE2  H N N 84  
GLU HXT  H N N 85  
GLY N    N N N 86  
GLY CA   C N N 87  
GLY C    C N N 88  
GLY O    O N N 89  
GLY OXT  O N N 90  
GLY H    H N N 91  
GLY H2   H N N 92  
GLY HA2  H N N 93  
GLY HA3  H N N 94  
GLY HXT  H N N 95  
HIS N    N N N 96  
HIS CA   C N S 97  
HIS C    C N N 98  
HIS O    O N N 99  
HIS CB   C N N 100 
HIS CG   C Y N 101 
HIS ND1  N Y N 102 
HIS CD2  C Y N 103 
HIS CE1  C Y N 104 
HIS NE2  N Y N 105 
HIS OXT  O N N 106 
HIS H    H N N 107 
HIS H2   H N N 108 
HIS HA   H N N 109 
HIS HB2  H N N 110 
HIS HB3  H N N 111 
HIS HD1  H N N 112 
HIS HD2  H N N 113 
HIS HE1  H N N 114 
HIS HE2  H N N 115 
HIS HXT  H N N 116 
HOH O    O N N 117 
HOH H1   H N N 118 
HOH H2   H N N 119 
ILE N    N N N 120 
ILE CA   C N S 121 
ILE C    C N N 122 
ILE O    O N N 123 
ILE CB   C N S 124 
ILE CG1  C N N 125 
ILE CG2  C N N 126 
ILE CD1  C N N 127 
ILE OXT  O N N 128 
ILE H    H N N 129 
ILE H2   H N N 130 
ILE HA   H N N 131 
ILE HB   H N N 132 
ILE HG12 H N N 133 
ILE HG13 H N N 134 
ILE HG21 H N N 135 
ILE HG22 H N N 136 
ILE HG23 H N N 137 
ILE HD11 H N N 138 
ILE HD12 H N N 139 
ILE HD13 H N N 140 
ILE HXT  H N N 141 
LEU N    N N N 142 
LEU CA   C N S 143 
LEU C    C N N 144 
LEU O    O N N 145 
LEU CB   C N N 146 
LEU CG   C N N 147 
LEU CD1  C N N 148 
LEU CD2  C N N 149 
LEU OXT  O N N 150 
LEU H    H N N 151 
LEU H2   H N N 152 
LEU HA   H N N 153 
LEU HB2  H N N 154 
LEU HB3  H N N 155 
LEU HG   H N N 156 
LEU HD11 H N N 157 
LEU HD12 H N N 158 
LEU HD13 H N N 159 
LEU HD21 H N N 160 
LEU HD22 H N N 161 
LEU HD23 H N N 162 
LEU HXT  H N N 163 
LYS N    N N N 164 
LYS CA   C N S 165 
LYS C    C N N 166 
LYS O    O N N 167 
LYS CB   C N N 168 
LYS CG   C N N 169 
LYS CD   C N N 170 
LYS CE   C N N 171 
LYS NZ   N N N 172 
LYS OXT  O N N 173 
LYS H    H N N 174 
LYS H2   H N N 175 
LYS HA   H N N 176 
LYS HB2  H N N 177 
LYS HB3  H N N 178 
LYS HG2  H N N 179 
LYS HG3  H N N 180 
LYS HD2  H N N 181 
LYS HD3  H N N 182 
LYS HE2  H N N 183 
LYS HE3  H N N 184 
LYS HZ1  H N N 185 
LYS HZ2  H N N 186 
LYS HZ3  H N N 187 
LYS HXT  H N N 188 
MET N    N N N 189 
MET CA   C N S 190 
MET C    C N N 191 
MET O    O N N 192 
MET CB   C N N 193 
MET CG   C N N 194 
MET SD   S N N 195 
MET CE   C N N 196 
MET OXT  O N N 197 
MET H    H N N 198 
MET H2   H N N 199 
MET HA   H N N 200 
MET HB2  H N N 201 
MET HB3  H N N 202 
MET HG2  H N N 203 
MET HG3  H N N 204 
MET HE1  H N N 205 
MET HE2  H N N 206 
MET HE3  H N N 207 
MET HXT  H N N 208 
PHE N    N N N 209 
PHE CA   C N S 210 
PHE C    C N N 211 
PHE O    O N N 212 
PHE CB   C N N 213 
PHE CG   C Y N 214 
PHE CD1  C Y N 215 
PHE CD2  C Y N 216 
PHE CE1  C Y N 217 
PHE CE2  C Y N 218 
PHE CZ   C Y N 219 
PHE OXT  O N N 220 
PHE H    H N N 221 
PHE H2   H N N 222 
PHE HA   H N N 223 
PHE HB2  H N N 224 
PHE HB3  H N N 225 
PHE HD1  H N N 226 
PHE HD2  H N N 227 
PHE HE1  H N N 228 
PHE HE2  H N N 229 
PHE HZ   H N N 230 
PHE HXT  H N N 231 
PRO N    N N N 232 
PRO CA   C N S 233 
PRO C    C N N 234 
PRO O    O N N 235 
PRO CB   C N N 236 
PRO CG   C N N 237 
PRO CD   C N N 238 
PRO OXT  O N N 239 
PRO H    H N N 240 
PRO HA   H N N 241 
PRO HB2  H N N 242 
PRO HB3  H N N 243 
PRO HG2  H N N 244 
PRO HG3  H N N 245 
PRO HD2  H N N 246 
PRO HD3  H N N 247 
PRO HXT  H N N 248 
SER N    N N N 249 
SER CA   C N S 250 
SER C    C N N 251 
SER O    O N N 252 
SER CB   C N N 253 
SER OG   O N N 254 
SER OXT  O N N 255 
SER H    H N N 256 
SER H2   H N N 257 
SER HA   H N N 258 
SER HB2  H N N 259 
SER HB3  H N N 260 
SER HG   H N N 261 
SER HXT  H N N 262 
THR N    N N N 263 
THR CA   C N S 264 
THR C    C N N 265 
THR O    O N N 266 
THR CB   C N R 267 
THR OG1  O N N 268 
THR CG2  C N N 269 
THR OXT  O N N 270 
THR H    H N N 271 
THR H2   H N N 272 
THR HA   H N N 273 
THR HB   H N N 274 
THR HG1  H N N 275 
THR HG21 H N N 276 
THR HG22 H N N 277 
THR HG23 H N N 278 
THR HXT  H N N 279 
TYR N    N N N 280 
TYR CA   C N S 281 
TYR C    C N N 282 
TYR O    O N N 283 
TYR CB   C N N 284 
TYR CG   C Y N 285 
TYR CD1  C Y N 286 
TYR CD2  C Y N 287 
TYR CE1  C Y N 288 
TYR CE2  C Y N 289 
TYR CZ   C Y N 290 
TYR OH   O N N 291 
TYR OXT  O N N 292 
TYR H    H N N 293 
TYR H2   H N N 294 
TYR HA   H N N 295 
TYR HB2  H N N 296 
TYR HB3  H N N 297 
TYR HD1  H N N 298 
TYR HD2  H N N 299 
TYR HE1  H N N 300 
TYR HE2  H N N 301 
TYR HH   H N N 302 
TYR HXT  H N N 303 
VAL N    N N N 304 
VAL CA   C N S 305 
VAL C    C N N 306 
VAL O    O N N 307 
VAL CB   C N N 308 
VAL CG1  C N N 309 
VAL CG2  C N N 310 
VAL OXT  O N N 311 
VAL H    H N N 312 
VAL H2   H N N 313 
VAL HA   H N N 314 
VAL HB   H N N 315 
VAL HG11 H N N 316 
VAL HG12 H N N 317 
VAL HG13 H N N 318 
VAL HG21 H N N 319 
VAL HG22 H N N 320 
VAL HG23 H N N 321 
VAL HXT  H N N 322 
# 
loop_
_chem_comp_bond.comp_id 
_chem_comp_bond.atom_id_1 
_chem_comp_bond.atom_id_2 
_chem_comp_bond.value_order 
_chem_comp_bond.pdbx_aromatic_flag 
_chem_comp_bond.pdbx_stereo_config 
_chem_comp_bond.pdbx_ordinal 
ALA N   CA   sing N N 1   
ALA N   H    sing N N 2   
ALA N   H2   sing N N 3   
ALA CA  C    sing N N 4   
ALA CA  CB   sing N N 5   
ALA CA  HA   sing N N 6   
ALA C   O    doub N N 7   
ALA C   OXT  sing N N 8   
ALA CB  HB1  sing N N 9   
ALA CB  HB2  sing N N 10  
ALA CB  HB3  sing N N 11  
ALA OXT HXT  sing N N 12  
ASN N   CA   sing N N 13  
ASN N   H    sing N N 14  
ASN N   H2   sing N N 15  
ASN CA  C    sing N N 16  
ASN CA  CB   sing N N 17  
ASN CA  HA   sing N N 18  
ASN C   O    doub N N 19  
ASN C   OXT  sing N N 20  
ASN CB  CG   sing N N 21  
ASN CB  HB2  sing N N 22  
ASN CB  HB3  sing N N 23  
ASN CG  OD1  doub N N 24  
ASN CG  ND2  sing N N 25  
ASN ND2 HD21 sing N N 26  
ASN ND2 HD22 sing N N 27  
ASN OXT HXT  sing N N 28  
ASP N   CA   sing N N 29  
ASP N   H    sing N N 30  
ASP N   H2   sing N N 31  
ASP CA  C    sing N N 32  
ASP CA  CB   sing N N 33  
ASP CA  HA   sing N N 34  
ASP C   O    doub N N 35  
ASP C   OXT  sing N N 36  
ASP CB  CG   sing N N 37  
ASP CB  HB2  sing N N 38  
ASP CB  HB3  sing N N 39  
ASP CG  OD1  doub N N 40  
ASP CG  OD2  sing N N 41  
ASP OD2 HD2  sing N N 42  
ASP OXT HXT  sing N N 43  
GLN N   CA   sing N N 44  
GLN N   H    sing N N 45  
GLN N   H2   sing N N 46  
GLN CA  C    sing N N 47  
GLN CA  CB   sing N N 48  
GLN CA  HA   sing N N 49  
GLN C   O    doub N N 50  
GLN C   OXT  sing N N 51  
GLN CB  CG   sing N N 52  
GLN CB  HB2  sing N N 53  
GLN CB  HB3  sing N N 54  
GLN CG  CD   sing N N 55  
GLN CG  HG2  sing N N 56  
GLN CG  HG3  sing N N 57  
GLN CD  OE1  doub N N 58  
GLN CD  NE2  sing N N 59  
GLN NE2 HE21 sing N N 60  
GLN NE2 HE22 sing N N 61  
GLN OXT HXT  sing N N 62  
GLU N   CA   sing N N 63  
GLU N   H    sing N N 64  
GLU N   H2   sing N N 65  
GLU CA  C    sing N N 66  
GLU CA  CB   sing N N 67  
GLU CA  HA   sing N N 68  
GLU C   O    doub N N 69  
GLU C   OXT  sing N N 70  
GLU CB  CG   sing N N 71  
GLU CB  HB2  sing N N 72  
GLU CB  HB3  sing N N 73  
GLU CG  CD   sing N N 74  
GLU CG  HG2  sing N N 75  
GLU CG  HG3  sing N N 76  
GLU CD  OE1  doub N N 77  
GLU CD  OE2  sing N N 78  
GLU OE2 HE2  sing N N 79  
GLU OXT HXT  sing N N 80  
GLY N   CA   sing N N 81  
GLY N   H    sing N N 82  
GLY N   H2   sing N N 83  
GLY CA  C    sing N N 84  
GLY CA  HA2  sing N N 85  
GLY CA  HA3  sing N N 86  
GLY C   O    doub N N 87  
GLY C   OXT  sing N N 88  
GLY OXT HXT  sing N N 89  
HIS N   CA   sing N N 90  
HIS N   H    sing N N 91  
HIS N   H2   sing N N 92  
HIS CA  C    sing N N 93  
HIS CA  CB   sing N N 94  
HIS CA  HA   sing N N 95  
HIS C   O    doub N N 96  
HIS C   OXT  sing N N 97  
HIS CB  CG   sing N N 98  
HIS CB  HB2  sing N N 99  
HIS CB  HB3  sing N N 100 
HIS CG  ND1  sing Y N 101 
HIS CG  CD2  doub Y N 102 
HIS ND1 CE1  doub Y N 103 
HIS ND1 HD1  sing N N 104 
HIS CD2 NE2  sing Y N 105 
HIS CD2 HD2  sing N N 106 
HIS CE1 NE2  sing Y N 107 
HIS CE1 HE1  sing N N 108 
HIS NE2 HE2  sing N N 109 
HIS OXT HXT  sing N N 110 
HOH O   H1   sing N N 111 
HOH O   H2   sing N N 112 
ILE N   CA   sing N N 113 
ILE N   H    sing N N 114 
ILE N   H2   sing N N 115 
ILE CA  C    sing N N 116 
ILE CA  CB   sing N N 117 
ILE CA  HA   sing N N 118 
ILE C   O    doub N N 119 
ILE C   OXT  sing N N 120 
ILE CB  CG1  sing N N 121 
ILE CB  CG2  sing N N 122 
ILE CB  HB   sing N N 123 
ILE CG1 CD1  sing N N 124 
ILE CG1 HG12 sing N N 125 
ILE CG1 HG13 sing N N 126 
ILE CG2 HG21 sing N N 127 
ILE CG2 HG22 sing N N 128 
ILE CG2 HG23 sing N N 129 
ILE CD1 HD11 sing N N 130 
ILE CD1 HD12 sing N N 131 
ILE CD1 HD13 sing N N 132 
ILE OXT HXT  sing N N 133 
LEU N   CA   sing N N 134 
LEU N   H    sing N N 135 
LEU N   H2   sing N N 136 
LEU CA  C    sing N N 137 
LEU CA  CB   sing N N 138 
LEU CA  HA   sing N N 139 
LEU C   O    doub N N 140 
LEU C   OXT  sing N N 141 
LEU CB  CG   sing N N 142 
LEU CB  HB2  sing N N 143 
LEU CB  HB3  sing N N 144 
LEU CG  CD1  sing N N 145 
LEU CG  CD2  sing N N 146 
LEU CG  HG   sing N N 147 
LEU CD1 HD11 sing N N 148 
LEU CD1 HD12 sing N N 149 
LEU CD1 HD13 sing N N 150 
LEU CD2 HD21 sing N N 151 
LEU CD2 HD22 sing N N 152 
LEU CD2 HD23 sing N N 153 
LEU OXT HXT  sing N N 154 
LYS N   CA   sing N N 155 
LYS N   H    sing N N 156 
LYS N   H2   sing N N 157 
LYS CA  C    sing N N 158 
LYS CA  CB   sing N N 159 
LYS CA  HA   sing N N 160 
LYS C   O    doub N N 161 
LYS C   OXT  sing N N 162 
LYS CB  CG   sing N N 163 
LYS CB  HB2  sing N N 164 
LYS CB  HB3  sing N N 165 
LYS CG  CD   sing N N 166 
LYS CG  HG2  sing N N 167 
LYS CG  HG3  sing N N 168 
LYS CD  CE   sing N N 169 
LYS CD  HD2  sing N N 170 
LYS CD  HD3  sing N N 171 
LYS CE  NZ   sing N N 172 
LYS CE  HE2  sing N N 173 
LYS CE  HE3  sing N N 174 
LYS NZ  HZ1  sing N N 175 
LYS NZ  HZ2  sing N N 176 
LYS NZ  HZ3  sing N N 177 
LYS OXT HXT  sing N N 178 
MET N   CA   sing N N 179 
MET N   H    sing N N 180 
MET N   H2   sing N N 181 
MET CA  C    sing N N 182 
MET CA  CB   sing N N 183 
MET CA  HA   sing N N 184 
MET C   O    doub N N 185 
MET C   OXT  sing N N 186 
MET CB  CG   sing N N 187 
MET CB  HB2  sing N N 188 
MET CB  HB3  sing N N 189 
MET CG  SD   sing N N 190 
MET CG  HG2  sing N N 191 
MET CG  HG3  sing N N 192 
MET SD  CE   sing N N 193 
MET CE  HE1  sing N N 194 
MET CE  HE2  sing N N 195 
MET CE  HE3  sing N N 196 
MET OXT HXT  sing N N 197 
PHE N   CA   sing N N 198 
PHE N   H    sing N N 199 
PHE N   H2   sing N N 200 
PHE CA  C    sing N N 201 
PHE CA  CB   sing N N 202 
PHE CA  HA   sing N N 203 
PHE C   O    doub N N 204 
PHE C   OXT  sing N N 205 
PHE CB  CG   sing N N 206 
PHE CB  HB2  sing N N 207 
PHE CB  HB3  sing N N 208 
PHE CG  CD1  doub Y N 209 
PHE CG  CD2  sing Y N 210 
PHE CD1 CE1  sing Y N 211 
PHE CD1 HD1  sing N N 212 
PHE CD2 CE2  doub Y N 213 
PHE CD2 HD2  sing N N 214 
PHE CE1 CZ   doub Y N 215 
PHE CE1 HE1  sing N N 216 
PHE CE2 CZ   sing Y N 217 
PHE CE2 HE2  sing N N 218 
PHE CZ  HZ   sing N N 219 
PHE OXT HXT  sing N N 220 
PRO N   CA   sing N N 221 
PRO N   CD   sing N N 222 
PRO N   H    sing N N 223 
PRO CA  C    sing N N 224 
PRO CA  CB   sing N N 225 
PRO CA  HA   sing N N 226 
PRO C   O    doub N N 227 
PRO C   OXT  sing N N 228 
PRO CB  CG   sing N N 229 
PRO CB  HB2  sing N N 230 
PRO CB  HB3  sing N N 231 
PRO CG  CD   sing N N 232 
PRO CG  HG2  sing N N 233 
PRO CG  HG3  sing N N 234 
PRO CD  HD2  sing N N 235 
PRO CD  HD3  sing N N 236 
PRO OXT HXT  sing N N 237 
SER N   CA   sing N N 238 
SER N   H    sing N N 239 
SER N   H2   sing N N 240 
SER CA  C    sing N N 241 
SER CA  CB   sing N N 242 
SER CA  HA   sing N N 243 
SER C   O    doub N N 244 
SER C   OXT  sing N N 245 
SER CB  OG   sing N N 246 
SER CB  HB2  sing N N 247 
SER CB  HB3  sing N N 248 
SER OG  HG   sing N N 249 
SER OXT HXT  sing N N 250 
THR N   CA   sing N N 251 
THR N   H    sing N N 252 
THR N   H2   sing N N 253 
THR CA  C    sing N N 254 
THR CA  CB   sing N N 255 
THR CA  HA   sing N N 256 
THR C   O    doub N N 257 
THR C   OXT  sing N N 258 
THR CB  OG1  sing N N 259 
THR CB  CG2  sing N N 260 
THR CB  HB   sing N N 261 
THR OG1 HG1  sing N N 262 
THR CG2 HG21 sing N N 263 
THR CG2 HG22 sing N N 264 
THR CG2 HG23 sing N N 265 
THR OXT HXT  sing N N 266 
TYR N   CA   sing N N 267 
TYR N   H    sing N N 268 
TYR N   H2   sing N N 269 
TYR CA  C    sing N N 270 
TYR CA  CB   sing N N 271 
TYR CA  HA   sing N N 272 
TYR C   O    doub N N 273 
TYR C   OXT  sing N N 274 
TYR CB  CG   sing N N 275 
TYR CB  HB2  sing N N 276 
TYR CB  HB3  sing N N 277 
TYR CG  CD1  doub Y N 278 
TYR CG  CD2  sing Y N 279 
TYR CD1 CE1  sing Y N 280 
TYR CD1 HD1  sing N N 281 
TYR CD2 CE2  doub Y N 282 
TYR CD2 HD2  sing N N 283 
TYR CE1 CZ   doub Y N 284 
TYR CE1 HE1  sing N N 285 
TYR CE2 CZ   sing Y N 286 
TYR CE2 HE2  sing N N 287 
TYR CZ  OH   sing N N 288 
TYR OH  HH   sing N N 289 
TYR OXT HXT  sing N N 290 
VAL N   CA   sing N N 291 
VAL N   H    sing N N 292 
VAL N   H2   sing N N 293 
VAL CA  C    sing N N 294 
VAL CA  CB   sing N N 295 
VAL CA  HA   sing N N 296 
VAL C   O    doub N N 297 
VAL C   OXT  sing N N 298 
VAL CB  CG1  sing N N 299 
VAL CB  CG2  sing N N 300 
VAL CB  HB   sing N N 301 
VAL CG1 HG11 sing N N 302 
VAL CG1 HG12 sing N N 303 
VAL CG1 HG13 sing N N 304 
VAL CG2 HG21 sing N N 305 
VAL CG2 HG22 sing N N 306 
VAL CG2 HG23 sing N N 307 
VAL OXT HXT  sing N N 308 
# 
_pdbx_audit_support.funding_organization   'Austrian Science Fund' 
_pdbx_audit_support.country                Austria 
_pdbx_audit_support.grant_number           P29432 
_pdbx_audit_support.ordinal                1 
# 
_space_group.name_H-M_alt     'P 41 21 2' 
_space_group.name_Hall        'P 4abw 2nw' 
_space_group.IT_number        92 
_space_group.crystal_system   tetragonal 
_space_group.id               1 
# 
_atom_sites.entry_id                    7QEC 
_atom_sites.Cartn_transf_matrix[1][1]   ? 
_atom_sites.Cartn_transf_matrix[1][2]   ? 
_atom_sites.Cartn_transf_matrix[1][3]   ? 
_atom_sites.Cartn_transf_matrix[2][1]   ? 
_atom_sites.Cartn_transf_matrix[2][2]   ? 
_atom_sites.Cartn_transf_matrix[2][3]   ? 
_atom_sites.Cartn_transf_matrix[3][1]   ? 
_atom_sites.Cartn_transf_matrix[3][2]   ? 
_atom_sites.Cartn_transf_matrix[3][3]   ? 
_atom_sites.Cartn_transf_vector[1]      ? 
_atom_sites.Cartn_transf_vector[2]      ? 
_atom_sites.Cartn_transf_vector[3]      ? 
_atom_sites.fract_transf_matrix[1][1]   -0.01463696 
_atom_sites.fract_transf_matrix[1][2]   -0.02019906 
_atom_sites.fract_transf_matrix[1][3]   -0.00691306 
_atom_sites.fract_transf_matrix[2][1]   -0.01761065 
_atom_sites.fract_transf_matrix[2][2]   0.01616152 
_atom_sites.fract_transf_matrix[2][3]   -0.00993496 
_atom_sites.fract_transf_matrix[3][1]   0.00327307 
_atom_sites.fract_transf_matrix[3][2]   -0.00024804 
_atom_sites.fract_transf_matrix[3][3]   -0.00620531 
_atom_sites.fract_transf_vector[1]      0.290823 
_atom_sites.fract_transf_vector[2]      0.396435 
_atom_sites.fract_transf_vector[3]      0.062163 
_atom_sites.solution_primary            ? 
_atom_sites.solution_secondary          ? 
_atom_sites.solution_hydrogens          ? 
_atom_sites.special_details             ? 
# 
loop_
_atom_type.symbol 
_atom_type.scat_dispersion_real 
_atom_type.scat_dispersion_imag 
_atom_type.scat_Cromer_Mann_a1 
_atom_type.scat_Cromer_Mann_a2 
_atom_type.scat_Cromer_Mann_a3 
_atom_type.scat_Cromer_Mann_a4 
_atom_type.scat_Cromer_Mann_b1 
_atom_type.scat_Cromer_Mann_b2 
_atom_type.scat_Cromer_Mann_b3 
_atom_type.scat_Cromer_Mann_b4 
_atom_type.scat_Cromer_Mann_c 
_atom_type.scat_source 
_atom_type.scat_dispersion_source 
C ? ? 3.54356 2.42580 ? ? 25.62398 1.50364  ? ? 0.0 
;2-Gaussian fit: Grosse-Kunstleve RW, Sauter NK, Adams PD: Newsletter of the IUCr Commission on Crystallographic Computing 2004, 3, 22-31.
;
? 
N ? ? 4.01032 2.96436 ? ? 19.97189 1.75589  ? ? 0.0 
;2-Gaussian fit: Grosse-Kunstleve RW, Sauter NK, Adams PD: Newsletter of the IUCr Commission on Crystallographic Computing 2004, 3, 22-31.
;
? 
O ? ? 4.49882 3.47563 ? ? 15.80542 1.70748  ? ? 0.0 
;2-Gaussian fit: Grosse-Kunstleve RW, Sauter NK, Adams PD: Newsletter of the IUCr Commission on Crystallographic Computing 2004, 3, 22-31.
;
? 
S ? ? 9.55732 6.39887 ? ? 1.23737  29.19336 ? ? 0.0 
;2-Gaussian fit: Grosse-Kunstleve RW, Sauter NK, Adams PD: Newsletter of the IUCr Commission on Crystallographic Computing 2004, 3, 22-31.
;
? 
# 
loop_
_atom_site.group_PDB 
_atom_site.id 
_atom_site.type_symbol 
_atom_site.label_atom_id 
_atom_site.label_alt_id 
_atom_site.label_comp_id 
_atom_site.label_asym_id 
_atom_site.label_entity_id 
_atom_site.label_seq_id 
_atom_site.pdbx_PDB_ins_code 
_atom_site.Cartn_x 
_atom_site.Cartn_y 
_atom_site.Cartn_z 
_atom_site.occupancy 
_atom_site.B_iso_or_equiv 
_atom_site.pdbx_formal_charge 
_atom_site.auth_seq_id 
_atom_site.auth_comp_id 
_atom_site.auth_asym_id 
_atom_site.auth_atom_id 
_atom_site.pdbx_PDB_model_num 
ATOM   1   N N   . SER A 1 1   ? 5.74164   -19.52251 -0.13387  1.000 58.10996 ? 213 SER A N   1 
ATOM   2   C CA  . SER A 1 1   ? 6.83619   -19.40086 -1.09128  1.000 60.35054 ? 213 SER A CA  1 
ATOM   3   C C   . SER A 1 1   ? 6.83144   -18.05038 -1.82535  1.000 46.34921 ? 213 SER A C   1 
ATOM   4   O O   . SER A 1 1   ? 7.73420   -17.77396 -2.61330  1.000 51.18373 ? 213 SER A O   1 
ATOM   5   C CB  . SER A 1 1   ? 6.79029   -20.55420 -2.10391  1.000 52.12087 ? 213 SER A CB  1 
ATOM   6   O OG  . SER A 1 1   ? 5.55397   -20.59525 -2.80038  1.000 60.06988 ? 213 SER A OG  1 
ATOM   7   N N   . VAL A 1 2   ? 5.82356   -17.21575 -1.56824  1.000 38.64922 ? 214 VAL A N   1 
ATOM   8   C CA  . VAL A 1 2   ? 5.81202   -15.83669 -2.05731  1.000 31.85996 ? 214 VAL A CA  1 
ATOM   9   C C   . VAL A 1 2   ? 6.37543   -14.92998 -0.96811  1.000 36.76313 ? 214 VAL A C   1 
ATOM   10  O O   . VAL A 1 2   ? 5.93721   -14.99642 0.18912   1.000 34.16625 ? 214 VAL A O   1 
ATOM   11  C CB  . VAL A 1 2   ? 4.38794   -15.40361 -2.45229  1.000 40.37685 ? 214 VAL A CB  1 
ATOM   12  C CG1 . VAL A 1 2   ? 4.35304   -13.91739 -2.83351  1.000 36.86531 ? 214 VAL A CG1 1 
ATOM   13  C CG2 . VAL A 1 2   ? 3.84728   -16.26264 -3.58221  1.000 47.39829 ? 214 VAL A CG2 1 
ATOM   14  N N   . SER A 1 3   ? 7.34058   -14.07645 -1.32576  1.000 29.74832 ? 215 SER A N   1 
ATOM   15  C CA  . SER A 1 3   ? 7.86097   -13.08660 -0.38714  1.000 37.02238 ? 215 SER A CA  1 
ATOM   16  C C   . SER A 1 3   ? 7.94396   -11.70223 -1.03211  1.000 30.77354 ? 215 SER A C   1 
ATOM   17  O O   . SER A 1 3   ? 8.00032   -11.56309 -2.25921  1.000 26.72260 ? 215 SER A O   1 
ATOM   18  C CB  . SER A 1 3   ? 9.23937   -13.49996 0.15633   1.000 34.50138 ? 215 SER A CB  1 
ATOM   19  O OG  . SER A 1 3   ? 10.07604  -13.98767 -0.86906  1.000 42.36298 ? 215 SER A OG  1 
ATOM   20  N N   . PHE A 1 4   ? 7.95390   -10.67675 -0.17471  1.000 27.65561 ? 216 PHE A N   1 
ATOM   21  C CA  . PHE A 1 4   ? 8.03489   -9.26996  -0.55859  1.000 27.25304 ? 216 PHE A CA  1 
ATOM   22  C C   . PHE A 1 4   ? 9.44814   -8.74434  -0.32257  1.000 26.82837 ? 216 PHE A C   1 
ATOM   23  O O   . PHE A 1 4   ? 10.17013  -9.24548  0.53935   1.000 25.61296 ? 216 PHE A O   1 
ATOM   24  C CB  . PHE A 1 4   ? 7.03940   -8.41703  0.25143   1.000 21.93185 ? 216 PHE A CB  1 
ATOM   25  C CG  . PHE A 1 4   ? 5.59999   -8.57751  -0.16602  1.000 28.75832 ? 216 PHE A CG  1 
ATOM   26  C CD1 . PHE A 1 4   ? 4.81821   -9.60865  0.35583   1.000 28.95023 ? 216 PHE A CD1 1 
ATOM   27  C CD2 . PHE A 1 4   ? 5.01984   -7.68742  -1.04959  1.000 27.93142 ? 216 PHE A CD2 1 
ATOM   28  C CE1 . PHE A 1 4   ? 3.49010   -9.74945  -0.01465  1.000 27.23245 ? 216 PHE A CE1 1 
ATOM   29  C CE2 . PHE A 1 4   ? 3.68168   -7.82209  -1.42174  1.000 33.84788 ? 216 PHE A CE2 1 
ATOM   30  C CZ  . PHE A 1 4   ? 2.92597   -8.86402  -0.90671  1.000 30.05672 ? 216 PHE A CZ  1 
ATOM   31  N N   . TYR A 1 5   ? 9.82208   -7.69161  -1.06481  1.000 22.70211 ? 217 TYR A N   1 
ATOM   32  C CA  . TYR A 1 5   ? 11.14145  -7.08231  -0.91240  1.000 25.86402 ? 217 TYR A CA  1 
ATOM   33  C C   . TYR A 1 5   ? 11.05713  -5.58871  -1.19701  1.000 22.25597 ? 217 TYR A C   1 
ATOM   34  O O   . TYR A 1 5   ? 10.13720  -5.11452  -1.86629  1.000 22.66774 ? 217 TYR A O   1 
ATOM   35  C CB  . TYR A 1 5   ? 12.20266  -7.75180  -1.82965  1.000 22.08346 ? 217 TYR A CB  1 
ATOM   36  C CG  . TYR A 1 5   ? 11.95172  -7.61321  -3.32601  1.000 19.66843 ? 217 TYR A CG  1 
ATOM   37  C CD1 . TYR A 1 5   ? 12.37308  -6.47737  -4.02609  1.000 20.67409 ? 217 TYR A CD1 1 
ATOM   38  C CD2 . TYR A 1 5   ? 11.30460  -8.61077  -4.03844  1.000 24.26311 ? 217 TYR A CD2 1 
ATOM   39  C CE1 . TYR A 1 5   ? 12.14303  -6.34567  -5.41567  1.000 23.82356 ? 217 TYR A CE1 1 
ATOM   40  C CE2 . TYR A 1 5   ? 11.06283  -8.48150  -5.40634  1.000 25.66156 ? 217 TYR A CE2 1 
ATOM   41  C CZ  . TYR A 1 5   ? 11.48506  -7.34298  -6.08576  1.000 28.47524 ? 217 TYR A CZ  1 
ATOM   42  O OH  . TYR A 1 5   ? 11.25668  -7.22242  -7.44592  1.000 25.93592 ? 217 TYR A OH  1 
ATOM   43  N N   . GLU A 1 6   ? 12.03625  -4.85035  -0.66438  1.000 19.85727 ? 218 GLU A N   1 
ATOM   44  C CA  . GLU A 1 6   ? 12.20212  -3.42410  -0.93457  1.000 26.12951 ? 218 GLU A CA  1 
ATOM   45  C C   . GLU A 1 6   ? 12.93305  -3.22325  -2.26476  1.000 27.31776 ? 218 GLU A C   1 
ATOM   46  O O   . GLU A 1 6   ? 14.06209  -3.70421  -2.43790  1.000 27.70821 ? 218 GLU A O   1 
ATOM   47  C CB  . GLU A 1 6   ? 12.98016  -2.77333  0.21153   1.000 29.93909 ? 218 GLU A CB  1 
ATOM   48  C CG  . GLU A 1 6   ? 12.70458  -1.31485  0.43987   1.000 41.90371 ? 218 GLU A CG  1 
ATOM   49  C CD  . GLU A 1 6   ? 13.28163  -0.80887  1.75388   1.000 53.21028 ? 218 GLU A CD  1 
ATOM   50  O OE1 . GLU A 1 6   ? 13.13806  -1.49593  2.79275   1.000 39.14623 ? 218 GLU A OE1 1 
ATOM   51  O OE2 . GLU A 1 6   ? 13.89984  0.27928   1.73673   1.000 61.04758 ? 218 GLU A OE2 1 
ATOM   52  N N   . ILE A 1 7   ? 12.30750  -2.46723  -3.17913  1.000 24.30502 ? 219 ILE A N   1 
ATOM   53  C CA  . ILE A 1 7   ? 12.79723  -2.31450  -4.55678  1.000 25.93041 ? 219 ILE A CA  1 
ATOM   54  C C   . ILE A 1 7   ? 14.19444  -1.69517  -4.59167  1.000 33.49493 ? 219 ILE A C   1 
ATOM   55  O O   . ILE A 1 7   ? 15.06243  -2.12322  -5.36910  1.000 31.34236 ? 219 ILE A O   1 
ATOM   56  C CB  . ILE A 1 7   ? 11.79063  -1.47614  -5.38122  1.000 27.24919 ? 219 ILE A CB  1 
ATOM   57  C CG1 . ILE A 1 7   ? 10.46964  -2.22931  -5.55202  1.000 22.96665 ? 219 ILE A CG1 1 
ATOM   58  C CG2 . ILE A 1 7   ? 12.37188  -1.06692  -6.73954  1.000 29.42355 ? 219 ILE A CG2 1 
ATOM   59  C CD1 . ILE A 1 7   ? 9.46006   -1.56741  -6.49298  1.000 27.45122 ? 219 ILE A CD1 1 
ATOM   60  N N   . ALA A 1 8   ? 14.43364  -0.67349  -3.76422  1.000 27.72466 ? 220 ALA A N   1 
ATOM   61  C CA  . ALA A 1 8   ? 15.66832  0.09971   -3.87083  1.000 32.68855 ? 220 ALA A CA  1 
ATOM   62  C C   . ALA A 1 8   ? 16.91175  -0.72755  -3.55979  1.000 38.27853 ? 220 ALA A C   1 
ATOM   63  O O   . ALA A 1 8   ? 17.97430  -0.46621  -4.12791  1.000 30.35045 ? 220 ALA A O   1 
ATOM   64  C CB  . ALA A 1 8   ? 15.61960  1.30764   -2.93525  1.000 34.30152 ? 220 ALA A CB  1 
ATOM   65  N N   . ASN A 1 9   ? 16.81815  -1.69603  -2.64762  1.000 31.17925 ? 221 ASN A N   1 
ATOM   66  C CA  . ASN A 1 9   ? 18.00097  -2.41279  -2.19030  1.000 30.26279 ? 221 ASN A CA  1 
ATOM   67  C C   . ASN A 1 9   ? 17.89353  -3.93227  -2.27656  1.000 33.79811 ? 221 ASN A C   1 
ATOM   68  O O   . ASN A 1 9   ? 18.88219  -4.61569  -1.98080  1.000 34.96125 ? 221 ASN A O   1 
ATOM   69  C CB  . ASN A 1 9   ? 18.33211  -2.01176  -0.74103  1.000 34.81040 ? 221 ASN A CB  1 
ATOM   70  C CG  . ASN A 1 9   ? 17.13041  -2.11913  0.18240   1.000 42.07661 ? 221 ASN A CG  1 
ATOM   71  O OD1 . ASN A 1 9   ? 16.40429  -3.11252  0.15622   1.000 34.29891 ? 221 ASN A OD1 1 
ATOM   72  N ND2 . ASN A 1 9   ? 16.91303  -1.09535  1.00397   1.000 41.10968 ? 221 ASN A ND2 1 
ATOM   73  N N   . GLY A 1 10  ? 16.73064  -4.48110  -2.64661  1.000 23.03889 ? 222 GLY A N   1 
ATOM   74  C CA  . GLY A 1 10  ? 16.52953  -5.92206  -2.72493  1.000 23.01230 ? 222 GLY A CA  1 
ATOM   75  C C   . GLY A 1 10  ? 16.37815  -6.67929  -1.40816  1.000 26.88075 ? 222 GLY A C   1 
ATOM   76  O O   . GLY A 1 10  ? 16.29572  -7.91351  -1.44719  1.000 29.78376 ? 222 GLY A O   1 
ATOM   77  N N   . ASN A 1 11  ? 16.31926  -6.00136  -0.24960  1.000 26.60007 ? 223 ASN A N   1 
ATOM   78  C CA  . ASN A 1 11  ? 16.13656  -6.69278  1.03409   1.000 27.25672 ? 223 ASN A CA  1 
ATOM   79  C C   . ASN A 1 11  ? 14.71159  -7.23557  1.19191   1.000 31.13968 ? 223 ASN A C   1 
ATOM   80  O O   . ASN A 1 11  ? 13.73554  -6.51433  0.98516   1.000 25.44697 ? 223 ASN A O   1 
ATOM   81  C CB  . ASN A 1 11  ? 16.41733  -5.75825  2.21933   1.000 31.16687 ? 223 ASN A CB  1 
ATOM   82  C CG  . ASN A 1 11  ? 17.84311  -5.28379  2.28528   1.000 41.89918 ? 223 ASN A CG  1 
ATOM   83  O OD1 . ASN A 1 11  ? 18.76720  -5.96265  1.83565   1.000 38.86139 ? 223 ASN A OD1 1 
ATOM   84  N ND2 . ASN A 1 11  ? 18.03802  -4.11429  2.88528   1.000 40.64668 ? 223 ASN A ND2 1 
ATOM   85  N N   . GLU A 1 12  ? 14.58863  -8.48185  1.63947   1.000 31.04123 ? 224 GLU A N   1 
ATOM   86  C CA  . GLU A 1 12  ? 13.27914  -9.01670  1.99970   1.000 33.32702 ? 224 GLU A CA  1 
ATOM   87  C C   . GLU A 1 12  ? 12.69710  -8.27865  3.21024   1.000 28.29065 ? 224 GLU A C   1 
ATOM   88  O O   . GLU A 1 12  ? 13.42715  -7.85854  4.11791   1.000 23.90901 ? 224 GLU A O   1 
ATOM   89  C CB  . GLU A 1 12  ? 13.39483  -10.51711 2.29291   1.000 31.66871 ? 224 GLU A CB  1 
ATOM   90  C CG  . GLU A 1 12  ? 12.07119  -11.21339 2.58182   1.000 32.06172 ? 224 GLU A CG  1 
ATOM   91  C CD  . GLU A 1 12  ? 12.21144  -12.72770 2.64702   1.000 57.68760 ? 224 GLU A CD  1 
ATOM   92  O OE1 . GLU A 1 12  ? 12.99716  -13.30141 1.85086   1.000 67.87283 ? 224 GLU A OE1 1 
ATOM   93  O OE2 . GLU A 1 12  ? 11.54015  -13.34515 3.49991   1.000 65.29126 ? 224 GLU A OE2 1 
ATOM   94  N N   . VAL A 1 13  ? 11.36770  -8.10578  3.21218   1.000 29.13681 ? 225 VAL A N   1 
ATOM   95  C CA  . VAL A 1 13  ? 10.64079  -7.42784  4.28280   1.000 29.58617 ? 225 VAL A CA  1 
ATOM   96  C C   . VAL A 1 13  ? 9.41647   -8.26325  4.62712   1.000 26.52258 ? 225 VAL A C   1 
ATOM   97  O O   . VAL A 1 13  ? 8.89475   -8.99491  3.78347   1.000 28.60432 ? 225 VAL A O   1 
ATOM   98  C CB  . VAL A 1 13  ? 10.20111  -5.98614  3.89604   1.000 26.77989 ? 225 VAL A CB  1 
ATOM   99  C CG1 . VAL A 1 13  ? 11.41208  -5.07060  3.66331   1.000 31.69136 ? 225 VAL A CG1 1 
ATOM   100 C CG2 . VAL A 1 13  ? 9.29248   -6.00890  2.67071   1.000 26.70121 ? 225 VAL A CG2 1 
ATOM   101 N N   . HIS A 1 14  ? 8.95668   -8.16700  5.87371   1.000 26.11128 ? 226 HIS A N   1 
ATOM   102 C CA  . HIS A 1 14  ? 7.67426   -8.77055  6.22360   1.000 31.04934 ? 226 HIS A CA  1 
ATOM   103 C C   . HIS A 1 14  ? 6.66873   -7.77001  6.78377   1.000 32.14198 ? 226 HIS A C   1 
ATOM   104 O O   . HIS A 1 14  ? 5.50242   -8.13755  6.97215   1.000 26.87301 ? 226 HIS A O   1 
ATOM   105 C CB  . HIS A 1 14  ? 7.85721   -9.96330  7.18921   1.000 35.73739 ? 226 HIS A CB  1 
ATOM   106 C CG  . HIS A 1 14  ? 8.07782   -9.58430  8.62112   1.000 31.41674 ? 226 HIS A CG  1 
ATOM   107 N ND1 . HIS A 1 14  ? 9.26946   -9.06475  9.08189   1.000 39.49319 ? 226 HIS A ND1 1 
ATOM   108 C CD2 . HIS A 1 14  ? 7.26494   -9.67485  9.70270   1.000 40.03124 ? 226 HIS A CD2 1 
ATOM   109 C CE1 . HIS A 1 14  ? 9.17710   -8.83458  10.38139  1.000 37.00387 ? 226 HIS A CE1 1 
ATOM   110 N NE2 . HIS A 1 14  ? 7.97044   -9.19804  10.78369  1.000 40.87176 ? 226 HIS A NE2 1 
ATOM   111 N N   . THR A 1 15  ? 7.07239   -6.51639  7.00915   1.000 27.44367 ? 227 THR A N   1 
ATOM   112 C CA  . THR A 1 15  ? 6.17029   -5.38383  7.20267   1.000 25.72642 ? 227 THR A CA  1 
ATOM   113 C C   . THR A 1 15  ? 6.68005   -4.20908  6.36053   1.000 27.44151 ? 227 THR A C   1 
ATOM   114 O O   . THR A 1 15  ? 7.85314   -4.17595  5.96976   1.000 24.21171 ? 227 THR A O   1 
ATOM   115 C CB  . THR A 1 15  ? 6.09323   -4.95612  8.67882   1.000 32.65113 ? 227 THR A CB  1 
ATOM   116 O OG1 . THR A 1 15  ? 7.40552   -4.57662  9.12561   1.000 35.67559 ? 227 THR A OG1 1 
ATOM   117 C CG2 . THR A 1 15  ? 5.58523   -6.08938  9.53876   1.000 39.68772 ? 227 THR A CG2 1 
ATOM   118 N N   . GLY A 1 16  ? 5.79728   -3.23782  6.06192   1.000 23.78014 ? 228 GLY A N   1 
ATOM   119 C CA  . GLY A 1 16  ? 6.19414   -2.06281  5.30691   1.000 22.06278 ? 228 GLY A CA  1 
ATOM   120 C C   . GLY A 1 16  ? 5.81394   -0.77031  6.02708   1.000 25.64881 ? 228 GLY A C   1 
ATOM   121 O O   . GLY A 1 16  ? 5.03411   -0.77943  6.98662   1.000 26.44151 ? 228 GLY A O   1 
ATOM   122 N N   . SER A 1 17  ? 6.35844   0.34564   5.53120   1.000 26.71630 ? 229 SER A N   1 
ATOM   123 C CA  . SER A 1 17  ? 6.03403   1.66702   6.07156   1.000 27.11988 ? 229 SER A CA  1 
ATOM   124 C C   . SER A 1 17  ? 6.17775   2.74597   4.99709   1.000 27.89246 ? 229 SER A C   1 
ATOM   125 O O   . SER A 1 17  ? 6.99140   2.61770   4.07972   1.000 26.36472 ? 229 SER A O   1 
ATOM   126 C CB  . SER A 1 17  ? 6.93944   2.01545   7.25761   1.000 27.62587 ? 229 SER A CB  1 
ATOM   127 O OG  . SER A 1 17  ? 8.26183   2.23232   6.79604   1.000 32.73939 ? 229 SER A OG  1 
ATOM   128 N N   . LEU A 1 18  ? 5.38677   3.82660   5.13651   1.000 24.19552 ? 230 LEU A N   1 
ATOM   129 C CA  . LEU A 1 18  ? 5.36988   4.95517   4.21008   1.000 24.86083 ? 230 LEU A CA  1 
ATOM   130 C C   . LEU A 1 18  ? 5.25403   6.26206   4.98892   1.000 29.07506 ? 230 LEU A C   1 
ATOM   131 O O   . LEU A 1 18  ? 4.47151   6.35446   5.93508   1.000 28.20675 ? 230 LEU A O   1 
ATOM   132 C CB  . LEU A 1 18  ? 4.16906   4.87197   3.23541   1.000 22.47592 ? 230 LEU A CB  1 
ATOM   133 C CG  . LEU A 1 18  ? 4.07666   3.79472   2.15561   1.000 27.75437 ? 230 LEU A CG  1 
ATOM   134 C CD1 . LEU A 1 18  ? 2.74506   3.89685   1.41880   1.000 24.92074 ? 230 LEU A CD1 1 
ATOM   135 C CD2 . LEU A 1 18  ? 5.23711   3.91318   1.17912   1.000 28.08065 ? 230 LEU A CD2 1 
ATOM   136 N N   . ASN A 1 19  ? 5.99604   7.28203   4.56867   1.000 32.10109 ? 231 ASN A N   1 
ATOM   137 C CA  . ASN A 1 19  ? 5.81412   8.64421   5.06724   1.000 33.05748 ? 231 ASN A CA  1 
ATOM   138 C C   . ASN A 1 19  ? 5.17089   9.48785   3.97131   1.000 36.73445 ? 231 ASN A C   1 
ATOM   139 O O   . ASN A 1 19  ? 5.69795   9.55609   2.85564   1.000 33.99365 ? 231 ASN A O   1 
ATOM   140 C CB  . ASN A 1 19  ? 7.15150   9.26561   5.48366   1.000 31.62043 ? 231 ASN A CB  1 
ATOM   141 C CG  . ASN A 1 19  ? 7.86589   8.46691   6.56538   1.000 39.65610 ? 231 ASN A CG  1 
ATOM   142 O OD1 . ASN A 1 19  ? 8.94079   7.92485   6.33136   1.000 51.03648 ? 231 ASN A OD1 1 
ATOM   143 N ND2 . ASN A 1 19  ? 7.28026   8.40879   7.75598   1.000 37.98742 ? 231 ASN A ND2 1 
ATOM   144 N N   . MET A 1 20  ? 4.05235   10.14432  4.29017   1.000 30.68617 ? 232 MET A N   1 
ATOM   145 C CA  . MET A 1 20  ? 3.28784   10.92481  3.31816   1.000 31.39514 ? 232 MET A CA  1 
ATOM   146 C C   . MET A 1 20  ? 2.99089   12.32088  3.86786   1.000 39.52232 ? 232 MET A C   1 
ATOM   147 O O   . MET A 1 20  ? 2.97648   12.53781  5.07968   1.000 33.10268 ? 232 MET A O   1 
ATOM   148 C CB  . MET A 1 20  ? 1.98088   10.21896  2.97341   1.000 34.50787 ? 232 MET A CB  1 
ATOM   149 C CG  . MET A 1 20  ? 2.20074   8.80945   2.45246   1.000 46.91332 ? 232 MET A CG  1 
ATOM   150 S SD  . MET A 1 20  ? 0.83435   8.24803   1.45645   1.000 51.07572 ? 232 MET A SD  1 
ATOM   151 C CE  . MET A 1 20  ? 1.18389   9.17637   -0.05425  1.000 45.17416 ? 232 MET A CE  1 
ATOM   152 N N   . THR A 1 21  ? 2.74187   13.27204  2.96377   1.000 38.10612 ? 233 THR A N   1 
ATOM   153 C CA  . THR A 1 21  ? 2.29458   14.61676  3.32621   1.000 37.84474 ? 233 THR A CA  1 
ATOM   154 C C   . THR A 1 21  ? 0.92689   14.87622  2.73568   1.000 31.93298 ? 233 THR A C   1 
ATOM   155 O O   . THR A 1 21  ? 0.73647   14.72574  1.52471   1.000 35.48680 ? 233 THR A O   1 
ATOM   156 C CB  . THR A 1 21  ? 3.24034   15.70860  2.82880   1.000 47.95641 ? 233 THR A CB  1 
ATOM   157 O OG1 . THR A 1 21  ? 4.58713   15.35176  3.12384   1.000 55.83643 ? 233 THR A OG1 1 
ATOM   158 C CG2 . THR A 1 21  ? 2.91554   17.04067  3.49485   1.000 51.24871 ? 233 THR A CG2 1 
ATOM   159 N N   . ALA A 1 22  ? -0.00988  15.29438  3.57970   1.000 34.18741 ? 234 ALA A N   1 
ATOM   160 C CA  . ALA A 1 22  ? -1.33328  15.66331  3.11047   1.000 36.11523 ? 234 ALA A CA  1 
ATOM   161 C C   . ALA A 1 22  ? -1.29924  17.03850  2.43158   1.000 41.77981 ? 234 ALA A C   1 
ATOM   162 O O   . ALA A 1 22  ? -0.32685  17.79143  2.53256   1.000 45.48800 ? 234 ALA A O   1 
ATOM   163 C CB  . ALA A 1 22  ? -2.32942  15.65627  4.27309   1.000 39.11699 ? 234 ALA A CB  1 
ATOM   164 N N   . ASN A 1 23  ? -2.37378  17.35699  1.72275   1.000 40.18813 ? 235 ASN A N   1 
ATOM   165 C CA  . ASN A 1 23  ? -2.45726  18.64154  1.03185   1.000 54.72932 ? 235 ASN A CA  1 
ATOM   166 C C   . ASN A 1 23  ? -2.41922  19.77821  2.05164   1.000 56.02536 ? 235 ASN A C   1 
ATOM   167 O O   . ASN A 1 23  ? -3.17147  19.74743  3.03622   1.000 56.18046 ? 235 ASN A O   1 
ATOM   168 C CB  . ASN A 1 23  ? -3.73368  18.72277  0.19136   1.000 53.00568 ? 235 ASN A CB  1 
ATOM   169 C CG  . ASN A 1 23  ? -3.80444  19.99139  -0.65101  1.000 63.10127 ? 235 ASN A CG  1 
ATOM   170 O OD1 . ASN A 1 23  ? -3.93446  21.09769  -0.12346  1.000 55.74125 ? 235 ASN A OD1 1 
ATOM   171 N ND2 . ASN A 1 23  ? -3.74303  19.82989  -1.96788  1.000 65.08666 ? 235 ASN A ND2 1 
ATOM   172 N N   . PRO A 1 24  ? -1.57227  20.79573  1.85815   1.000 64.74496 ? 236 PRO A N   1 
ATOM   173 C CA  . PRO A 1 24  ? -1.38024  21.80012  2.91795   1.000 56.44546 ? 236 PRO A CA  1 
ATOM   174 C C   . PRO A 1 24  ? -2.61707  22.62932  3.22730   1.000 59.76365 ? 236 PRO A C   1 
ATOM   175 O O   . PRO A 1 24  ? -2.72271  23.14419  4.34523   1.000 66.19336 ? 236 PRO A O   1 
ATOM   176 C CB  . PRO A 1 24  ? -0.24374  22.67381  2.37164   1.000 65.13240 ? 236 PRO A CB  1 
ATOM   177 C CG  . PRO A 1 24  ? -0.32364  22.50560  0.88596   1.000 67.38042 ? 236 PRO A CG  1 
ATOM   178 C CD  . PRO A 1 24  ? -0.75664  21.08630  0.66382   1.000 64.42630 ? 236 PRO A CD  1 
ATOM   179 N N   . THR A 1 25  ? -3.56002  22.77294  2.29803   1.000 62.69259 ? 237 THR A N   1 
ATOM   180 C CA  . THR A 1 25  ? -4.76035  23.55332  2.58079   1.000 71.31291 ? 237 THR A CA  1 
ATOM   181 C C   . THR A 1 25  ? -5.94266  22.68867  3.00759   1.000 66.67823 ? 237 THR A C   1 
ATOM   182 O O   . THR A 1 25  ? -6.60301  23.00148  4.00304   1.000 74.32590 ? 237 THR A O   1 
ATOM   183 C CB  . THR A 1 25  ? -5.14659  24.40646  1.36469   1.000 63.80069 ? 237 THR A CB  1 
ATOM   184 O OG1 . THR A 1 25  ? -5.71877  23.57297  0.34931   1.000 69.49313 ? 237 THR A OG1 1 
ATOM   185 C CG2 . THR A 1 25  ? -3.92285  25.11942  0.80421   1.000 61.28444 ? 237 THR A CG2 1 
ATOM   186 N N   . SER A 1 26  ? -6.21935  21.59854  2.28583   1.000 58.78872 ? 238 SER A N   1 
ATOM   187 C CA  . SER A 1 26  ? -7.36605  20.74959  2.59596   1.000 62.15934 ? 238 SER A CA  1 
ATOM   188 C C   . SER A 1 26  ? -7.05637  19.63670  3.59421   1.000 55.23874 ? 238 SER A C   1 
ATOM   189 O O   . SER A 1 26  ? -7.99263  19.08436  4.18364   1.000 53.52571 ? 238 SER A O   1 
ATOM   190 C CB  . SER A 1 26  ? -7.92948  20.12322  1.31106   1.000 61.83000 ? 238 SER A CB  1 
ATOM   191 O OG  . SER A 1 26  ? -7.03232  19.17645  0.75073   1.000 54.66569 ? 238 SER A OG  1 
ATOM   192 N N   . HIS A 1 27  ? -5.77791  19.29209  3.78867   1.000 50.07288 ? 239 HIS A N   1 
ATOM   193 C CA  . HIS A 1 27  ? -5.37132  18.18484  4.66088   1.000 52.50399 ? 239 HIS A CA  1 
ATOM   194 C C   . HIS A 1 27  ? -5.93281  16.84570  4.17461   1.000 42.59007 ? 239 HIS A C   1 
ATOM   195 O O   . HIS A 1 27  ? -6.29834  15.97850  4.97201   1.000 46.01379 ? 239 HIS A O   1 
ATOM   196 C CB  . HIS A 1 27  ? -5.77324  18.44979  6.11753   1.000 61.21831 ? 239 HIS A CB  1 
ATOM   197 C CG  . HIS A 1 27  ? -5.28392  19.76019  6.64667   1.000 70.87351 ? 239 HIS A CG  1 
ATOM   198 N ND1 . HIS A 1 27  ? -5.86305  20.96373  6.30478   1.000 74.27869 ? 239 HIS A ND1 1 
ATOM   199 C CD2 . HIS A 1 27  ? -4.26494  20.05770  7.48821   1.000 68.62150 ? 239 HIS A CD2 1 
ATOM   200 C CE1 . HIS A 1 27  ? -5.22195  21.94634  6.91329   1.000 73.21745 ? 239 HIS A CE1 1 
ATOM   201 N NE2 . HIS A 1 27  ? -4.24883  21.42340  7.63829   1.000 72.85046 ? 239 HIS A NE2 1 
ATOM   202 N N   . GLU A 1 28  ? -5.99358  16.66925  2.85834   1.000 38.26713 ? 240 GLU A N   1 
ATOM   203 C CA  . GLU A 1 28  ? -6.51237  15.45425  2.25155   1.000 38.03381 ? 240 GLU A CA  1 
ATOM   204 C C   . GLU A 1 28  ? -5.39667  14.67151  1.56636   1.000 33.32031 ? 240 GLU A C   1 
ATOM   205 O O   . GLU A 1 28  ? -4.34637  15.21609  1.20977   1.000 33.32213 ? 240 GLU A O   1 
ATOM   206 C CB  . GLU A 1 28  ? -7.61141  15.77601  1.23648   1.000 43.12186 ? 240 GLU A CB  1 
ATOM   207 C CG  . GLU A 1 28  ? -8.91830  16.27763  1.83899   1.000 46.90841 ? 240 GLU A CG  1 
ATOM   208 C CD  . GLU A 1 28  ? -10.02021 16.39786  0.80048   1.000 51.97420 ? 240 GLU A CD  1 
ATOM   209 O OE1 . GLU A 1 28  ? -9.70784  16.74901  -0.35859  1.000 54.15919 ? 240 GLU A OE1 1 
ATOM   210 O OE2 . GLU A 1 28  ? -11.19637 16.14899  1.14014   1.000 57.74558 ? 240 GLU A OE2 1 
ATOM   211 N N   . LEU A 1 29  ? -5.65033  13.36955  1.39643   1.000 37.44441 ? 241 LEU A N   1 
ATOM   212 C CA  . LEU A 1 29  ? -4.83548  12.46308  0.59875   1.000 31.81808 ? 241 LEU A CA  1 
ATOM   213 C C   . LEU A 1 29  ? -5.75003  11.76850  -0.38685  1.000 30.85145 ? 241 LEU A C   1 
ATOM   214 O O   . LEU A 1 29  ? -6.93751  11.58942  -0.11284  1.000 32.93163 ? 241 LEU A O   1 
ATOM   215 C CB  . LEU A 1 29  ? -4.14179  11.37486  1.44874   1.000 31.04547 ? 241 LEU A CB  1 
ATOM   216 C CG  . LEU A 1 29  ? -2.91463  11.70563  2.29587   1.000 37.57828 ? 241 LEU A CG  1 
ATOM   217 C CD1 . LEU A 1 29  ? -2.52919  10.49459  3.13232   1.000 36.81828 ? 241 LEU A CD1 1 
ATOM   218 C CD2 . LEU A 1 29  ? -1.76156  12.15483  1.41902   1.000 35.95646 ? 241 LEU A CD2 1 
ATOM   219 N N   . ASN A 1 30  ? -5.19186  11.34700  -1.52165  1.000 26.74157 ? 242 ASN A N   1 
ATOM   220 C CA  . ASN A 1 30  ? -5.93983  10.56703  -2.49504  1.000 27.05003 ? 242 ASN A CA  1 
ATOM   221 C C   . ASN A 1 30  ? -5.50460  9.10367   -2.42919  1.000 27.35609 ? 242 ASN A C   1 
ATOM   222 O O   . ASN A 1 30  ? -4.30595  8.80353   -2.31410  1.000 25.93663 ? 242 ASN A O   1 
ATOM   223 C CB  . ASN A 1 30  ? -5.73868  11.12695  -3.91045  1.000 30.93077 ? 242 ASN A CB  1 
ATOM   224 C CG  . ASN A 1 30  ? -6.76966  10.61423  -4.89370  1.000 33.98536 ? 242 ASN A CG  1 
ATOM   225 O OD1 . ASN A 1 30  ? -6.64033  9.51306   -5.43313  1.000 33.40702 ? 242 ASN A OD1 1 
ATOM   226 N ND2 . ASN A 1 30  ? -7.80147  11.41350  -5.14121  1.000 32.06814 ? 242 ASN A ND2 1 
ATOM   227 N N   . VAL A 1 31  ? -6.48355  8.19641   -2.53221  1.000 23.49554 ? 243 VAL A N   1 
ATOM   228 C CA  . VAL A 1 31  ? -6.20842  6.76119   -2.40917  1.000 29.41995 ? 243 VAL A CA  1 
ATOM   229 C C   . VAL A 1 31  ? -5.20482  6.29886   -3.46411  1.000 35.49342 ? 243 VAL A C   1 
ATOM   230 O O   . VAL A 1 31  ? -4.36735  5.41738   -3.20947  1.000 22.41828 ? 243 VAL A O   1 
ATOM   231 C CB  . VAL A 1 31  ? -7.52749  5.96372   -2.49751  1.000 27.16571 ? 243 VAL A CB  1 
ATOM   232 C CG1 . VAL A 1 31  ? -7.26210  4.48159   -2.51070  1.000 36.22507 ? 243 VAL A CG1 1 
ATOM   233 C CG2 . VAL A 1 31  ? -8.43286  6.29079   -1.32128  1.000 33.18981 ? 243 VAL A CG2 1 
ATOM   234 N N   . SER A 1 32  ? -5.26972  6.88189   -4.66524  1.000 26.39520 ? 244 SER A N   1 
ATOM   235 C CA  . SER A 1 32  ? -4.41857  6.42662   -5.76079  1.000 25.69319 ? 244 SER A CA  1 
ATOM   236 C C   . SER A 1 32  ? -2.95644  6.81902   -5.56126  1.000 26.24418 ? 244 SER A C   1 
ATOM   237 O O   . SER A 1 32  ? -2.06145  6.12172   -6.06056  1.000 25.09165 ? 244 SER A O   1 
ATOM   238 C CB  . SER A 1 32  ? -4.95399  6.97789   -7.09048  1.000 30.62209 ? 244 SER A CB  1 
ATOM   239 O OG  . SER A 1 32  ? -4.41924  8.27037   -7.36066  1.000 35.49257 ? 244 SER A OG  1 
ATOM   240 N N   . ALA A 1 33  ? -2.68905  7.90836   -4.82534  1.000 20.52130 ? 245 ALA A N   1 
ATOM   241 C CA  . ALA A 1 33  ? -1.30676  8.28263   -4.51607  1.000 26.73945 ? 245 ALA A CA  1 
ATOM   242 C C   . ALA A 1 33  ? -0.70807  7.42028   -3.40726  1.000 23.96294 ? 245 ALA A C   1 
ATOM   243 O O   . ALA A 1 33  ? 0.50244   7.16937   -3.40504  1.000 24.16260 ? 245 ALA A O   1 
ATOM   244 C CB  . ALA A 1 33  ? -1.23791  9.76205   -4.12078  1.000 27.85164 ? 245 ALA A CB  1 
ATOM   245 N N   . VAL A 1 34  ? -1.53224  6.98327   -2.45136  1.000 24.33336 ? 246 VAL A N   1 
ATOM   246 C CA  . VAL A 1 34  ? -1.07393  6.03915   -1.42920  1.000 25.59059 ? 246 VAL A CA  1 
ATOM   247 C C   . VAL A 1 34  ? -0.67231  4.71694   -2.07405  1.000 22.27214 ? 246 VAL A C   1 
ATOM   248 O O   . VAL A 1 34  ? 0.40075   4.16484   -1.78907  1.000 25.64322 ? 246 VAL A O   1 
ATOM   249 C CB  . VAL A 1 34  ? -2.17079  5.83351   -0.36890  1.000 27.23055 ? 246 VAL A CB  1 
ATOM   250 C CG1 . VAL A 1 34  ? -1.74856  4.76486   0.67148   1.000 25.52654 ? 246 VAL A CG1 1 
ATOM   251 C CG2 . VAL A 1 34  ? -2.49186  7.16262   0.29055   1.000 28.66999 ? 246 VAL A CG2 1 
ATOM   252 N N   . LEU A 1 35  ? -1.52599  4.18532   -2.95174  1.000 19.31768 ? 247 LEU A N   1 
ATOM   253 C CA  . LEU A 1 35  ? -1.17915  2.93263   -3.63448  1.000 21.23734 ? 247 LEU A CA  1 
ATOM   254 C C   . LEU A 1 35  ? 0.08132   3.07850   -4.49607  1.000 27.66555 ? 247 LEU A C   1 
ATOM   255 O O   . LEU A 1 35  ? 0.93664   2.18201   -4.51307  1.000 27.01158 ? 247 LEU A O   1 
ATOM   256 C CB  . LEU A 1 35  ? -2.35812  2.43998   -4.46828  1.000 20.97505 ? 247 LEU A CB  1 
ATOM   257 C CG  . LEU A 1 35  ? -2.19049  1.05403   -5.12398  1.000 31.24045 ? 247 LEU A CG  1 
ATOM   258 C CD1 . LEU A 1 35  ? -2.00375  -0.05563  -4.07910  1.000 26.35108 ? 247 LEU A CD1 1 
ATOM   259 C CD2 . LEU A 1 35  ? -3.34731  0.71263   -6.08322  1.000 25.74784 ? 247 LEU A CD2 1 
ATOM   260 N N   . ALA A 1 36  ? 0.22378   4.19408   -5.22320  1.000 23.58752 ? 248 ALA A N   1 
ATOM   261 C CA  . ALA A 1 36  ? 1.40395   4.33787   -6.07821  1.000 23.15631 ? 248 ALA A CA  1 
ATOM   262 C C   . ALA A 1 36  ? 2.68227   4.47254   -5.25653  1.000 21.42785 ? 248 ALA A C   1 
ATOM   263 O O   . ALA A 1 36  ? 3.74578   4.00258   -5.68022  1.000 24.55278 ? 248 ALA A O   1 
ATOM   264 C CB  . ALA A 1 36  ? 1.23119   5.53694   -7.01582  1.000 27.15349 ? 248 ALA A CB  1 
ATOM   265 N N   . ALA A 1 37  ? 2.60152   5.10676   -4.08676  1.000 19.67968 ? 249 ALA A N   1 
ATOM   266 C CA  . ALA A 1 37  ? 3.75697   5.18125   -3.19505  1.000 26.01963 ? 249 ALA A CA  1 
ATOM   267 C C   . ALA A 1 37  ? 4.17340   3.79321   -2.71175  1.000 22.70062 ? 249 ALA A C   1 
ATOM   268 O O   . ALA A 1 37  ? 5.37310   3.47408   -2.66563  1.000 24.26706 ? 249 ALA A O   1 
ATOM   269 C CB  . ALA A 1 37  ? 3.43596   6.08733   -2.00457  1.000 23.84697 ? 249 ALA A CB  1 
ATOM   270 N N   . ALA A 1 38  ? 3.19373   2.95231   -2.36049  1.000 20.51268 ? 250 ALA A N   1 
ATOM   271 C CA  . ALA A 1 38  ? 3.48399   1.59008   -1.90931  1.000 25.84623 ? 250 ALA A CA  1 
ATOM   272 C C   . ALA A 1 38  ? 4.13873   0.75152   -3.00289  1.000 25.80935 ? 250 ALA A C   1 
ATOM   273 O O   . ALA A 1 38  ? 5.11059   0.02985   -2.74178  1.000 22.06381 ? 250 ALA A O   1 
ATOM   274 C CB  . ALA A 1 38  ? 2.19568   0.91977   -1.41655  1.000 21.46796 ? 250 ALA A CB  1 
ATOM   275 N N   . LYS A 1 39  ? 3.61972   0.81913   -4.23272  1.000 24.05457 ? 251 LYS A N   1 
ATOM   276 C CA  . LYS A 1 39  ? 4.15467   0.01158   -5.32716  1.000 22.17371 ? 251 LYS A CA  1 
ATOM   277 C C   . LYS A 1 39  ? 5.44929   0.56645   -5.91446  1.000 24.75662 ? 251 LYS A C   1 
ATOM   278 O O   . LYS A 1 39  ? 6.14490   -0.15839  -6.63564  1.000 26.72253 ? 251 LYS A O   1 
ATOM   279 C CB  . LYS A 1 39  ? 3.10185   -0.13795  -6.43260  1.000 27.38325 ? 251 LYS A CB  1 
ATOM   280 C CG  . LYS A 1 39  ? 1.92241   -1.03025  -6.00597  1.000 28.71727 ? 251 LYS A CG  1 
ATOM   281 C CD  . LYS A 1 39  ? 1.12475   -1.55859  -7.20775  1.000 37.33810 ? 251 LYS A CD  1 
ATOM   282 C CE  . LYS A 1 39  ? -0.15166  -2.30654  -6.76055  1.000 29.14175 ? 251 LYS A CE  1 
ATOM   283 N NZ  . LYS A 1 39  ? -0.95894  -2.81011  -7.93857  1.000 37.54170 ? 251 LYS A NZ  1 
ATOM   284 N N   . ALA A 1 40  ? 5.78937   1.82211   -5.62952  1.000 23.10311 ? 252 ALA A N   1 
ATOM   285 C CA  . ALA A 1 40  ? 7.10762   2.34543   -5.96297  1.000 29.02007 ? 252 ALA A CA  1 
ATOM   286 C C   . ALA A 1 40  ? 8.19299   1.86258   -5.00340  1.000 29.80529 ? 252 ALA A C   1 
ATOM   287 O O   . ALA A 1 40  ? 9.37706   1.94570   -5.35189  1.000 25.70939 ? 252 ALA A O   1 
ATOM   288 C CB  . ALA A 1 40  ? 7.08341   3.87696   -5.96764  1.000 29.63989 ? 252 ALA A CB  1 
ATOM   289 N N   . LYS A 1 41  ? 7.81503   1.34417   -3.82626  1.000 23.46781 ? 253 LYS A N   1 
ATOM   290 C CA  . LYS A 1 41  ? 8.75102   0.96879   -2.76718  1.000 21.68835 ? 253 LYS A CA  1 
ATOM   291 C C   . LYS A 1 41  ? 8.88661   -0.53361  -2.55851  1.000 24.02709 ? 253 LYS A C   1 
ATOM   292 O O   . LYS A 1 41  ? 9.97646   -0.98844  -2.18729  1.000 23.12433 ? 253 LYS A O   1 
ATOM   293 C CB  . LYS A 1 41  ? 8.32606   1.61589   -1.43106  1.000 28.18821 ? 253 LYS A CB  1 
ATOM   294 C CG  . LYS A 1 41  ? 9.34069   1.44350   -0.26439  1.000 21.34128 ? 253 LYS A CG  1 
ATOM   295 C CD  . LYS A 1 41  ? 8.97760   2.28368   0.97492   1.000 20.89690 ? 253 LYS A CD  1 
ATOM   296 C CE  . LYS A 1 41  ? 9.97921   2.02067   2.09093   1.000 30.21204 ? 253 LYS A CE  1 
ATOM   297 N NZ  . LYS A 1 41  ? 9.58394   2.65618   3.37706   1.000 31.55805 ? 253 LYS A NZ  1 
ATOM   298 N N   . TYR A 1 42  ? 7.81508   -1.31144  -2.77234  1.000 18.74680 ? 254 TYR A N   1 
ATOM   299 C CA  . TYR A 1 42  ? 7.78095   -2.74318  -2.46638  1.000 22.50179 ? 254 TYR A CA  1 
ATOM   300 C C   . TYR A 1 42  ? 7.28477   -3.54059  -3.67478  1.000 24.51873 ? 254 TYR A C   1 
ATOM   301 O O   . TYR A 1 42  ? 6.42236   -3.07811  -4.42752  1.000 25.25864 ? 254 TYR A O   1 
ATOM   302 C CB  . TYR A 1 42  ? 6.86505   -3.03634  -1.24221  1.000 22.84721 ? 254 TYR A CB  1 
ATOM   303 C CG  . TYR A 1 42  ? 7.27568   -2.32425  0.04471   1.000 19.93967 ? 254 TYR A CG  1 
ATOM   304 C CD1 . TYR A 1 42  ? 8.46174   -2.66338  0.70766   1.000 15.83512 ? 254 TYR A CD1 1 
ATOM   305 C CD2 . TYR A 1 42  ? 6.48632   -1.32849  0.58580   1.000 17.61985 ? 254 TYR A CD2 1 
ATOM   306 C CE1 . TYR A 1 42  ? 8.84566   -2.02464  1.87670   1.000 26.52950 ? 254 TYR A CE1 1 
ATOM   307 C CE2 . TYR A 1 42  ? 6.86417   -0.67224  1.76865   1.000 23.84955 ? 254 TYR A CE2 1 
ATOM   308 C CZ  . TYR A 1 42  ? 8.03727   -1.02943  2.41081   1.000 26.19847 ? 254 TYR A CZ  1 
ATOM   309 O OH  . TYR A 1 42  ? 8.40256   -0.39833  3.59048   1.000 26.13416 ? 254 TYR A OH  1 
ATOM   310 N N   . ALA A 1 43  ? 7.81969   -4.75941  -3.84234  1.000 23.24846 ? 255 ALA A N   1 
ATOM   311 C CA  . ALA A 1 43  ? 7.41136   -5.68685  -4.90169  1.000 23.91801 ? 255 ALA A CA  1 
ATOM   312 C C   . ALA A 1 43  ? 7.44682   -7.11580  -4.34754  1.000 27.07134 ? 255 ALA A C   1 
ATOM   313 O O   . ALA A 1 43  ? 7.80991   -7.33615  -3.18786  1.000 23.84098 ? 255 ALA A O   1 
ATOM   314 C CB  . ALA A 1 43  ? 8.31941   -5.54194  -6.13778  1.000 24.18077 ? 255 ALA A CB  1 
ATOM   315 N N   . ALA A 1 44  ? 7.08178   -8.10363  -5.17892  1.000 21.95169 ? 256 ALA A N   1 
ATOM   316 C CA  . ALA A 1 44  ? 6.99435   -9.49266  -4.72266  1.000 21.26263 ? 256 ALA A CA  1 
ATOM   317 C C   . ALA A 1 44  ? 7.62296   -10.44367 -5.73991  1.000 30.73327 ? 256 ALA A C   1 
ATOM   318 O O   . ALA A 1 44  ? 7.70089   -10.14416 -6.93454  1.000 26.46148 ? 256 ALA A O   1 
ATOM   319 C CB  . ALA A 1 44  ? 5.54061   -9.91212  -4.46309  1.000 24.54811 ? 256 ALA A CB  1 
ATOM   320 N N   . HIS A 1 45  ? 8.05969   -11.60970 -5.25460  1.000 24.88496 ? 257 HIS A N   1 
ATOM   321 C CA  . HIS A 1 45  ? 8.62478   -12.63323 -6.13255  1.000 26.75254 ? 257 HIS A CA  1 
ATOM   322 C C   . HIS A 1 45  ? 8.51257   -14.00266 -5.46310  1.000 27.76322 ? 257 HIS A C   1 
ATOM   323 O O   . HIS A 1 45  ? 8.13605   -14.12382 -4.29178  1.000 29.39303 ? 257 HIS A O   1 
ATOM   324 C CB  . HIS A 1 45  ? 10.07817  -12.28650 -6.52491  1.000 27.23771 ? 257 HIS A CB  1 
ATOM   325 C CG  . HIS A 1 45  ? 11.06250  -12.33338 -5.39344  1.000 31.48627 ? 257 HIS A CG  1 
ATOM   326 N ND1 . HIS A 1 45  ? 10.72092  -12.07594 -4.08337  1.000 41.16652 ? 257 HIS A ND1 1 
ATOM   327 C CD2 . HIS A 1 45  ? 12.40131  -12.54015 -5.39325  1.000 28.34623 ? 257 HIS A CD2 1 
ATOM   328 C CE1 . HIS A 1 45  ? 11.79931  -12.15891 -3.32093  1.000 26.53338 ? 257 HIS A CE1 1 
ATOM   329 N NE2 . HIS A 1 45  ? 12.83128  -12.43876 -4.09323  1.000 29.77988 ? 257 HIS A NE2 1 
ATOM   330 N N   . GLN A 1 46  ? 8.80311   -15.04263 -6.24782  1.000 29.58769 ? 258 GLN A N   1 
ATOM   331 C CA  . GLN A 1 46  ? 8.87905   -16.42196 -5.76791  1.000 36.38348 ? 258 GLN A CA  1 
ATOM   332 C C   . GLN A 1 46  ? 10.31622  -16.91413 -5.92407  1.000 35.09782 ? 258 GLN A C   1 
ATOM   333 O O   . GLN A 1 46  ? 10.94032  -16.67333 -6.96181  1.000 36.51079 ? 258 GLN A O   1 
ATOM   334 C CB  . GLN A 1 46  ? 7.92540   -17.32180 -6.55642  1.000 48.56502 ? 258 GLN A CB  1 
ATOM   335 C CG  . GLN A 1 46  ? 6.78311   -17.89340 -5.75177  1.000 46.51638 ? 258 GLN A CG  1 
ATOM   336 C CD  . GLN A 1 46  ? 5.81630   -18.69926 -6.60031  1.000 62.84656 ? 258 GLN A CD  1 
ATOM   337 O OE1 . GLN A 1 46  ? 5.74147   -18.52721 -7.82279  1.000 53.54381 ? 258 GLN A OE1 1 
ATOM   338 N NE2 . GLN A 1 46  ? 5.06448   -19.58739 -5.95150  1.000 64.40671 ? 258 GLN A NE2 1 
ATOM   339 N N   . LEU A 1 47  ? 10.84670  -17.58561 -4.90342  1.000 34.75143 ? 259 LEU A N   1 
ATOM   340 C CA  . LEU A 1 47  ? 12.26169  -17.94217 -4.90865  1.000 45.99399 ? 259 LEU A CA  1 
ATOM   341 C C   . LEU A 1 47  ? 12.48463  -19.26173 -5.64448  1.000 55.98061 ? 259 LEU A C   1 
ATOM   342 O O   . LEU A 1 47  ? 11.59090  -20.11056 -5.71845  1.000 51.82523 ? 259 LEU A O   1 
ATOM   343 C CB  . LEU A 1 47  ? 12.80044  -18.04012 -3.48204  1.000 47.13386 ? 259 LEU A CB  1 
ATOM   344 C CG  . LEU A 1 47  ? 12.90976  -16.74563 -2.66414  1.000 50.64644 ? 259 LEU A CG  1 
ATOM   345 C CD1 . LEU A 1 47  ? 13.75083  -16.95870 -1.40719  1.000 51.08271 ? 259 LEU A CD1 1 
ATOM   346 C CD2 . LEU A 1 47  ? 13.47148  -15.60106 -3.49000  1.000 45.72119 ? 259 LEU A CD2 1 
ATOM   347 N N   . GLU A 1 48  ? 13.69371  -19.42835 -6.18975  1.000 53.27354 ? 260 GLU A N   1 
ATOM   348 C CA  . GLU A 1 48  ? 14.04177  -20.63628 -6.95235  1.000 63.50314 ? 260 GLU A CA  1 
ATOM   349 C C   . GLU A 1 48  ? 14.17791  -21.84647 -6.03261  1.000 49.84479 ? 260 GLU A C   1 
ATOM   350 O O   . GLU A 1 48  ? 14.78026  -21.75388 -4.96478  1.000 52.83851 ? 260 GLU A O   1 
ATOM   351 C CB  . GLU A 1 48  ? 15.34655  -20.44656 -7.75009  1.000 53.60984 ? 260 GLU A CB  1 
ATOM   352 C CG  . GLU A 1 48  ? 16.58485  -20.09305 -6.91241  1.000 55.61462 ? 260 GLU A CG  1 
ATOM   353 C CD  . GLU A 1 48  ? 17.89244  -20.11284 -7.71838  1.000 52.46443 ? 260 GLU A CD  1 
ATOM   354 O OE1 . GLU A 1 48  ? 18.57274  -21.15868 -7.76526  1.000 60.01566 ? 260 GLU A OE1 1 
ATOM   355 O OE2 . GLU A 1 48  ? 18.24349  -19.07664 -8.30637  1.000 44.13006 ? 260 GLU A OE2 1 
ATOM   356 N N   . ASN A 1 53  ? 12.43290  -22.45360 -9.70403  1.000 74.97772 ? 265 ASN A N   1 
ATOM   357 C CA  . ASN A 1 53  ? 13.07136  -21.36071 -10.43048 1.000 73.00658 ? 265 ASN A CA  1 
ATOM   358 C C   . ASN A 1 53  ? 12.34752  -20.02310 -10.19347 1.000 66.68602 ? 265 ASN A C   1 
ATOM   359 O O   . ASN A 1 53  ? 11.12012  -19.95772 -10.28790 1.000 63.57129 ? 265 ASN A O   1 
ATOM   360 C CB  . ASN A 1 53  ? 13.10243  -21.67483 -11.91478 1.000 67.85016 ? 265 ASN A CB  1 
ATOM   361 C CG  . ASN A 1 53  ? 13.21864  -20.43770 -12.74750 1.000 62.96148 ? 265 ASN A CG  1 
ATOM   362 O OD1 . ASN A 1 53  ? 12.21743  -19.85780 -13.14516 1.000 69.87778 ? 265 ASN A OD1 1 
ATOM   363 N ND2 . ASN A 1 53  ? 14.44096  -20.03416 -13.04030 1.000 65.52026 ? 265 ASN A ND2 1 
ATOM   364 N N   . GLY A 1 54  ? 13.10846  -18.95520 -9.92910  1.000 49.38105 ? 266 GLY A N   1 
ATOM   365 C CA  . GLY A 1 54  ? 12.53516  -17.71953 -9.41342  1.000 45.59257 ? 266 GLY A CA  1 
ATOM   366 C C   . GLY A 1 54  ? 11.99626  -16.76157 -10.46881 1.000 49.91330 ? 266 GLY A C   1 
ATOM   367 O O   . GLY A 1 54  ? 12.51527  -16.67174 -11.58237 1.000 44.09140 ? 266 GLY A O   1 
ATOM   368 N N   . ALA A 1 55  ? 10.95007  -16.01984 -10.09007 1.000 37.01829 ? 267 ALA A N   1 
ATOM   369 C CA  . ALA A 1 55  ? 10.28672  -15.09822 -11.00672 1.000 41.58290 ? 267 ALA A CA  1 
ATOM   370 C C   . ALA A 1 55  ? 9.45972   -14.07799 -10.22798 1.000 46.68419 ? 267 ALA A C   1 
ATOM   371 O O   . ALA A 1 55  ? 9.03812   -14.32205 -9.09523  1.000 32.89653 ? 267 ALA A O   1 
ATOM   372 C CB  . ALA A 1 55  ? 9.39156   -15.85046 -11.99915 1.000 40.80376 ? 267 ALA A CB  1 
ATOM   373 N N   . SER A 1 56  ? 9.20662   -12.94139 -10.87490 1.000 44.18076 ? 268 SER A N   1 
ATOM   374 C CA  . SER A 1 56  ? 8.37662   -11.89587 -10.29087 1.000 41.43632 ? 268 SER A CA  1 
ATOM   375 C C   . SER A 1 56  ? 6.93660   -12.37708 -10.13527 1.000 35.59264 ? 268 SER A C   1 
ATOM   376 O O   . SER A 1 56  ? 6.44100   -13.17146 -10.93283 1.000 35.57182 ? 268 SER A O   1 
ATOM   377 C CB  . SER A 1 56  ? 8.41695   -10.64648 -11.16883 1.000 44.21702 ? 268 SER A CB  1 
ATOM   378 O OG  . SER A 1 56  ? 9.63599   -9.93904  -10.99966 1.000 47.31090 ? 268 SER A OG  1 
ATOM   379 N N   . VAL A 1 57  ? 6.26842   -11.88333 -9.08774  1.000 35.03161 ? 269 VAL A N   1 
ATOM   380 C CA  . VAL A 1 57  ? 4.87379   -12.18738 -8.78214  1.000 34.21862 ? 269 VAL A CA  1 
ATOM   381 C C   . VAL A 1 57  ? 4.09926   -10.87319 -8.78200  1.000 38.04126 ? 269 VAL A C   1 
ATOM   382 O O   . VAL A 1 57  ? 4.57704   -9.86655  -8.24617  1.000 30.63705 ? 269 VAL A O   1 
ATOM   383 C CB  . VAL A 1 57  ? 4.74738   -12.91296 -7.41862  1.000 37.74339 ? 269 VAL A CB  1 
ATOM   384 C CG1 . VAL A 1 57  ? 3.35961   -12.77442 -6.83288  1.000 39.88483 ? 269 VAL A CG1 1 
ATOM   385 C CG2 . VAL A 1 57  ? 5.10868   -14.39910 -7.55760  1.000 39.79176 ? 269 VAL A CG2 1 
ATOM   386 N N   . ALA A 1 58  ? 2.90536   -10.88058 -9.37386  1.000 34.39682 ? 270 ALA A N   1 
ATOM   387 C CA  . ALA A 1 58  ? 2.13056   -9.65072  -9.50263  1.000 32.94535 ? 270 ALA A CA  1 
ATOM   388 C C   . ALA A 1 58  ? 1.50610   -9.25190  -8.16503  1.000 30.97481 ? 270 ALA A C   1 
ATOM   389 O O   . ALA A 1 58  ? 0.99968   -10.10044 -7.43014  1.000 30.39905 ? 270 ALA A O   1 
ATOM   390 C CB  . ALA A 1 58  ? 1.02800   -9.83284  -10.54932 1.000 36.75173 ? 270 ALA A CB  1 
ATOM   391 N N   . VAL A 1 59  ? 1.52603   -7.95098  -7.86466  1.000 33.10879 ? 271 VAL A N   1 
ATOM   392 C CA  . VAL A 1 59  ? 0.79244   -7.37978  -6.73215  1.000 31.07784 ? 271 VAL A CA  1 
ATOM   393 C C   . VAL A 1 59  ? -0.62198  -7.04897  -7.20974  1.000 34.29874 ? 271 VAL A C   1 
ATOM   394 O O   . VAL A 1 59  ? -0.80480  -6.16422  -8.04928  1.000 36.20914 ? 271 VAL A O   1 
ATOM   395 C CB  . VAL A 1 59  ? 1.48770   -6.12772  -6.18749  1.000 33.47897 ? 271 VAL A CB  1 
ATOM   396 C CG1 . VAL A 1 59  ? 0.69711   -5.56940  -4.99985  1.000 32.74946 ? 271 VAL A CG1 1 
ATOM   397 C CG2 . VAL A 1 59  ? 2.91183   -6.43082  -5.79491  1.000 40.01498 ? 271 VAL A CG2 1 
ATOM   398 N N   A THR A 1 60  ? -1.62473  -7.74513  -6.66375  0.805 29.76808 ? 272 THR A N   1 
ATOM   399 N N   B THR A 1 60  ? -1.62381  -7.73441  -6.64644  0.195 30.77627 ? 272 THR A N   1 
ATOM   400 C CA  A THR A 1 60  ? -2.98673  -7.70687  -7.19345  0.805 30.94682 ? 272 THR A CA  1 
ATOM   401 C CA  B THR A 1 60  ? -2.98300  -7.70686  -7.18240  0.195 30.74869 ? 272 THR A CA  1 
ATOM   402 C C   A THR A 1 60  ? -3.84503  -6.56146  -6.65599  0.805 36.26431 ? 272 THR A C   1 
ATOM   403 C C   B THR A 1 60  ? -3.83582  -6.55257  -6.66155  0.195 35.98984 ? 272 THR A C   1 
ATOM   404 O O   A THR A 1 60  ? -4.89332  -6.27123  -7.24655  0.805 36.41155 ? 272 THR A O   1 
ATOM   405 O O   B THR A 1 60  ? -4.85847  -6.23771  -7.28017  0.195 36.45605 ? 272 THR A O   1 
ATOM   406 C CB  A THR A 1 60  ? -3.71101  -9.02371  -6.88612  0.805 31.79135 ? 272 THR A CB  1 
ATOM   407 C CB  B THR A 1 60  ? -3.69476  -9.02881  -6.87276  0.195 32.24083 ? 272 THR A CB  1 
ATOM   408 O OG1 A THR A 1 60  ? -3.73517  -9.22371  -5.47109  0.805 33.42713 ? 272 THR A OG1 1 
ATOM   409 O OG1 B THR A 1 60  ? -5.10997  -8.81276  -6.80896  0.195 32.84215 ? 272 THR A OG1 1 
ATOM   410 C CG2 A THR A 1 60  ? -3.01052  -10.20420 -7.55376  0.805 30.47344 ? 272 THR A CG2 1 
ATOM   411 C CG2 B THR A 1 60  ? -3.22179  -9.59138  -5.54891  0.195 33.21335 ? 272 THR A CG2 1 
ATOM   412 N N   . THR A 1 61  ? -3.46107  -5.93029  -5.54519  1.000 28.18097 ? 273 THR A N   1 
ATOM   413 C CA  . THR A 1 61  ? -4.27027  -4.84718  -4.97371  1.000 27.34543 ? 273 THR A CA  1 
ATOM   414 C C   . THR A 1 61  ? -4.42347  -3.66918  -5.94498  1.000 33.49649 ? 273 THR A C   1 
ATOM   415 O O   . THR A 1 61  ? -3.42652  -3.09445  -6.39024  1.000 26.19451 ? 273 THR A O   1 
ATOM   416 C CB  . THR A 1 61  ? -3.61687  -4.34680  -3.67873  1.000 32.06710 ? 273 THR A CB  1 
ATOM   417 O OG1 . THR A 1 61  ? -3.42913  -5.43717  -2.77289  1.000 32.85239 ? 273 THR A OG1 1 
ATOM   418 C CG2 . THR A 1 61  ? -4.48241  -3.25938  -2.98925  1.000 26.51397 ? 273 THR A CG2 1 
ATOM   419 N N   . ASP A 1 62  ? -5.67071  -3.27353  -6.23879  1.000 28.16943 ? 274 ASP A N   1 
ATOM   420 C CA  . ASP A 1 62  ? -5.92005  -2.10727  -7.08982  1.000 33.32805 ? 274 ASP A CA  1 
ATOM   421 C C   . ASP A 1 62  ? -6.61680  -0.99585  -6.29162  1.000 32.04513 ? 274 ASP A C   1 
ATOM   422 O O   . ASP A 1 62  ? -6.84867  -1.11155  -5.08197  1.000 25.82858 ? 274 ASP A O   1 
ATOM   423 C CB  . ASP A 1 62  ? -6.71298  -2.49698  -8.35058  1.000 33.34462 ? 274 ASP A CB  1 
ATOM   424 C CG  . ASP A 1 62  ? -8.16026  -2.92927  -8.05960  1.000 42.67061 ? 274 ASP A CG  1 
ATOM   425 O OD1 . ASP A 1 62  ? -8.64179  -2.81839  -6.90914  1.000 39.63235 ? 274 ASP A OD1 1 
ATOM   426 O OD2 . ASP A 1 62  ? -8.83175  -3.38447  -9.01424  1.000 48.72086 ? 274 ASP A OD2 1 
ATOM   427 N N   . VAL A 1 63  ? -6.95403  0.10243   -6.97804  1.000 25.05221 ? 275 VAL A N   1 
ATOM   428 C CA  . VAL A 1 63  ? -7.38611  1.29203   -6.23237  1.000 28.89276 ? 275 VAL A CA  1 
ATOM   429 C C   . VAL A 1 63  ? -8.75940  1.07628   -5.59164  1.000 31.93862 ? 275 VAL A C   1 
ATOM   430 O O   . VAL A 1 63  ? -9.04433  1.61852   -4.51482  1.000 28.98651 ? 275 VAL A O   1 
ATOM   431 C CB  . VAL A 1 63  ? -7.33381  2.54917   -7.13590  1.000 36.30316 ? 275 VAL A CB  1 
ATOM   432 C CG1 . VAL A 1 63  ? -8.53389  2.64608   -8.05248  1.000 34.56936 ? 275 VAL A CG1 1 
ATOM   433 C CG2 . VAL A 1 63  ? -7.19807  3.80217   -6.29936  1.000 35.11354 ? 275 VAL A CG2 1 
ATOM   434 N N   . LYS A 1 64  ? -9.61891  0.25628   -6.19191  1.000 29.15817 ? 276 LYS A N   1 
ATOM   435 C CA  . LYS A 1 64  ? -10.89504 0.01957   -5.52809  1.000 37.65752 ? 276 LYS A CA  1 
ATOM   436 C C   . LYS A 1 64  ? -10.77072 -0.93712  -4.33789  1.000 39.83098 ? 276 LYS A C   1 
ATOM   437 O O   . LYS A 1 64  ? -11.53798 -0.80784  -3.37783  1.000 36.44140 ? 276 LYS A O   1 
ATOM   438 C CB  . LYS A 1 64  ? -11.93292 -0.48449  -6.53323  1.000 42.62883 ? 276 LYS A CB  1 
ATOM   439 C CG  . LYS A 1 64  ? -12.14242 0.45659   -7.72320  1.000 48.55546 ? 276 LYS A CG  1 
ATOM   440 C CD  . LYS A 1 64  ? -12.97151 1.70286   -7.34034  1.000 67.04409 ? 276 LYS A CD  1 
ATOM   441 C CE  . LYS A 1 64  ? -12.13791 2.99613   -7.39259  1.000 59.60373 ? 276 LYS A CE  1 
ATOM   442 N NZ  . LYS A 1 64  ? -12.68216 4.09370   -6.54075  1.000 55.22414 ? 276 LYS A NZ  1 
ATOM   443 N N   . ASP A 1 65  ? -9.82502  -1.88790  -4.36476  1.000 28.20812 ? 277 ASP A N   1 
ATOM   444 C CA  . ASP A 1 65  ? -9.58302  -2.72476  -3.18444  1.000 27.90824 ? 277 ASP A CA  1 
ATOM   445 C C   . ASP A 1 65  ? -9.14304  -1.87842  -2.00078  1.000 27.69830 ? 277 ASP A C   1 
ATOM   446 O O   . ASP A 1 65  ? -9.63838  -2.04554  -0.87608  1.000 33.39287 ? 277 ASP A O   1 
ATOM   447 C CB  . ASP A 1 65  ? -8.51597  -3.79152  -3.47076  1.000 32.85652 ? 277 ASP A CB  1 
ATOM   448 C CG  . ASP A 1 65  ? -8.94767  -4.80380  -4.52371  1.000 46.95856 ? 277 ASP A CG  1 
ATOM   449 O OD1 . ASP A 1 65  ? -10.13134 -5.19618  -4.52487  1.000 56.13135 ? 277 ASP A OD1 1 
ATOM   450 O OD2 . ASP A 1 65  ? -8.08864  -5.21782  -5.34640  1.000 50.25985 ? 277 ASP A OD2 1 
ATOM   451 N N   . LEU A 1 66  ? -8.19032  -0.97163  -2.23512  1.000 24.71187 ? 278 LEU A N   1 
ATOM   452 C CA  . LEU A 1 66  ? -7.71575  -0.09428  -1.17393  1.000 28.78834 ? 278 LEU A CA  1 
ATOM   453 C C   . LEU A 1 66  ? -8.82604  0.82765   -0.68832  1.000 31.62184 ? 278 LEU A C   1 
ATOM   454 O O   . LEU A 1 66  ? -8.94757  1.08063   0.51645   1.000 32.69311 ? 278 LEU A O   1 
ATOM   455 C CB  . LEU A 1 66  ? -6.51306  0.71267   -1.66439  1.000 30.58059 ? 278 LEU A CB  1 
ATOM   456 C CG  . LEU A 1 66  ? -5.92442  1.68940   -0.64291  1.000 33.72919 ? 278 LEU A CG  1 
ATOM   457 C CD1 . LEU A 1 66  ? -5.66632  0.97240   0.68617   1.000 32.64941 ? 278 LEU A CD1 1 
ATOM   458 C CD2 . LEU A 1 66  ? -4.63876  2.31234   -1.18957  1.000 31.85219 ? 278 LEU A CD2 1 
ATOM   459 N N   . THR A 1 67  ? -9.66419  1.31790   -1.60640  1.000 28.04376 ? 279 THR A N   1 
ATOM   460 C CA  . THR A 1 67  ? -10.79592 2.14672   -1.19290  1.000 32.46949 ? 279 THR A CA  1 
ATOM   461 C C   . THR A 1 67  ? -11.72720 1.37726   -0.25181  1.000 30.82470 ? 279 THR A C   1 
ATOM   462 O O   . THR A 1 67  ? -12.16849 1.91298   0.77332   1.000 30.64670 ? 279 THR A O   1 
ATOM   463 C CB  . THR A 1 67  ? -11.55774 2.66240   -2.42526  1.000 33.42346 ? 279 THR A CB  1 
ATOM   464 O OG1 . THR A 1 67  ? -10.69043 3.47161   -3.22385  1.000 31.77884 ? 279 THR A OG1 1 
ATOM   465 C CG2 . THR A 1 67  ? -12.74848 3.51833   -2.00628  1.000 35.11113 ? 279 THR A CG2 1 
ATOM   466 N N   . ASP A 1 68  ? -12.01763 0.11185   -0.57385  1.000 38.58473 ? 280 ASP A N   1 
ATOM   467 C CA  . ASP A 1 68  ? -12.90429 -0.69947  0.26215   1.000 32.55339 ? 280 ASP A CA  1 
ATOM   468 C C   . ASP A 1 68  ? -12.27462 -1.03427  1.61716   1.000 39.64935 ? 280 ASP A C   1 
ATOM   469 O O   . ASP A 1 68  ? -12.97671 -1.06809  2.63636   1.000 38.26828 ? 280 ASP A O   1 
ATOM   470 C CB  . ASP A 1 68  ? -13.28920 -1.98041  -0.47666  1.000 45.25333 ? 280 ASP A CB  1 
ATOM   471 C CG  . ASP A 1 68  ? -14.13477 -1.71350  -1.71178  1.000 58.93711 ? 280 ASP A CG  1 
ATOM   472 O OD1 . ASP A 1 68  ? -14.76028 -0.63491  -1.77921  1.000 61.42410 ? 280 ASP A OD1 1 
ATOM   473 O OD2 . ASP A 1 68  ? -14.18920 -2.58554  -2.60819  1.000 55.10648 ? 280 ASP A OD2 1 
ATOM   474 N N   . GLN A 1 69  ? -10.96288 -1.30808  1.65264   1.000 32.27067 ? 281 GLN A N   1 
ATOM   475 C CA  . GLN A 1 69  ? -10.28649 -1.51963  2.93333   1.000 26.99287 ? 281 GLN A CA  1 
ATOM   476 C C   . GLN A 1 69  ? -10.44940 -0.30537  3.84224   1.000 35.55536 ? 281 GLN A C   1 
ATOM   477 O O   . GLN A 1 69  ? -10.80090 -0.43817  5.01993   1.000 31.05381 ? 281 GLN A O   1 
ATOM   478 C CB  . GLN A 1 69  ? -8.79114  -1.80925  2.72252   1.000 34.08955 ? 281 GLN A CB  1 
ATOM   479 C CG  . GLN A 1 69  ? -8.42970  -3.21028  2.24557   1.000 29.57229 ? 281 GLN A CG  1 
ATOM   480 C CD  . GLN A 1 69  ? -6.91727  -3.41776  2.16050   1.000 29.65368 ? 281 GLN A CD  1 
ATOM   481 O OE1 . GLN A 1 69  ? -6.20761  -3.22393  3.13966   1.000 33.19163 ? 281 GLN A OE1 1 
ATOM   482 N NE2 . GLN A 1 69  ? -6.42717  -3.80597  0.99222   1.000 32.07986 ? 281 GLN A NE2 1 
ATOM   483 N N   . LEU A 1 70  ? -10.18244 0.89564   3.31306   1.000 28.83611 ? 282 LEU A N   1 
ATOM   484 C CA  . LEU A 1 70  ? -10.26327 2.09907   4.14129   1.000 32.72389 ? 282 LEU A CA  1 
ATOM   485 C C   . LEU A 1 70  ? -11.69849 2.38774   4.57968   1.000 30.06699 ? 282 LEU A C   1 
ATOM   486 O O   . LEU A 1 70  ? -11.93439 2.77772   5.73341   1.000 32.18315 ? 282 LEU A O   1 
ATOM   487 C CB  . LEU A 1 70  ? -9.67735  3.29930   3.38857   1.000 34.89393 ? 282 LEU A CB  1 
ATOM   488 C CG  . LEU A 1 70  ? -8.22135  3.16174   2.93211   1.000 34.60625 ? 282 LEU A CG  1 
ATOM   489 C CD1 . LEU A 1 70  ? -7.82199  4.35444   2.06560   1.000 39.23263 ? 282 LEU A CD1 1 
ATOM   490 C CD2 . LEU A 1 70  ? -7.27436  3.01967   4.11636   1.000 38.54651 ? 282 LEU A CD2 1 
ATOM   491 N N   . THR A 1 71  ? -12.66456 2.20792   3.67460   1.000 29.47708 ? 283 THR A N   1 
ATOM   492 C CA  . THR A 1 71  ? -14.06993 2.43347   4.01306   1.000 34.27198 ? 283 THR A CA  1 
ATOM   493 C C   . THR A 1 71  ? -14.51883 1.56069   5.18460   1.000 43.61264 ? 283 THR A C   1 
ATOM   494 O O   . THR A 1 71  ? -15.29575 2.00338   6.04051   1.000 40.21319 ? 283 THR A O   1 
ATOM   495 C CB  . THR A 1 71  ? -14.95308 2.16476   2.79020   1.000 33.62884 ? 283 THR A CB  1 
ATOM   496 O OG1 . THR A 1 71  ? -14.71285 3.16138   1.78599   1.000 38.17131 ? 283 THR A OG1 1 
ATOM   497 C CG2 . THR A 1 71  ? -16.43000 2.17882   3.18894   1.000 37.59149 ? 283 THR A CG2 1 
ATOM   498 N N   . LYS A 1 72  ? -14.04660 0.31622   5.24074   1.000 42.18823 ? 284 LYS A N   1 
ATOM   499 C CA  . LYS A 1 72  ? -14.41533 -0.58599  6.32663   1.000 42.72560 ? 284 LYS A CA  1 
ATOM   500 C C   . LYS A 1 72  ? -13.65575 -0.30473  7.61291   1.000 40.24038 ? 284 LYS A C   1 
ATOM   501 O O   . LYS A 1 72  ? -13.97648 -0.89762  8.64545   1.000 44.85167 ? 284 LYS A O   1 
ATOM   502 C CB  . LYS A 1 72  ? -14.18751 -2.03644  5.89531   1.000 40.63726 ? 284 LYS A CB  1 
ATOM   503 C CG  . LYS A 1 72  ? -15.10962 -2.46092  4.79298   1.000 44.54843 ? 284 LYS A CG  1 
ATOM   504 C CD  . LYS A 1 72  ? -16.55478 -2.18937  5.21186   1.000 55.60022 ? 284 LYS A CD  1 
ATOM   505 C CE  . LYS A 1 72  ? -17.54873 -2.80025  4.24148   1.000 48.63945 ? 284 LYS A CE  1 
ATOM   506 N NZ  . LYS A 1 72  ? -17.22763 -2.45855  2.83547   1.000 60.04316 ? 284 LYS A NZ  1 
ATOM   507 N N   . ALA A 1 73  ? -12.65825 0.56934   7.57459   1.000 43.59014 ? 285 ALA A N   1 
ATOM   508 C CA  . ALA A 1 73  ? -11.96310 1.02868   8.76611   1.000 41.49015 ? 285 ALA A CA  1 
ATOM   509 C C   . ALA A 1 73  ? -12.55628 2.31442   9.33805   1.000 48.83084 ? 285 ALA A C   1 
ATOM   510 O O   . ALA A 1 73  ? -11.93634 2.92881   10.21152  1.000 55.90178 ? 285 ALA A O   1 
ATOM   511 C CB  . ALA A 1 73  ? -10.47921 1.24694   8.45888   1.000 40.85844 ? 285 ALA A CB  1 
ATOM   512 N N   . GLY A 1 74  ? -13.72186 2.74639   8.85379   1.000 39.88971 ? 286 GLY A N   1 
ATOM   513 C CA  . GLY A 1 74  ? -14.33713 3.97218   9.31975   1.000 35.91405 ? 286 GLY A CA  1 
ATOM   514 C C   . GLY A 1 74  ? -13.89724 5.24948   8.62499   1.000 43.95722 ? 286 GLY A C   1 
ATOM   515 O O   . GLY A 1 74  ? -14.34540 6.32965   9.02609   1.000 44.64823 ? 286 GLY A O   1 
ATOM   516 N N   . ILE A 1 75  ? -13.04511 5.16771   7.59930   1.000 39.87003 ? 287 ILE A N   1 
ATOM   517 C CA  . ILE A 1 75  ? -12.53333 6.34293   6.88950   1.000 39.81209 ? 287 ILE A CA  1 
ATOM   518 C C   . ILE A 1 75  ? -13.42641 6.63916   5.68666   1.000 43.60420 ? 287 ILE A C   1 
ATOM   519 O O   . ILE A 1 75  ? -13.73716 5.73855   4.89856   1.000 41.94146 ? 287 ILE A O   1 
ATOM   520 C CB  . ILE A 1 75  ? -11.07673 6.11604   6.44510   1.000 47.11092 ? 287 ILE A CB  1 
ATOM   521 C CG1 . ILE A 1 75  ? -10.18665 5.84825   7.66352   1.000 39.71691 ? 287 ILE A CG1 1 
ATOM   522 C CG2 . ILE A 1 75  ? -10.56895 7.30773   5.62277   1.000 45.67236 ? 287 ILE A CG2 1 
ATOM   523 C CD1 . ILE A 1 75  ? -8.71410  5.64313   7.34196   1.000 33.51454 ? 287 ILE A CD1 1 
ATOM   524 N N   . LYS A 1 76  ? -13.81787 7.90493   5.52273   1.000 37.60055 ? 288 LYS A N   1 
ATOM   525 C CA  . LYS A 1 76  ? -14.74811 8.29850   4.46719   1.000 43.56974 ? 288 LYS A CA  1 
ATOM   526 C C   . LYS A 1 76  ? -13.98551 8.77494   3.23083   1.000 35.63867 ? 288 LYS A C   1 
ATOM   527 O O   . LYS A 1 76  ? -13.19336 9.72039   3.31717   1.000 38.20766 ? 288 LYS A O   1 
ATOM   528 C CB  . LYS A 1 76  ? -15.68105 9.39803   4.97817   1.000 46.04486 ? 288 LYS A CB  1 
ATOM   529 C CG  . LYS A 1 76  ? -16.61694 9.96693   3.92257   1.000 44.43011 ? 288 LYS A CG  1 
ATOM   530 C CD  . LYS A 1 76  ? -17.40720 8.87698   3.22011   1.000 52.12699 ? 288 LYS A CD  1 
ATOM   531 C CE  . LYS A 1 76  ? -18.78318 9.37875   2.79641   1.000 66.25051 ? 288 LYS A CE  1 
ATOM   532 N NZ  . LYS A 1 76  ? -18.72516 10.20660  1.55967   1.000 68.98466 ? 288 LYS A NZ  1 
ATOM   533 N N   . VAL A 1 77  ? -14.25863 8.15575   2.07916   1.000 35.82176 ? 289 VAL A N   1 
ATOM   534 C CA  . VAL A 1 77  ? -13.57532 8.45533   0.81602   1.000 39.87154 ? 289 VAL A CA  1 
ATOM   535 C C   . VAL A 1 77  ? -14.61283 8.93419   -0.19924  1.000 38.58011 ? 289 VAL A C   1 
ATOM   536 O O   . VAL A 1 77  ? -15.55874 8.20012   -0.51514  1.000 38.68924 ? 289 VAL A O   1 
ATOM   537 C CB  . VAL A 1 77  ? -12.81676 7.23161   0.26747   1.000 41.53129 ? 289 VAL A CB  1 
ATOM   538 C CG1 . VAL A 1 77  ? -12.03217 7.60740   -1.00315  1.000 28.99974 ? 289 VAL A CG1 1 
ATOM   539 C CG2 . VAL A 1 77  ? -11.88600 6.61651   1.33361   1.000 30.00896 ? 289 VAL A CG2 1 
ATOM   540 N N   . ASP A 1 78  ? -14.41296 10.13713  -0.74693  1.000 36.83792 ? 290 ASP A N   1 
ATOM   541 C CA  . ASP A 1 78  ? -15.38807 10.71904  -1.66990  1.000 38.20765 ? 290 ASP A CA  1 
ATOM   542 C C   . ASP A 1 78  ? -15.22951 10.12245  -3.06725  1.000 41.85890 ? 290 ASP A C   1 
ATOM   543 O O   . ASP A 1 78  ? -14.27187 9.39236   -3.34262  1.000 38.07753 ? 290 ASP A O   1 
ATOM   544 C CB  . ASP A 1 78  ? -15.27852 12.25477  -1.66090  1.000 40.31275 ? 290 ASP A CB  1 
ATOM   545 C CG  . ASP A 1 78  ? -13.98642 12.79854  -2.27869  1.000 42.61641 ? 290 ASP A CG  1 
ATOM   546 O OD1 . ASP A 1 78  ? -13.44070 12.22005  -3.24463  1.000 44.15277 ? 290 ASP A OD1 1 
ATOM   547 O OD2 . ASP A 1 78  ? -13.52333 13.85899  -1.79919  1.000 50.39291 ? 290 ASP A OD2 1 
ATOM   548 N N   . PRO A 1 79  ? -16.17021 10.40572  -3.98014  1.000 35.36222 ? 291 PRO A N   1 
ATOM   549 C CA  . PRO A 1 79  ? -16.10176 9.79223   -5.31974  1.000 39.94604 ? 291 PRO A CA  1 
ATOM   550 C C   . PRO A 1 79  ? -14.83197 10.10536  -6.10434  1.000 37.66679 ? 291 PRO A C   1 
ATOM   551 O O   . PRO A 1 79  ? -14.55739 9.41821   -7.09597  1.000 41.02310 ? 291 PRO A O   1 
ATOM   552 C CB  . PRO A 1 79  ? -17.34042 10.36125  -6.02665  1.000 47.47200 ? 291 PRO A CB  1 
ATOM   553 C CG  . PRO A 1 79  ? -18.30748 10.61549  -4.92781  1.000 41.09230 ? 291 PRO A CG  1 
ATOM   554 C CD  . PRO A 1 79  ? -17.47339 11.06530  -3.75514  1.000 44.97940 ? 291 PRO A CD  1 
ATOM   555 N N   . LEU A 1 80  ? -14.04820 11.10180  -5.70474  1.000 33.55437 ? 292 LEU A N   1 
ATOM   556 C CA  . LEU A 1 80  ? -12.79287 11.39913  -6.38946  1.000 41.46141 ? 292 LEU A CA  1 
ATOM   557 C C   . LEU A 1 80  ? -11.59210 10.64731  -5.81030  1.000 41.14690 ? 292 LEU A C   1 
ATOM   558 O O   . LEU A 1 80  ? -10.48563 10.76510  -6.35593  1.000 35.59721 ? 292 LEU A O   1 
ATOM   559 C CB  . LEU A 1 80  ? -12.51255 12.90514  -6.34810  1.000 36.94119 ? 292 LEU A CB  1 
ATOM   560 C CG  . LEU A 1 80  ? -13.53181 13.86744  -6.97137  1.000 37.61970 ? 292 LEU A CG  1 
ATOM   561 C CD1 . LEU A 1 80  ? -12.94954 15.28279  -6.97089  1.000 33.25530 ? 292 LEU A CD1 1 
ATOM   562 C CD2 . LEU A 1 80  ? -13.90625 13.42727  -8.37826  1.000 38.81664 ? 292 LEU A CD2 1 
ATOM   563 N N   . GLY A 1 81  ? -11.78262 9.88595   -4.73220  1.000 30.28200 ? 293 GLY A N   1 
ATOM   564 C CA  . GLY A 1 81  ? -10.70260 9.18389   -4.06219  1.000 27.81942 ? 293 GLY A CA  1 
ATOM   565 C C   . GLY A 1 81  ? -10.02970 9.94588   -2.94212  1.000 34.10705 ? 293 GLY A C   1 
ATOM   566 O O   . GLY A 1 81  ? -9.02933  9.45939   -2.40309  1.000 29.09814 ? 293 GLY A O   1 
ATOM   567 N N   . ASN A 1 82  ? -10.53986 11.12398  -2.57187  1.000 34.94331 ? 294 ASN A N   1 
ATOM   568 C CA  . ASN A 1 82  ? -9.93386  11.95538  -1.53924  1.000 28.42073 ? 294 ASN A CA  1 
ATOM   569 C C   . ASN A 1 82  ? -10.51449 11.62924  -0.16720  1.000 33.84253 ? 294 ASN A C   1 
ATOM   570 O O   . ASN A 1 82  ? -11.69549 11.29701  -0.04327  1.000 33.13016 ? 294 ASN A O   1 
ATOM   571 C CB  . ASN A 1 82  ? -10.15314 13.44302  -1.84589  1.000 30.59414 ? 294 ASN A CB  1 
ATOM   572 C CG  . ASN A 1 82  ? -9.47816  13.87582  -3.13741  1.000 46.81007 ? 294 ASN A CG  1 
ATOM   573 O OD1 . ASN A 1 82  ? -8.31808  13.53438  -3.38518  1.000 37.78701 ? 294 ASN A OD1 1 
ATOM   574 N ND2 . ASN A 1 82  ? -10.18971 14.64994  -3.95378  1.000 39.57141 ? 294 ASN A ND2 1 
ATOM   575 N N   . PHE A 1 83  ? -9.67531  11.74303  0.86692   1.000 31.39859 ? 295 PHE A N   1 
ATOM   576 C CA  . PHE A 1 83  ? -10.10997 11.47564  2.23225   1.000 32.09627 ? 295 PHE A CA  1 
ATOM   577 C C   . PHE A 1 83  ? -9.27914  12.30824  3.18766   1.000 33.04358 ? 295 PHE A C   1 
ATOM   578 O O   . PHE A 1 83  ? -8.12266  12.62837  2.91097   1.000 35.55193 ? 295 PHE A O   1 
ATOM   579 C CB  . PHE A 1 83  ? -10.04449 9.97335   2.59369   1.000 36.19429 ? 295 PHE A CB  1 
ATOM   580 C CG  . PHE A 1 83  ? -8.63868  9.37787   2.62836   1.000 34.60008 ? 295 PHE A CG  1 
ATOM   581 C CD1 . PHE A 1 83  ? -8.01463  8.96389   1.45489   1.000 29.21819 ? 295 PHE A CD1 1 
ATOM   582 C CD2 . PHE A 1 83  ? -7.98372  9.16703   3.84474   1.000 29.00097 ? 295 PHE A CD2 1 
ATOM   583 C CE1 . PHE A 1 83  ? -6.73655  8.38511   1.47300   1.000 31.09358 ? 295 PHE A CE1 1 
ATOM   584 C CE2 . PHE A 1 83  ? -6.70610  8.59856   3.88343   1.000 33.27305 ? 295 PHE A CE2 1 
ATOM   585 C CZ  . PHE A 1 83  ? -6.07748  8.20219   2.68084   1.000 30.61181 ? 295 PHE A CZ  1 
ATOM   586 N N   . GLN A 1 84  ? -9.89576  12.70289  4.30245   1.000 38.10496 ? 296 GLN A N   1 
ATOM   587 C CA  . GLN A 1 84  ? -9.16343  13.47133  5.30026   1.000 37.29901 ? 296 GLN A CA  1 
ATOM   588 C C   . GLN A 1 84  ? -8.16186  12.57012  6.00965   1.000 37.52840 ? 296 GLN A C   1 
ATOM   589 O O   . GLN A 1 84  ? -8.51481  11.49242  6.49747   1.000 41.22199 ? 296 GLN A O   1 
ATOM   590 C CB  . GLN A 1 84  ? -10.12200 14.11213  6.30232   1.000 50.75958 ? 296 GLN A CB  1 
ATOM   591 C CG  . GLN A 1 84  ? -10.25867 15.62373  6.08944   1.000 57.59957 ? 296 GLN A CG  1 
ATOM   592 C CD  . GLN A 1 84  ? -11.10280 16.30198  7.14675   1.000 71.25474 ? 296 GLN A CD  1 
ATOM   593 O OE1 . GLN A 1 84  ? -12.32699 16.15097  7.18122   1.000 69.31983 ? 296 GLN A OE1 1 
ATOM   594 N NE2 . GLN A 1 84  ? -10.44647 17.04934  8.02923   1.000 70.11469 ? 296 GLN A NE2 1 
ATOM   595 N N   . ALA A 1 85  ? -6.90981  13.00335  6.06627   1.000 36.81580 ? 297 ALA A N   1 
ATOM   596 C CA  . ALA A 1 85  ? -5.85935  12.09597  6.49787   1.000 47.12862 ? 297 ALA A CA  1 
ATOM   597 C C   . ALA A 1 85  ? -5.83489  11.93622  8.01702   1.000 50.43078 ? 297 ALA A C   1 
ATOM   598 O O   . ALA A 1 85  ? -6.13529  12.86257  8.77424   1.000 49.41434 ? 297 ALA A O   1 
ATOM   599 C CB  . ALA A 1 85  ? -4.49663  12.57680  5.99015   1.000 44.86581 ? 297 ALA A CB  1 
ATOM   600 N N   . GLN A 1 86  ? -5.47919  10.73399  8.45216   1.000 49.84052 ? 298 GLN A N   1 
ATOM   601 C CA  . GLN A 1 86  ? -5.15741  10.45270  9.84142   1.000 47.59588 ? 298 GLN A CA  1 
ATOM   602 C C   . GLN A 1 86  ? -3.65103  10.56177  10.04271  1.000 47.28581 ? 298 GLN A C   1 
ATOM   603 O O   . GLN A 1 86  ? -2.86524  10.41472  9.10400   1.000 41.70662 ? 298 GLN A O   1 
ATOM   604 C CB  . GLN A 1 86  ? -5.62762  9.04772   10.23837  1.000 51.84187 ? 298 GLN A CB  1 
ATOM   605 C CG  . GLN A 1 86  ? -7.01716  8.68352   9.74516   1.000 50.10072 ? 298 GLN A CG  1 
ATOM   606 C CD  . GLN A 1 86  ? -8.08968  9.12079   10.72558  1.000 55.63509 ? 298 GLN A CD  1 
ATOM   607 O OE1 . GLN A 1 86  ? -7.87743  9.09688   11.93716  1.000 48.67281 ? 298 GLN A OE1 1 
ATOM   608 N NE2 . GLN A 1 86  ? -9.24062  9.53610   10.20608  1.000 52.30960 ? 298 GLN A NE2 1 
ATOM   609 N N   . ALA A 1 87  ? -3.25107  10.80626  11.29047  1.000 36.42099 ? 299 ALA A N   1 
ATOM   610 C CA  . ALA A 1 87  ? -1.83092  10.76022  11.62281  1.000 41.62215 ? 299 ALA A CA  1 
ATOM   611 C C   . ALA A 1 87  ? -1.22655  9.37515   11.36137  1.000 33.79490 ? 299 ALA A C   1 
ATOM   612 O O   . ALA A 1 87  ? -0.07637  9.27233   10.91806  1.000 31.10169 ? 299 ALA A O   1 
ATOM   613 C CB  . ALA A 1 87  ? -1.62289  11.16702  13.08065  1.000 43.09015 ? 299 ALA A CB  1 
ATOM   614 N N   . SER A 1 88  ? -1.97199  8.30229   11.65773  1.000 32.60827 ? 300 SER A N   1 
ATOM   615 C CA  . SER A 1 88  ? -1.50060  6.92339   11.48021  1.000 33.59650 ? 300 SER A CA  1 
ATOM   616 C C   . SER A 1 88  ? -2.64057  6.03332   11.00678  1.000 30.36919 ? 300 SER A C   1 
ATOM   617 O O   . SER A 1 88  ? -3.70503  6.03748   11.61892  1.000 30.85359 ? 300 SER A O   1 
ATOM   618 C CB  . SER A 1 88  ? -0.93912  6.34430   12.78941  1.000 41.48866 ? 300 SER A CB  1 
ATOM   619 O OG  . SER A 1 88  ? 0.38358   6.78738   13.04976  1.000 54.18169 ? 300 SER A OG  1 
ATOM   620 N N   . PHE A 1 89  ? -2.41955  5.25193   9.94035   1.000 24.14798 ? 301 PHE A N   1 
ATOM   621 C CA  . PHE A 1 89  ? -3.39322  4.24459   9.51552   1.000 23.97902 ? 301 PHE A CA  1 
ATOM   622 C C   . PHE A 1 89  ? -2.64302  3.15196   8.75597   1.000 25.32974 ? 301 PHE A C   1 
ATOM   623 O O   . PHE A 1 89  ? -1.45249  3.28736   8.47786   1.000 27.91182 ? 301 PHE A O   1 
ATOM   624 C CB  . PHE A 1 89  ? -4.52842  4.85710   8.67026   1.000 23.90965 ? 301 PHE A CB  1 
ATOM   625 C CG  . PHE A 1 89  ? -4.09057  5.38410   7.30783   1.000 29.96241 ? 301 PHE A CG  1 
ATOM   626 C CD1 . PHE A 1 89  ? -3.61299  6.67912   7.16962   1.000 33.76213 ? 301 PHE A CD1 1 
ATOM   627 C CD2 . PHE A 1 89  ? -4.19709  4.59078   6.17034   1.000 29.48439 ? 301 PHE A CD2 1 
ATOM   628 C CE1 . PHE A 1 89  ? -3.21897  7.17608   5.92396   1.000 32.82242 ? 301 PHE A CE1 1 
ATOM   629 C CE2 . PHE A 1 89  ? -3.79818  5.06743   4.92682   1.000 27.32421 ? 301 PHE A CE2 1 
ATOM   630 C CZ  . PHE A 1 89  ? -3.31155  6.36497   4.80543   1.000 26.76313 ? 301 PHE A CZ  1 
ATOM   631 N N   . SER A 1 90  ? -3.33376  2.05457   8.42887   1.000 26.12403 ? 302 SER A N   1 
ATOM   632 C CA  . SER A 1 90  ? -2.65956  0.93883   7.75312   1.000 29.03755 ? 302 SER A CA  1 
ATOM   633 C C   . SER A 1 90  ? -3.53684  0.33911   6.65776   1.000 26.55920 ? 302 SER A C   1 
ATOM   634 O O   . SER A 1 90  ? -4.73415  0.60216   6.57659   1.000 23.29483 ? 302 SER A O   1 
ATOM   635 C CB  . SER A 1 90  ? -2.24443  -0.16210  8.74595   1.000 35.90661 ? 302 SER A CB  1 
ATOM   636 O OG  . SER A 1 90  ? -3.37728  -0.80191  9.32863   1.000 32.99048 ? 302 SER A OG  1 
ATOM   637 N N   . PHE A 1 91  ? -2.90747  -0.47241  5.79581   1.000 26.69553 ? 303 PHE A N   1 
ATOM   638 C CA  . PHE A 1 91  ? -3.60197  -1.26319  4.78435   1.000 23.48919 ? 303 PHE A CA  1 
ATOM   639 C C   . PHE A 1 91  ? -2.70945  -2.45193  4.41088   1.000 25.77732 ? 303 PHE A C   1 
ATOM   640 O O   . PHE A 1 91  ? -1.52882  -2.49312  4.76773   1.000 25.60543 ? 303 PHE A O   1 
ATOM   641 C CB  . PHE A 1 91  ? -3.96995  -0.41350  3.55010   1.000 20.46898 ? 303 PHE A CB  1 
ATOM   642 C CG  . PHE A 1 91  ? -2.77891  0.07822   2.75637   1.000 25.11857 ? 303 PHE A CG  1 
ATOM   643 C CD1 . PHE A 1 91  ? -2.12203  1.24483   3.11855   1.000 25.33851 ? 303 PHE A CD1 1 
ATOM   644 C CD2 . PHE A 1 91  ? -2.33877  -0.61562  1.63248   1.000 26.69560 ? 303 PHE A CD2 1 
ATOM   645 C CE1 . PHE A 1 91  ? -1.02699  1.71976   2.38606   1.000 30.54427 ? 303 PHE A CE1 1 
ATOM   646 C CE2 . PHE A 1 91  ? -1.24943  -0.16508  0.90138   1.000 29.24912 ? 303 PHE A CE2 1 
ATOM   647 C CZ  . PHE A 1 91  ? -0.58626  1.01319   1.27972   1.000 24.63966 ? 303 PHE A CZ  1 
ATOM   648 N N   . ASN A 1 92  ? -3.28449  -3.42357  3.69570   1.000 23.93444 ? 304 ASN A N   1 
ATOM   649 C CA  . ASN A 1 92  ? -2.54667  -4.60802  3.23512   1.000 24.94793 ? 304 ASN A CA  1 
ATOM   650 C C   . ASN A 1 92  ? -2.38022  -4.61255  1.71295   1.000 23.33273 ? 304 ASN A C   1 
ATOM   651 O O   . ASN A 1 92  ? -3.34432  -4.37846  0.96996   1.000 23.50412 ? 304 ASN A O   1 
ATOM   652 C CB  . ASN A 1 92  ? -3.24953  -5.90712  3.65936   1.000 26.81523 ? 304 ASN A CB  1 
ATOM   653 C CG  . ASN A 1 92  ? -3.37641  -6.06337  5.18042   1.000 28.54636 ? 304 ASN A CG  1 
ATOM   654 O OD1 . ASN A 1 92  ? -4.46769  -5.96050  5.73505   1.000 33.17496 ? 304 ASN A OD1 1 
ATOM   655 N ND2 . ASN A 1 92  ? -2.27107  -6.33766  5.84610   1.000 24.42580 ? 304 ASN A ND2 1 
ATOM   656 N N   . LEU A 1 93  ? -1.15939  -4.89069  1.25407   1.000 24.76764 ? 305 LEU A N   1 
ATOM   657 C CA  . LEU A 1 93  ? -0.89373  -5.24468  -0.13877  1.000 24.17764 ? 305 LEU A CA  1 
ATOM   658 C C   . LEU A 1 93  ? -0.99795  -6.75359  -0.30690  1.000 27.70999 ? 305 LEU A C   1 
ATOM   659 O O   . LEU A 1 93  ? -0.50313  -7.50534  0.53445   1.000 32.18417 ? 305 LEU A O   1 
ATOM   660 C CB  . LEU A 1 93  ? 0.50888   -4.80641  -0.55881  1.000 27.57244 ? 305 LEU A CB  1 
ATOM   661 C CG  . LEU A 1 93  ? 0.78686   -3.35862  -0.92368  1.000 32.25585 ? 305 LEU A CG  1 
ATOM   662 C CD1 . LEU A 1 93  ? 2.22215   -3.27930  -1.43375  1.000 28.73828 ? 305 LEU A CD1 1 
ATOM   663 C CD2 . LEU A 1 93  ? -0.19126  -2.86195  -1.97584  1.000 30.30979 ? 305 LEU A CD2 1 
ATOM   664 N N   . ALA A 1 94  ? -1.63249  -7.20164  -1.39215  1.000 22.95624 ? 306 ALA A N   1 
ATOM   665 C CA  . ALA A 1 94  ? -1.77744  -8.63337  -1.64509  1.000 28.70352 ? 306 ALA A CA  1 
ATOM   666 C C   . ALA A 1 94  ? -1.02029  -9.04286  -2.90274  1.000 30.47719 ? 306 ALA A C   1 
ATOM   667 O O   . ALA A 1 94  ? -0.91035  -8.27958  -3.86420  1.000 27.64272 ? 306 ALA A O   1 
ATOM   668 C CB  . ALA A 1 94  ? -3.25565  -9.03734  -1.78297  1.000 28.16582 ? 306 ALA A CB  1 
ATOM   669 N N   . ALA A 1 95  ? -0.47396  -10.25254 -2.88671  1.000 30.69164 ? 307 ALA A N   1 
ATOM   670 C CA  . ALA A 1 95  ? 0.20842   -10.79343 -4.05262  1.000 34.77845 ? 307 ALA A CA  1 
ATOM   671 C C   . ALA A 1 95  ? -0.25772  -12.22120 -4.25406  1.000 42.81644 ? 307 ALA A C   1 
ATOM   672 O O   . ALA A 1 95  ? -0.52399  -12.93485 -3.28194  1.000 35.37150 ? 307 ALA A O   1 
ATOM   673 C CB  . ALA A 1 95  ? 1.74534   -10.75598 -3.90003  1.000 35.44511 ? 307 ALA A CB  1 
ATOM   674 N N   . LYS A 1 96  ? -0.35208  -12.63108 -5.51736  1.000 41.14790 ? 308 LYS A N   1 
ATOM   675 C CA  . LYS A 1 96  ? -0.84054  -13.95610 -5.87230  1.000 51.74358 ? 308 LYS A CA  1 
ATOM   676 C C   . LYS A 1 96  ? 0.03344   -14.52970 -6.97747  1.000 62.73607 ? 308 LYS A C   1 
ATOM   677 O O   . LYS A 1 96  ? 0.29274   -13.85682 -7.98112  1.000 47.84802 ? 308 LYS A O   1 
ATOM   678 C CB  . LYS A 1 96  ? -2.30555  -13.89721 -6.32478  1.000 52.09855 ? 308 LYS A CB  1 
ATOM   679 C CG  . LYS A 1 96  ? -3.00604  -15.25520 -6.42213  1.000 65.90422 ? 308 LYS A CG  1 
ATOM   680 C CD  . LYS A 1 96  ? -2.49609  -16.25717 -5.39190  1.000 70.05054 ? 308 LYS A CD  1 
ATOM   681 C CE  . LYS A 1 96  ? -3.18920  -17.61478 -5.52672  1.000 78.30542 ? 308 LYS A CE  1 
ATOM   682 N NZ  . LYS A 1 96  ? -2.43335  -18.56327 -6.40386  1.000 79.21134 ? 308 LYS A NZ  1 
ATOM   683 N N   . SER A 1 97  ? 0.49199   -15.76258 -6.78359  1.000 59.16855 ? 309 SER A N   1 
ATOM   684 C CA  . SER A 1 97  ? 1.24456   -16.46507 -7.81168  1.000 58.12239 ? 309 SER A CA  1 
ATOM   685 C C   . SER A 1 97  ? 0.30760   -17.07839 -8.84689  1.000 56.91832 ? 309 SER A C   1 
ATOM   686 O O   . SER A 1 97  ? 0.69022   -17.28007 -9.99861  1.000 73.82433 ? 309 SER A O   1 
ATOM   687 C CB  . SER A 1 97  ? 2.12090   -17.55245 -7.19416  1.000 63.57304 ? 309 SER A CB  1 
ATOM   688 O OG  . SER A 1 97  ? 2.63541   -18.40776 -8.20081  1.000 68.15210 ? 309 SER A OG  1 
ATOM   689 N N   . ALA A 1 102 ? -0.71242  -19.73555 -4.29481  1.000 71.62633 ? 314 ALA A N   1 
ATOM   690 C CA  . ALA A 1 102 ? 0.15160   -19.12751 -3.28783  1.000 72.71752 ? 314 ALA A CA  1 
ATOM   691 C C   . ALA A 1 102 ? -0.14355  -17.63416 -3.12118  1.000 69.72963 ? 314 ALA A C   1 
ATOM   692 O O   . ALA A 1 102 ? 0.19341   -16.83319 -3.99413  1.000 69.64623 ? 314 ALA A O   1 
ATOM   693 C CB  . ALA A 1 102 ? 1.61116   -19.34107 -3.65425  1.000 64.58962 ? 314 ALA A CB  1 
ATOM   694 N N   . THR A 1 103 ? -0.77094  -17.27121 -2.00140  1.000 67.80717 ? 315 THR A N   1 
ATOM   695 C CA  . THR A 1 103 ? -1.09665  -15.89033 -1.67187  1.000 62.29420 ? 315 THR A CA  1 
ATOM   696 C C   . THR A 1 103 ? -0.22658  -15.40757 -0.51733  1.000 66.69063 ? 315 THR A C   1 
ATOM   697 O O   . THR A 1 103 ? 0.28962   -16.20790 0.26751   1.000 72.54382 ? 315 THR A O   1 
ATOM   698 C CB  . THR A 1 103 ? -2.56949  -15.73349 -1.27054  1.000 69.92993 ? 315 THR A CB  1 
ATOM   699 O OG1 . THR A 1 103 ? -2.69879  -15.93886 0.14280   1.000 71.21219 ? 315 THR A OG1 1 
ATOM   700 C CG2 . THR A 1 103 ? -3.44751  -16.74202 -1.99854  1.000 67.83717 ? 315 THR A CG2 1 
ATOM   701 N N   . ALA A 1 104 ? -0.09633  -14.08629 -0.40171  1.000 49.79747 ? 316 ALA A N   1 
ATOM   702 C CA  . ALA A 1 104 ? 0.68551   -13.46770 0.66091   1.000 36.34414 ? 316 ALA A CA  1 
ATOM   703 C C   . ALA A 1 104 ? 0.26212   -12.00964 0.80013   1.000 32.98148 ? 316 ALA A C   1 
ATOM   704 O O   . ALA A 1 104 ? -0.18229  -11.38425 -0.16674  1.000 28.98608 ? 316 ALA A O   1 
ATOM   705 C CB  . ALA A 1 104 ? 2.18740   -13.56580 0.38099   1.000 34.97233 ? 316 ALA A CB  1 
ATOM   706 N N   . THR A 1 105 ? 0.39096   -11.47455 2.01265   1.000 31.43375 ? 317 THR A N   1 
ATOM   707 C CA  . THR A 1 105 ? 0.02274   -10.09165 2.26583   1.000 26.31574 ? 317 THR A CA  1 
ATOM   708 C C   . THR A 1 105 ? 1.18946   -9.37194  2.92896   1.000 26.69810 ? 317 THR A C   1 
ATOM   709 O O   . THR A 1 105 ? 1.97883   -9.97479  3.66331   1.000 30.79659 ? 317 THR A O   1 
ATOM   710 C CB  . THR A 1 105 ? -1.28476  -9.97302  3.13608   1.000 39.62063 ? 317 THR A CB  1 
ATOM   711 O OG1 . THR A 1 105 ? -1.14969  -10.70784 4.35821   1.000 41.64165 ? 317 THR A OG1 1 
ATOM   712 C CG2 . THR A 1 105 ? -2.49721  -10.49848 2.37416   1.000 41.29111 ? 317 THR A CG2 1 
ATOM   713 N N   . LEU A 1 106 ? 1.30990   -8.08132  2.62847   1.000 23.22655 ? 318 LEU A N   1 
ATOM   714 C CA  . LEU A 1 106 ? 2.29607   -7.20379  3.26355   1.000 20.59514 ? 318 LEU A CA  1 
ATOM   715 C C   . LEU A 1 106 ? 1.56111   -6.08633  3.98955   1.000 24.94282 ? 318 LEU A C   1 
ATOM   716 O O   . LEU A 1 106 ? 0.91833   -5.25016  3.32419   1.000 23.06722 ? 318 LEU A O   1 
ATOM   717 C CB  . LEU A 1 106 ? 3.24933   -6.60664  2.22388   1.000 19.40514 ? 318 LEU A CB  1 
ATOM   718 C CG  . LEU A 1 106 ? 4.34850   -5.69212  2.78696   1.000 21.02565 ? 318 LEU A CG  1 
ATOM   719 C CD1 . LEU A 1 106 ? 5.29577   -6.49521  3.69039   1.000 22.14525 ? 318 LEU A CD1 1 
ATOM   720 C CD2 . LEU A 1 106 ? 5.15173   -4.97521  1.64920   1.000 21.59145 ? 318 LEU A CD2 1 
ATOM   721 N N   . PRO A 1 107 ? 1.60708   -6.02545  5.32271   1.000 22.55503 ? 319 PRO A N   1 
ATOM   722 C CA  . PRO A 1 107 ? 0.95480   -4.91664  6.04920   1.000 22.39406 ? 319 PRO A CA  1 
ATOM   723 C C   . PRO A 1 107 ? 1.82125   -3.66549  6.00905   1.000 27.80166 ? 319 PRO A C   1 
ATOM   724 O O   . PRO A 1 107 ? 3.01739   -3.72051  6.30652   1.000 27.50026 ? 319 PRO A O   1 
ATOM   725 C CB  . PRO A 1 107 ? 0.83005   -5.45156  7.48353   1.000 22.86682 ? 319 PRO A CB  1 
ATOM   726 C CG  . PRO A 1 107 ? 2.01541   -6.40061  7.62877   1.000 26.98249 ? 319 PRO A CG  1 
ATOM   727 C CD  . PRO A 1 107 ? 2.23129   -7.00595  6.23577   1.000 24.94329 ? 319 PRO A CD  1 
ATOM   728 N N   . ILE A 1 108 ? 1.20685   -2.53036  5.67536   1.000 21.92393 ? 320 ILE A N   1 
ATOM   729 C CA  . ILE A 1 108 ? 1.92128   -1.26410  5.52741   1.000 23.21157 ? 320 ILE A CA  1 
ATOM   730 C C   . ILE A 1 108 ? 1.30495   -0.23318  6.47532   1.000 23.89441 ? 320 ILE A C   1 
ATOM   731 O O   . ILE A 1 108 ? 0.10800   0.04114   6.39691   1.000 22.03518 ? 320 ILE A O   1 
ATOM   732 C CB  . ILE A 1 108 ? 1.89295   -0.77165  4.07380   1.000 22.13051 ? 320 ILE A CB  1 
ATOM   733 C CG1 . ILE A 1 108 ? 2.76293   -1.70704  3.20470   1.000 24.98831 ? 320 ILE A CG1 1 
ATOM   734 C CG2 . ILE A 1 108 ? 2.41609   0.68063   3.97375   1.000 27.04127 ? 320 ILE A CG2 1 
ATOM   735 C CD1 . ILE A 1 108 ? 2.77995   -1.35552  1.76434   1.000 30.32529 ? 320 ILE A CD1 1 
ATOM   736 N N   . THR A 1 109 ? 2.12480   0.33775   7.36090   1.000 25.29064 ? 321 THR A N   1 
ATOM   737 C CA  . THR A 1 109 ? 1.71308   1.43038   8.24078   1.000 23.97037 ? 321 THR A CA  1 
ATOM   738 C C   . THR A 1 109 ? 2.16525   2.78118   7.68046   1.000 23.55425 ? 321 THR A C   1 
ATOM   739 O O   . THR A 1 109 ? 3.35773   2.98403   7.42434   1.000 26.82111 ? 321 THR A O   1 
ATOM   740 C CB  . THR A 1 109 ? 2.28935   1.23937   9.64766   1.000 31.44581 ? 321 THR A CB  1 
ATOM   741 O OG1 . THR A 1 109 ? 1.83166   -0.00702  10.19052  1.000 32.66996 ? 321 THR A OG1 1 
ATOM   742 C CG2 . THR A 1 109 ? 1.83324   2.36753   10.56430  1.000 35.07861 ? 321 THR A CG2 1 
ATOM   743 N N   . VAL A 1 110 ? 1.21940   3.71672   7.55368   1.000 27.54128 ? 322 VAL A N   1 
ATOM   744 C CA  . VAL A 1 110 ? 1.44981   5.05011   6.98764   1.000 23.50544 ? 322 VAL A CA  1 
ATOM   745 C C   . VAL A 1 110 ? 1.46291   6.08859   8.10565   1.000 28.22613 ? 322 VAL A C   1 
ATOM   746 O O   . VAL A 1 110 ? 0.53768   6.13032   8.92639   1.000 29.83749 ? 322 VAL A O   1 
ATOM   747 C CB  . VAL A 1 110 ? 0.35105   5.40341   5.96714   1.000 30.15109 ? 322 VAL A CB  1 
ATOM   748 C CG1 . VAL A 1 110 ? 0.64018   6.75085   5.27541   1.000 28.33328 ? 322 VAL A CG1 1 
ATOM   749 C CG2 . VAL A 1 110 ? 0.19947   4.29726   4.95728   1.000 26.34346 ? 322 VAL A CG2 1 
ATOM   750 N N   . SER A 1 111 ? 2.48354   6.94760   8.11139   1.000 28.91737 ? 323 SER A N   1 
ATOM   751 C CA  . SER A 1 111 ? 2.54291   8.12548   8.97101   1.000 33.69635 ? 323 SER A CA  1 
ATOM   752 C C   . SER A 1 111 ? 2.42415   9.38447   8.11662   1.000 32.84363 ? 323 SER A C   1 
ATOM   753 O O   . SER A 1 111 ? 3.12787   9.51752   7.11120   1.000 38.00940 ? 323 SER A O   1 
ATOM   754 C CB  . SER A 1 111 ? 3.85167   8.16247   9.76266   1.000 37.18764 ? 323 SER A CB  1 
ATOM   755 O OG  . SER A 1 111 ? 3.80917   7.27238   10.86445  1.000 59.50774 ? 323 SER A OG  1 
ATOM   756 N N   . VAL A 1 112 ? 1.56885   10.31951  8.53863   1.000 31.31041 ? 324 VAL A N   1 
ATOM   757 C CA  . VAL A 1 112 ? 1.21202   11.50159  7.75380   1.000 37.66760 ? 324 VAL A CA  1 
ATOM   758 C C   . VAL A 1 112 ? 1.66489   12.76351  8.48347   1.000 46.62558 ? 324 VAL A C   1 
ATOM   759 O O   . VAL A 1 112 ? 1.28097   12.98916  9.63544   1.000 41.45440 ? 324 VAL A O   1 
ATOM   760 C CB  . VAL A 1 112 ? -0.30277  11.56936  7.48850   1.000 36.76583 ? 324 VAL A CB  1 
ATOM   761 C CG1 . VAL A 1 112 ? -0.63833  12.81866  6.68670   1.000 39.59749 ? 324 VAL A CG1 1 
ATOM   762 C CG2 . VAL A 1 112 ? -0.78461  10.30757  6.76228   1.000 32.67166 ? 324 VAL A CG2 1 
ATOM   763 N N   . ALA A 1 113 ? 2.44337   13.60700  7.79495   1.000 45.74771 ? 325 ALA A N   1 
ATOM   764 C CA  . ALA A 1 113 ? 2.84420   14.89075  8.36878   1.000 61.43040 ? 325 ALA A CA  1 
ATOM   765 C C   . ALA A 1 113 ? 1.67131   15.85177  8.55229   1.000 60.64408 ? 325 ALA A C   1 
ATOM   766 O O   . ALA A 1 113 ? 1.77359   16.78294  9.35897   1.000 74.52124 ? 325 ALA A O   1 
ATOM   767 C CB  . ALA A 1 113 ? 3.91577   15.55148  7.49924   1.000 49.70137 ? 325 ALA A CB  1 
ATOM   768 N N   . ASN A 1 114 ? 0.57375   15.65168  7.82713   1.000 66.02591 ? 326 ASN A N   1 
ATOM   769 C CA  . ASN A 1 114 ? -0.61935  16.50971  7.91310   1.000 72.13104 ? 326 ASN A CA  1 
ATOM   770 C C   . ASN A 1 114 ? -0.33958  17.94848  7.51659   1.000 63.94898 ? 326 ASN A C   1 
ATOM   771 O O   . ASN A 1 114 ? -1.27890  18.73908  7.45725   1.000 64.96562 ? 326 ASN A O   1 
ATOM   772 C CB  . ASN A 1 114 ? -1.22820  16.48428  9.31558   1.000 53.70893 ? 326 ASN A CB  1 
ATOM   773 C CG  . ASN A 1 114 ? -2.47852  15.63367  9.39357   1.000 59.54797 ? 326 ASN A CG  1 
ATOM   774 O OD1 . ASN A 1 114 ? -3.58209  16.10960  9.13613   1.000 73.90697 ? 326 ASN A OD1 1 
ATOM   775 N ND2 . ASN A 1 114 ? -2.31458  14.37127  9.76715   1.000 62.26818 ? 326 ASN A ND2 1 
ATOM   776 O OXT . ASN A 1 114 ? 0.79596   18.34190  7.23416   1.000 68.82084 ? 326 ASN A OXT 1 
HETATM 777 O O   . HOH B 2 .   ? -16.04267 -4.07377  1.71862   0.50  54.76803 ? 401 HOH A O   1 
HETATM 778 O O   . HOH B 2 .   ? -18.75271 11.40863  -0.39932  1.000 58.26541 ? 402 HOH A O   1 
HETATM 779 O O   . HOH B 2 .   ? -10.43367 10.12898  8.11329   1.000 46.89327 ? 403 HOH A O   1 
HETATM 780 O O   . HOH B 2 .   ? 13.28800  1.91526   -0.05200  1.000 39.33451 ? 404 HOH A O   1 
HETATM 781 O O   . HOH B 2 .   ? -12.53155 11.41190  5.05808   1.000 40.53302 ? 405 HOH A O   1 
HETATM 782 O O   . HOH B 2 .   ? 10.52064  -1.18405  4.82503   1.000 44.79412 ? 406 HOH A O   1 
HETATM 783 O O   . HOH B 2 .   ? 15.71707  -10.50125 -1.12736  1.000 26.72912 ? 407 HOH A O   1 
HETATM 784 O O   . HOH B 2 .   ? 7.34180   5.84302   8.52015   1.000 48.79532 ? 408 HOH A O   1 
HETATM 785 O O   . HOH B 2 .   ? 9.16430   -8.02819  -8.91618  1.000 42.56051 ? 409 HOH A O   1 
HETATM 786 O O   . HOH B 2 .   ? 5.53360   -3.05592  -6.95991  1.000 27.57303 ? 410 HOH A O   1 
HETATM 787 O O   . HOH B 2 .   ? 10.18634  2.19195   -7.90706  1.000 38.77772 ? 411 HOH A O   1 
HETATM 788 O O   . HOH B 2 .   ? 7.37199   -0.63400  -8.98868  1.000 44.14520 ? 412 HOH A O   1 
HETATM 789 O O   . HOH B 2 .   ? -4.57190  -2.63758  7.71162   0.50  33.48298 ? 413 HOH A O   1 
HETATM 790 O O   . HOH B 2 .   ? 2.31103   9.18529   -3.74235  1.000 39.35624 ? 414 HOH A O   1 
HETATM 791 O O   . HOH B 2 .   ? 7.63356   -11.17607 2.73403   1.000 39.77003 ? 415 HOH A O   1 
HETATM 792 O O   . HOH B 2 .   ? 18.91058  -8.60287  2.60199   1.000 46.53091 ? 416 HOH A O   1 
HETATM 793 O O   . HOH B 2 .   ? 14.37002  -5.97673  5.91027   1.000 45.85097 ? 417 HOH A O   1 
HETATM 794 O O   . HOH B 2 .   ? 6.09621   -7.57149  -7.94817  1.000 35.36715 ? 418 HOH A O   1 
HETATM 795 O O   . HOH B 2 .   ? -8.82324  -6.07484  -9.75982  1.000 64.18835 ? 419 HOH A O   1 
HETATM 796 O O   . HOH B 2 .   ? 13.11047  -11.86233 -0.55246  1.000 39.42328 ? 420 HOH A O   1 
HETATM 797 O O   . HOH B 2 .   ? -6.00401  -6.45504  -9.84703  1.000 56.49660 ? 421 HOH A O   1 
HETATM 798 O O   . HOH B 2 .   ? 11.83346  2.76885   -4.20494  1.000 46.37770 ? 422 HOH A O   1 
HETATM 799 O O   . HOH B 2 .   ? 7.60723   5.17846   -2.26172  1.000 35.56708 ? 423 HOH A O   1 
HETATM 800 O O   . HOH B 2 .   ? -5.95311  -6.45933  -1.95946  1.000 39.29355 ? 424 HOH A O   1 
HETATM 801 O O   . HOH B 2 .   ? -0.25539  14.63669  -1.14461  1.000 46.67447 ? 425 HOH A O   1 
HETATM 802 O O   . HOH B 2 .   ? 2.43811   8.99502   12.68340  1.000 48.87137 ? 426 HOH A O   1 
HETATM 803 O O   . HOH B 2 .   ? 2.88384   -2.52977  9.29787   1.000 35.81676 ? 427 HOH A O   1 
HETATM 804 O O   . HOH B 2 .   ? 5.07507   4.45950   9.21249   1.000 36.81526 ? 428 HOH A O   1 
HETATM 805 O O   . HOH B 2 .   ? -10.70526 -4.92310  -7.34182  1.000 56.74067 ? 429 HOH A O   1 
HETATM 806 O O   . HOH B 2 .   ? 15.31778  -17.10054 -6.78182  1.000 44.00128 ? 430 HOH A O   1 
HETATM 807 O O   . HOH B 2 .   ? -4.90367  8.10067   13.27156  1.000 40.50414 ? 431 HOH A O   1 
HETATM 808 O O   . HOH B 2 .   ? 2.13357   -13.25750 -10.85288 1.000 45.54771 ? 432 HOH A O   1 
HETATM 809 O O   . HOH B 2 .   ? 10.25806  -6.25178  7.64922   1.000 29.17240 ? 433 HOH A O   1 
HETATM 810 O O   . HOH B 2 .   ? 12.36905  0.75675   -2.24030  1.000 25.38470 ? 434 HOH A O   1 
HETATM 811 O O   . HOH B 2 .   ? 11.54198  -9.94613  -13.27004 1.000 35.47000 ? 435 HOH A O   1 
HETATM 812 O O   . HOH B 2 .   ? -6.01445  15.32135  -2.83929  1.000 61.56704 ? 436 HOH A O   1 
HETATM 813 O O   . HOH B 2 .   ? 11.54271  1.86728   5.47323   1.000 42.21469 ? 437 HOH A O   1 
HETATM 814 O O   . HOH B 2 .   ? 4.61531   -10.30073 5.00454   1.000 38.02144 ? 438 HOH A O   1 
HETATM 815 O O   . HOH B 2 .   ? 5.66052   -1.26486  9.90146   1.000 48.84975 ? 439 HOH A O   1 
HETATM 816 O O   . HOH B 2 .   ? 16.89384  -10.52224 1.65370   1.000 34.55621 ? 440 HOH A O   1 
HETATM 817 O O   . HOH B 2 .   ? 13.43449  -14.86985 -7.41748  1.000 46.19015 ? 441 HOH A O   1 
HETATM 818 O O   . HOH B 2 .   ? -12.70311 10.25087  7.75963   1.000 50.30726 ? 442 HOH A O   1 
HETATM 819 O O   . HOH B 2 .   ? -6.79758  -2.91625  6.54880   0.50  32.29577 ? 443 HOH A O   1 
HETATM 820 O O   . HOH B 2 .   ? 10.01769  5.07276   -3.00188  1.000 48.22882 ? 444 HOH A O   1 
HETATM 821 O O   . HOH B 2 .   ? 5.09354   -4.92602  -8.56558  1.000 42.06339 ? 445 HOH A O   1 
# 
